data_1CXX
# 
_entry.id   1CXX 
# 
_audit_conform.dict_name       mmcif_pdbx.dic 
_audit_conform.dict_version    5.392 
_audit_conform.dict_location   http://mmcif.pdb.org/dictionaries/ascii/mmcif_pdbx.dic 
# 
loop_
_database_2.database_id 
_database_2.database_code 
_database_2.pdbx_database_accession 
_database_2.pdbx_DOI 
PDB   1CXX         pdb_00001cxx 10.2210/pdb1cxx/pdb 
RCSB  RCSB009615   ?            ?                   
WWPDB D_1000009615 ?            ?                   
# 
loop_
_pdbx_audit_revision_history.ordinal 
_pdbx_audit_revision_history.data_content_type 
_pdbx_audit_revision_history.major_revision 
_pdbx_audit_revision_history.minor_revision 
_pdbx_audit_revision_history.revision_date 
1 'Structure model' 1 0 1999-09-08 
2 'Structure model' 1 1 2008-04-27 
3 'Structure model' 1 2 2011-07-13 
4 'Structure model' 1 3 2021-11-03 
5 'Structure model' 1 4 2024-05-22 
# 
_pdbx_audit_revision_details.ordinal             1 
_pdbx_audit_revision_details.revision_ordinal    1 
_pdbx_audit_revision_details.data_content_type   'Structure model' 
_pdbx_audit_revision_details.provider            repository 
_pdbx_audit_revision_details.type                'Initial release' 
_pdbx_audit_revision_details.description         ? 
_pdbx_audit_revision_details.details             ? 
# 
loop_
_pdbx_audit_revision_group.ordinal 
_pdbx_audit_revision_group.revision_ordinal 
_pdbx_audit_revision_group.data_content_type 
_pdbx_audit_revision_group.group 
1 2 'Structure model' 'Version format compliance' 
2 3 'Structure model' 'Version format compliance' 
3 4 'Structure model' 'Data collection'           
4 4 'Structure model' 'Database references'       
5 4 'Structure model' 'Derived calculations'      
6 5 'Structure model' 'Data collection'           
# 
loop_
_pdbx_audit_revision_category.ordinal 
_pdbx_audit_revision_category.revision_ordinal 
_pdbx_audit_revision_category.data_content_type 
_pdbx_audit_revision_category.category 
1  4 'Structure model' database_2             
2  4 'Structure model' pdbx_nmr_software      
3  4 'Structure model' pdbx_struct_assembly   
4  4 'Structure model' pdbx_struct_conn_angle 
5  4 'Structure model' pdbx_struct_oper_list  
6  4 'Structure model' struct_conn            
7  4 'Structure model' struct_ref_seq_dif     
8  4 'Structure model' struct_site            
9  5 'Structure model' chem_comp_atom         
10 5 'Structure model' chem_comp_bond         
# 
loop_
_pdbx_audit_revision_item.ordinal 
_pdbx_audit_revision_item.revision_ordinal 
_pdbx_audit_revision_item.data_content_type 
_pdbx_audit_revision_item.item 
1  4 'Structure model' '_database_2.pdbx_DOI'                       
2  4 'Structure model' '_database_2.pdbx_database_accession'        
3  4 'Structure model' '_pdbx_nmr_software.name'                    
4  4 'Structure model' '_pdbx_struct_conn_angle.ptnr1_auth_seq_id'  
5  4 'Structure model' '_pdbx_struct_conn_angle.ptnr1_label_seq_id' 
6  4 'Structure model' '_pdbx_struct_conn_angle.ptnr3_auth_seq_id'  
7  4 'Structure model' '_pdbx_struct_conn_angle.ptnr3_label_seq_id' 
8  4 'Structure model' '_pdbx_struct_conn_angle.value'              
9  4 'Structure model' '_struct_conn.pdbx_dist_value'               
10 4 'Structure model' '_struct_conn.ptnr2_auth_seq_id'             
11 4 'Structure model' '_struct_conn.ptnr2_label_seq_id'            
12 4 'Structure model' '_struct_ref_seq_dif.details'                
13 4 'Structure model' '_struct_site.pdbx_auth_asym_id'             
14 4 'Structure model' '_struct_site.pdbx_auth_comp_id'             
15 4 'Structure model' '_struct_site.pdbx_auth_seq_id'              
# 
_pdbx_database_status.status_code                     REL 
_pdbx_database_status.entry_id                        1CXX 
_pdbx_database_status.recvd_initial_deposition_date   1999-08-31 
_pdbx_database_status.deposit_site                    RCSB 
_pdbx_database_status.process_site                    RCSB 
_pdbx_database_status.SG_entry                        . 
_pdbx_database_status.pdb_format_compatible           Y 
_pdbx_database_status.status_code_mr                  ? 
_pdbx_database_status.status_code_sf                  ? 
_pdbx_database_status.status_code_cs                  ? 
_pdbx_database_status.status_code_nmr_data            ? 
_pdbx_database_status.methods_development_category    ? 
# 
_pdbx_database_related.db_name        PDB 
_pdbx_database_related.db_id          1QLI 
_pdbx_database_related.details        'RELATED WILD-TYPE PEPTIDE: CARBOXYLTERMINAL LIM DOMAIN OF QCRP2' 
_pdbx_database_related.content_type   unspecified 
# 
loop_
_audit_author.name 
_audit_author.pdbx_ordinal 
'Kloiber, K.'     1 
'Weiskirchen, R.' 2 
'Kraeutler, B.'   3 
'Bister, K.'      4 
'Konrat, R.'      5 
# 
_citation.id                        primary 
_citation.title                     
;Mutational analysis and NMR spectroscopy of quail cysteine and glycine-rich protein CRP2 reveal an intrinsic segmental flexibility of LIM domains.
;
_citation.journal_abbrev            J.Mol.Biol. 
_citation.journal_volume            292 
_citation.page_first                893 
_citation.page_last                 908 
_citation.year                      1999 
_citation.journal_id_ASTM           JMOBAK 
_citation.country                   UK 
_citation.journal_id_ISSN           0022-2836 
_citation.journal_id_CSD            0070 
_citation.book_publisher            ? 
_citation.pdbx_database_id_PubMed   10525413 
_citation.pdbx_database_id_DOI      10.1006/jmbi.1999.3118 
# 
loop_
_citation_author.citation_id 
_citation_author.name 
_citation_author.ordinal 
_citation_author.identifier_ORCID 
primary 'Kloiber, K.'     1 ? 
primary 'Weiskirchen, R.' 2 ? 
primary 'Krautler, B.'    3 ? 
primary 'Bister, K.'      4 ? 
primary 'Konrat, R.'      5 ? 
# 
loop_
_entity.id 
_entity.type 
_entity.src_method 
_entity.pdbx_description 
_entity.formula_weight 
_entity.pdbx_number_of_molecules 
_entity.pdbx_ec 
_entity.pdbx_mutation 
_entity.pdbx_fragment 
_entity.details 
1 polymer     man 'CYSTEINE AND GLYCINE-RICH PROTEIN CRP2' 12039.655 1 ? R122A 'CARBOXYL-TERMINAL LIM-DOMAIN' ? 
2 non-polymer syn 'ZINC ION'                               65.409    2 ? ?     ?                              ? 
# 
_entity_poly.entity_id                      1 
_entity_poly.type                           'polypeptide(L)' 
_entity_poly.nstd_linkage                   no 
_entity_poly.nstd_monomer                   no 
_entity_poly.pdbx_seq_one_letter_code       
;MDRGERLGIKPESSPSPHRPTTNPNTSKFAQKFGGAEKCSACGDSVYAAEKVIGAGKPWHKNCFRCAKCGKSLESTTLTE
KEGEIYCKGCYAKNFGPKGFGYGQGAGALVHAQ
;
_entity_poly.pdbx_seq_one_letter_code_can   
;MDRGERLGIKPESSPSPHRPTTNPNTSKFAQKFGGAEKCSACGDSVYAAEKVIGAGKPWHKNCFRCAKCGKSLESTTLTE
KEGEIYCKGCYAKNFGPKGFGYGQGAGALVHAQ
;
_entity_poly.pdbx_strand_id                 A 
_entity_poly.pdbx_target_identifier         ? 
# 
_pdbx_entity_nonpoly.entity_id   2 
_pdbx_entity_nonpoly.name        'ZINC ION' 
_pdbx_entity_nonpoly.comp_id     ZN 
# 
loop_
_entity_poly_seq.entity_id 
_entity_poly_seq.num 
_entity_poly_seq.mon_id 
_entity_poly_seq.hetero 
1 1   MET n 
1 2   ASP n 
1 3   ARG n 
1 4   GLY n 
1 5   GLU n 
1 6   ARG n 
1 7   LEU n 
1 8   GLY n 
1 9   ILE n 
1 10  LYS n 
1 11  PRO n 
1 12  GLU n 
1 13  SER n 
1 14  SER n 
1 15  PRO n 
1 16  SER n 
1 17  PRO n 
1 18  HIS n 
1 19  ARG n 
1 20  PRO n 
1 21  THR n 
1 22  THR n 
1 23  ASN n 
1 24  PRO n 
1 25  ASN n 
1 26  THR n 
1 27  SER n 
1 28  LYS n 
1 29  PHE n 
1 30  ALA n 
1 31  GLN n 
1 32  LYS n 
1 33  PHE n 
1 34  GLY n 
1 35  GLY n 
1 36  ALA n 
1 37  GLU n 
1 38  LYS n 
1 39  CYS n 
1 40  SER n 
1 41  ALA n 
1 42  CYS n 
1 43  GLY n 
1 44  ASP n 
1 45  SER n 
1 46  VAL n 
1 47  TYR n 
1 48  ALA n 
1 49  ALA n 
1 50  GLU n 
1 51  LYS n 
1 52  VAL n 
1 53  ILE n 
1 54  GLY n 
1 55  ALA n 
1 56  GLY n 
1 57  LYS n 
1 58  PRO n 
1 59  TRP n 
1 60  HIS n 
1 61  LYS n 
1 62  ASN n 
1 63  CYS n 
1 64  PHE n 
1 65  ARG n 
1 66  CYS n 
1 67  ALA n 
1 68  LYS n 
1 69  CYS n 
1 70  GLY n 
1 71  LYS n 
1 72  SER n 
1 73  LEU n 
1 74  GLU n 
1 75  SER n 
1 76  THR n 
1 77  THR n 
1 78  LEU n 
1 79  THR n 
1 80  GLU n 
1 81  LYS n 
1 82  GLU n 
1 83  GLY n 
1 84  GLU n 
1 85  ILE n 
1 86  TYR n 
1 87  CYS n 
1 88  LYS n 
1 89  GLY n 
1 90  CYS n 
1 91  TYR n 
1 92  ALA n 
1 93  LYS n 
1 94  ASN n 
1 95  PHE n 
1 96  GLY n 
1 97  PRO n 
1 98  LYS n 
1 99  GLY n 
1 100 PHE n 
1 101 GLY n 
1 102 TYR n 
1 103 GLY n 
1 104 GLN n 
1 105 GLY n 
1 106 ALA n 
1 107 GLY n 
1 108 ALA n 
1 109 LEU n 
1 110 VAL n 
1 111 HIS n 
1 112 ALA n 
1 113 GLN n 
# 
_entity_src_gen.entity_id                          1 
_entity_src_gen.pdbx_src_id                        1 
_entity_src_gen.pdbx_alt_source_flag               sample 
_entity_src_gen.pdbx_seq_type                      ? 
_entity_src_gen.pdbx_beg_seq_num                   ? 
_entity_src_gen.pdbx_end_seq_num                   ? 
_entity_src_gen.gene_src_common_name               'Japanese quail' 
_entity_src_gen.gene_src_genus                     Coturnix 
_entity_src_gen.pdbx_gene_src_gene                 ? 
_entity_src_gen.gene_src_species                   ? 
_entity_src_gen.gene_src_strain                    ? 
_entity_src_gen.gene_src_tissue                    ? 
_entity_src_gen.gene_src_tissue_fraction           ? 
_entity_src_gen.gene_src_details                   ? 
_entity_src_gen.pdbx_gene_src_fragment             ? 
_entity_src_gen.pdbx_gene_src_scientific_name      'Coturnix japonica' 
_entity_src_gen.pdbx_gene_src_ncbi_taxonomy_id     93934 
_entity_src_gen.pdbx_gene_src_variant              ? 
_entity_src_gen.pdbx_gene_src_cell_line            ? 
_entity_src_gen.pdbx_gene_src_atcc                 ? 
_entity_src_gen.pdbx_gene_src_organ                ? 
_entity_src_gen.pdbx_gene_src_organelle            ? 
_entity_src_gen.pdbx_gene_src_cell                 FIBROBLAST 
_entity_src_gen.pdbx_gene_src_cellular_location    ? 
_entity_src_gen.host_org_common_name               ? 
_entity_src_gen.pdbx_host_org_scientific_name      'Escherichia coli' 
_entity_src_gen.pdbx_host_org_ncbi_taxonomy_id     562 
_entity_src_gen.host_org_genus                     Escherichia 
_entity_src_gen.pdbx_host_org_gene                 ? 
_entity_src_gen.pdbx_host_org_organ                ? 
_entity_src_gen.host_org_species                   ? 
_entity_src_gen.pdbx_host_org_tissue               ? 
_entity_src_gen.pdbx_host_org_tissue_fraction      ? 
_entity_src_gen.pdbx_host_org_strain               ? 
_entity_src_gen.pdbx_host_org_variant              ? 
_entity_src_gen.pdbx_host_org_cell_line            ? 
_entity_src_gen.pdbx_host_org_atcc                 ? 
_entity_src_gen.pdbx_host_org_culture_collection   ? 
_entity_src_gen.pdbx_host_org_cell                 ? 
_entity_src_gen.pdbx_host_org_organelle            ? 
_entity_src_gen.pdbx_host_org_cellular_location    ? 
_entity_src_gen.pdbx_host_org_vector_type          ? 
_entity_src_gen.pdbx_host_org_vector               ? 
_entity_src_gen.host_org_details                   ? 
_entity_src_gen.expression_system_id               ? 
_entity_src_gen.plasmid_name                       PET3D 
_entity_src_gen.plasmid_details                    ? 
_entity_src_gen.pdbx_description                   ? 
# 
loop_
_chem_comp.id 
_chem_comp.type 
_chem_comp.mon_nstd_flag 
_chem_comp.name 
_chem_comp.pdbx_synonyms 
_chem_comp.formula 
_chem_comp.formula_weight 
ALA 'L-peptide linking' y ALANINE         ? 'C3 H7 N O2'     89.093  
ARG 'L-peptide linking' y ARGININE        ? 'C6 H15 N4 O2 1' 175.209 
ASN 'L-peptide linking' y ASPARAGINE      ? 'C4 H8 N2 O3'    132.118 
ASP 'L-peptide linking' y 'ASPARTIC ACID' ? 'C4 H7 N O4'     133.103 
CYS 'L-peptide linking' y CYSTEINE        ? 'C3 H7 N O2 S'   121.158 
GLN 'L-peptide linking' y GLUTAMINE       ? 'C5 H10 N2 O3'   146.144 
GLU 'L-peptide linking' y 'GLUTAMIC ACID' ? 'C5 H9 N O4'     147.129 
GLY 'peptide linking'   y GLYCINE         ? 'C2 H5 N O2'     75.067  
HIS 'L-peptide linking' y HISTIDINE       ? 'C6 H10 N3 O2 1' 156.162 
ILE 'L-peptide linking' y ISOLEUCINE      ? 'C6 H13 N O2'    131.173 
LEU 'L-peptide linking' y LEUCINE         ? 'C6 H13 N O2'    131.173 
LYS 'L-peptide linking' y LYSINE          ? 'C6 H15 N2 O2 1' 147.195 
MET 'L-peptide linking' y METHIONINE      ? 'C5 H11 N O2 S'  149.211 
PHE 'L-peptide linking' y PHENYLALANINE   ? 'C9 H11 N O2'    165.189 
PRO 'L-peptide linking' y PROLINE         ? 'C5 H9 N O2'     115.130 
SER 'L-peptide linking' y SERINE          ? 'C3 H7 N O3'     105.093 
THR 'L-peptide linking' y THREONINE       ? 'C4 H9 N O3'     119.119 
TRP 'L-peptide linking' y TRYPTOPHAN      ? 'C11 H12 N2 O2'  204.225 
TYR 'L-peptide linking' y TYROSINE        ? 'C9 H11 N O3'    181.189 
VAL 'L-peptide linking' y VALINE          ? 'C5 H11 N O2'    117.146 
ZN  non-polymer         . 'ZINC ION'      ? 'Zn 2'           65.409  
# 
loop_
_pdbx_poly_seq_scheme.asym_id 
_pdbx_poly_seq_scheme.entity_id 
_pdbx_poly_seq_scheme.seq_id 
_pdbx_poly_seq_scheme.mon_id 
_pdbx_poly_seq_scheme.ndb_seq_num 
_pdbx_poly_seq_scheme.pdb_seq_num 
_pdbx_poly_seq_scheme.auth_seq_num 
_pdbx_poly_seq_scheme.pdb_mon_id 
_pdbx_poly_seq_scheme.auth_mon_id 
_pdbx_poly_seq_scheme.pdb_strand_id 
_pdbx_poly_seq_scheme.pdb_ins_code 
_pdbx_poly_seq_scheme.hetero 
A 1 1   MET 1   82  ?   ?   ?   A . n 
A 1 2   ASP 2   83  ?   ?   ?   A . n 
A 1 3   ARG 3   84  ?   ?   ?   A . n 
A 1 4   GLY 4   85  ?   ?   ?   A . n 
A 1 5   GLU 5   86  ?   ?   ?   A . n 
A 1 6   ARG 6   87  ?   ?   ?   A . n 
A 1 7   LEU 7   88  ?   ?   ?   A . n 
A 1 8   GLY 8   89  ?   ?   ?   A . n 
A 1 9   ILE 9   90  ?   ?   ?   A . n 
A 1 10  LYS 10  91  ?   ?   ?   A . n 
A 1 11  PRO 11  92  ?   ?   ?   A . n 
A 1 12  GLU 12  93  ?   ?   ?   A . n 
A 1 13  SER 13  94  ?   ?   ?   A . n 
A 1 14  SER 14  95  ?   ?   ?   A . n 
A 1 15  PRO 15  96  ?   ?   ?   A . n 
A 1 16  SER 16  97  ?   ?   ?   A . n 
A 1 17  PRO 17  98  ?   ?   ?   A . n 
A 1 18  HIS 18  99  ?   ?   ?   A . n 
A 1 19  ARG 19  100 ?   ?   ?   A . n 
A 1 20  PRO 20  101 ?   ?   ?   A . n 
A 1 21  THR 21  102 ?   ?   ?   A . n 
A 1 22  THR 22  103 ?   ?   ?   A . n 
A 1 23  ASN 23  104 ?   ?   ?   A . n 
A 1 24  PRO 24  105 ?   ?   ?   A . n 
A 1 25  ASN 25  106 ?   ?   ?   A . n 
A 1 26  THR 26  107 ?   ?   ?   A . n 
A 1 27  SER 27  108 ?   ?   ?   A . n 
A 1 28  LYS 28  109 ?   ?   ?   A . n 
A 1 29  PHE 29  110 ?   ?   ?   A . n 
A 1 30  ALA 30  111 ?   ?   ?   A . n 
A 1 31  GLN 31  112 ?   ?   ?   A . n 
A 1 32  LYS 32  113 ?   ?   ?   A . n 
A 1 33  PHE 33  114 ?   ?   ?   A . n 
A 1 34  GLY 34  115 ?   ?   ?   A . n 
A 1 35  GLY 35  116 ?   ?   ?   A . n 
A 1 36  ALA 36  117 117 ALA ALA A . n 
A 1 37  GLU 37  118 118 GLU GLU A . n 
A 1 38  LYS 38  119 119 LYS LYS A . n 
A 1 39  CYS 39  120 120 CYS CYS A . n 
A 1 40  SER 40  121 121 SER SER A . n 
A 1 41  ALA 41  122 122 ALA ALA A . n 
A 1 42  CYS 42  123 123 CYS CYS A . n 
A 1 43  GLY 43  124 124 GLY GLY A . n 
A 1 44  ASP 44  125 125 ASP ASP A . n 
A 1 45  SER 45  126 126 SER SER A . n 
A 1 46  VAL 46  127 127 VAL VAL A . n 
A 1 47  TYR 47  128 128 TYR TYR A . n 
A 1 48  ALA 48  129 129 ALA ALA A . n 
A 1 49  ALA 49  130 130 ALA ALA A . n 
A 1 50  GLU 50  131 131 GLU GLU A . n 
A 1 51  LYS 51  132 132 LYS LYS A . n 
A 1 52  VAL 52  133 133 VAL VAL A . n 
A 1 53  ILE 53  134 134 ILE ILE A . n 
A 1 54  GLY 54  135 135 GLY GLY A . n 
A 1 55  ALA 55  136 136 ALA ALA A . n 
A 1 56  GLY 56  137 137 GLY GLY A . n 
A 1 57  LYS 57  138 138 LYS LYS A . n 
A 1 58  PRO 58  139 139 PRO PRO A . n 
A 1 59  TRP 59  140 140 TRP TRP A . n 
A 1 60  HIS 60  141 141 HIS HIS A . n 
A 1 61  LYS 61  142 142 LYS LYS A . n 
A 1 62  ASN 62  143 143 ASN ASN A . n 
A 1 63  CYS 63  144 144 CYS CYS A . n 
A 1 64  PHE 64  145 145 PHE PHE A . n 
A 1 65  ARG 65  146 146 ARG ARG A . n 
A 1 66  CYS 66  147 147 CYS CYS A . n 
A 1 67  ALA 67  148 148 ALA ALA A . n 
A 1 68  LYS 68  149 149 LYS LYS A . n 
A 1 69  CYS 69  150 150 CYS CYS A . n 
A 1 70  GLY 70  151 151 GLY GLY A . n 
A 1 71  LYS 71  152 152 LYS LYS A . n 
A 1 72  SER 72  153 153 SER SER A . n 
A 1 73  LEU 73  154 154 LEU LEU A . n 
A 1 74  GLU 74  155 155 GLU GLU A . n 
A 1 75  SER 75  156 156 SER SER A . n 
A 1 76  THR 76  157 157 THR THR A . n 
A 1 77  THR 77  158 158 THR THR A . n 
A 1 78  LEU 78  159 159 LEU LEU A . n 
A 1 79  THR 79  160 160 THR THR A . n 
A 1 80  GLU 80  161 161 GLU GLU A . n 
A 1 81  LYS 81  162 162 LYS LYS A . n 
A 1 82  GLU 82  163 163 GLU GLU A . n 
A 1 83  GLY 83  164 164 GLY GLY A . n 
A 1 84  GLU 84  165 165 GLU GLU A . n 
A 1 85  ILE 85  166 166 ILE ILE A . n 
A 1 86  TYR 86  167 167 TYR TYR A . n 
A 1 87  CYS 87  168 168 CYS CYS A . n 
A 1 88  LYS 88  169 169 LYS LYS A . n 
A 1 89  GLY 89  170 170 GLY GLY A . n 
A 1 90  CYS 90  171 171 CYS CYS A . n 
A 1 91  TYR 91  172 172 TYR TYR A . n 
A 1 92  ALA 92  173 173 ALA ALA A . n 
A 1 93  LYS 93  174 174 LYS LYS A . n 
A 1 94  ASN 94  175 175 ASN ASN A . n 
A 1 95  PHE 95  176 ?   ?   ?   A . n 
A 1 96  GLY 96  177 ?   ?   ?   A . n 
A 1 97  PRO 97  178 ?   ?   ?   A . n 
A 1 98  LYS 98  179 ?   ?   ?   A . n 
A 1 99  GLY 99  180 ?   ?   ?   A . n 
A 1 100 PHE 100 181 ?   ?   ?   A . n 
A 1 101 GLY 101 182 ?   ?   ?   A . n 
A 1 102 TYR 102 183 ?   ?   ?   A . n 
A 1 103 GLY 103 184 ?   ?   ?   A . n 
A 1 104 GLN 104 185 ?   ?   ?   A . n 
A 1 105 GLY 105 186 ?   ?   ?   A . n 
A 1 106 ALA 106 187 ?   ?   ?   A . n 
A 1 107 GLY 107 188 ?   ?   ?   A . n 
A 1 108 ALA 108 189 ?   ?   ?   A . n 
A 1 109 LEU 109 190 ?   ?   ?   A . n 
A 1 110 VAL 110 191 ?   ?   ?   A . n 
A 1 111 HIS 111 192 ?   ?   ?   A . n 
A 1 112 ALA 112 193 ?   ?   ?   A . n 
A 1 113 GLN 113 194 ?   ?   ?   A . n 
# 
loop_
_pdbx_nonpoly_scheme.asym_id 
_pdbx_nonpoly_scheme.entity_id 
_pdbx_nonpoly_scheme.mon_id 
_pdbx_nonpoly_scheme.ndb_seq_num 
_pdbx_nonpoly_scheme.pdb_seq_num 
_pdbx_nonpoly_scheme.auth_seq_num 
_pdbx_nonpoly_scheme.pdb_mon_id 
_pdbx_nonpoly_scheme.auth_mon_id 
_pdbx_nonpoly_scheme.pdb_strand_id 
_pdbx_nonpoly_scheme.pdb_ins_code 
B 2 ZN 1 1 1 ZN ZN1 A . 
C 2 ZN 1 2 2 ZN ZN1 A . 
# 
_cell.entry_id           1CXX 
_cell.length_a           1.000 
_cell.length_b           1.000 
_cell.length_c           1.000 
_cell.angle_alpha        90.00 
_cell.angle_beta         90.00 
_cell.angle_gamma        90.00 
_cell.Z_PDB              1 
_cell.pdbx_unique_axis   ? 
# 
_symmetry.entry_id                         1CXX 
_symmetry.space_group_name_H-M             'P 1' 
_symmetry.pdbx_full_space_group_name_H-M   ? 
_symmetry.cell_setting                     ? 
_symmetry.Int_Tables_number                1 
# 
_exptl.entry_id          1CXX 
_exptl.method            'SOLUTION NMR' 
_exptl.crystals_number   ? 
# 
_struct.entry_id                  1CXX 
_struct.title                     'MUTANT R122A OF QUAIL CYSTEINE AND GLYCINE-RICH PROTEIN, NMR, MINIMIZED STRUCTURE' 
_struct.pdbx_model_details        ? 
_struct.pdbx_CASP_flag            ? 
_struct.pdbx_model_type_details   ? 
# 
_struct_keywords.entry_id        1CXX 
_struct_keywords.pdbx_keywords   'SIGNALING PROTEIN' 
_struct_keywords.text            'LIM DOMAIN CONTAINING PROTEINS, METAL-BINDING PROTEIN, SIGNALING PROTEIN' 
# 
loop_
_struct_asym.id 
_struct_asym.pdbx_blank_PDB_chainid_flag 
_struct_asym.pdbx_modified 
_struct_asym.entity_id 
_struct_asym.details 
A N N 1 ? 
B N N 2 ? 
C N N 2 ? 
# 
_struct_ref.id                         1 
_struct_ref.db_name                    UNP 
_struct_ref.db_code                    CSRP2_COTJA 
_struct_ref.entity_id                  1 
_struct_ref.pdbx_db_accession          Q05158 
_struct_ref.pdbx_align_begin           ? 
_struct_ref.pdbx_seq_one_letter_code   ? 
_struct_ref.pdbx_db_isoform            ? 
# 
_struct_ref_seq.align_id                      1 
_struct_ref_seq.ref_id                        1 
_struct_ref_seq.pdbx_PDB_id_code              1CXX 
_struct_ref_seq.pdbx_strand_id                A 
_struct_ref_seq.seq_align_beg                 1 
_struct_ref_seq.pdbx_seq_align_beg_ins_code   ? 
_struct_ref_seq.seq_align_end                 113 
_struct_ref_seq.pdbx_seq_align_end_ins_code   ? 
_struct_ref_seq.pdbx_db_accession             Q05158 
_struct_ref_seq.db_align_beg                  82 
_struct_ref_seq.pdbx_db_align_beg_ins_code    ? 
_struct_ref_seq.db_align_end                  194 
_struct_ref_seq.pdbx_db_align_end_ins_code    ? 
_struct_ref_seq.pdbx_auth_seq_align_beg       82 
_struct_ref_seq.pdbx_auth_seq_align_end       194 
# 
_struct_ref_seq_dif.align_id                     1 
_struct_ref_seq_dif.pdbx_pdb_id_code             1CXX 
_struct_ref_seq_dif.mon_id                       ALA 
_struct_ref_seq_dif.pdbx_pdb_strand_id           A 
_struct_ref_seq_dif.seq_num                      41 
_struct_ref_seq_dif.pdbx_pdb_ins_code            ? 
_struct_ref_seq_dif.pdbx_seq_db_name             UNP 
_struct_ref_seq_dif.pdbx_seq_db_accession_code   Q05158 
_struct_ref_seq_dif.db_mon_id                    ARG 
_struct_ref_seq_dif.pdbx_seq_db_seq_num          122 
_struct_ref_seq_dif.details                      'engineered mutation' 
_struct_ref_seq_dif.pdbx_auth_seq_num            122 
_struct_ref_seq_dif.pdbx_ordinal                 1 
# 
_pdbx_struct_assembly.id                   1 
_pdbx_struct_assembly.details              author_defined_assembly 
_pdbx_struct_assembly.method_details       ? 
_pdbx_struct_assembly.oligomeric_details   monomeric 
_pdbx_struct_assembly.oligomeric_count     1 
# 
_pdbx_struct_assembly_gen.assembly_id       1 
_pdbx_struct_assembly_gen.oper_expression   1 
_pdbx_struct_assembly_gen.asym_id_list      A,B,C 
# 
_pdbx_struct_oper_list.id                   1 
_pdbx_struct_oper_list.type                 'identity operation' 
_pdbx_struct_oper_list.name                 1_555 
_pdbx_struct_oper_list.symmetry_operation   ? 
_pdbx_struct_oper_list.matrix[1][1]         1.0000000000 
_pdbx_struct_oper_list.matrix[1][2]         0.0000000000 
_pdbx_struct_oper_list.matrix[1][3]         0.0000000000 
_pdbx_struct_oper_list.vector[1]            0.0000000000 
_pdbx_struct_oper_list.matrix[2][1]         0.0000000000 
_pdbx_struct_oper_list.matrix[2][2]         1.0000000000 
_pdbx_struct_oper_list.matrix[2][3]         0.0000000000 
_pdbx_struct_oper_list.vector[2]            0.0000000000 
_pdbx_struct_oper_list.matrix[3][1]         0.0000000000 
_pdbx_struct_oper_list.matrix[3][2]         0.0000000000 
_pdbx_struct_oper_list.matrix[3][3]         1.0000000000 
_pdbx_struct_oper_list.vector[3]            0.0000000000 
# 
_struct_biol.id   1 
# 
_struct_conf.conf_type_id            HELX_P 
_struct_conf.id                      HELX_P1 
_struct_conf.pdbx_PDB_helix_id       1 
_struct_conf.beg_label_comp_id       CYS 
_struct_conf.beg_label_asym_id       A 
_struct_conf.beg_label_seq_id        87 
_struct_conf.pdbx_beg_PDB_ins_code   ? 
_struct_conf.end_label_comp_id       ASN 
_struct_conf.end_label_asym_id       A 
_struct_conf.end_label_seq_id        94 
_struct_conf.pdbx_end_PDB_ins_code   ? 
_struct_conf.beg_auth_comp_id        CYS 
_struct_conf.beg_auth_asym_id        A 
_struct_conf.beg_auth_seq_id         168 
_struct_conf.end_auth_comp_id        ASN 
_struct_conf.end_auth_asym_id        A 
_struct_conf.end_auth_seq_id         175 
_struct_conf.pdbx_PDB_helix_class    1 
_struct_conf.details                 ? 
_struct_conf.pdbx_PDB_helix_length   8 
# 
_struct_conf_type.id          HELX_P 
_struct_conf_type.criteria    ? 
_struct_conf_type.reference   ? 
# 
loop_
_struct_conn.id 
_struct_conn.conn_type_id 
_struct_conn.pdbx_leaving_atom_flag 
_struct_conn.pdbx_PDB_id 
_struct_conn.ptnr1_label_asym_id 
_struct_conn.ptnr1_label_comp_id 
_struct_conn.ptnr1_label_seq_id 
_struct_conn.ptnr1_label_atom_id 
_struct_conn.pdbx_ptnr1_label_alt_id 
_struct_conn.pdbx_ptnr1_PDB_ins_code 
_struct_conn.pdbx_ptnr1_standard_comp_id 
_struct_conn.ptnr1_symmetry 
_struct_conn.ptnr2_label_asym_id 
_struct_conn.ptnr2_label_comp_id 
_struct_conn.ptnr2_label_seq_id 
_struct_conn.ptnr2_label_atom_id 
_struct_conn.pdbx_ptnr2_label_alt_id 
_struct_conn.pdbx_ptnr2_PDB_ins_code 
_struct_conn.ptnr1_auth_asym_id 
_struct_conn.ptnr1_auth_comp_id 
_struct_conn.ptnr1_auth_seq_id 
_struct_conn.ptnr2_auth_asym_id 
_struct_conn.ptnr2_auth_comp_id 
_struct_conn.ptnr2_auth_seq_id 
_struct_conn.ptnr2_symmetry 
_struct_conn.pdbx_ptnr3_label_atom_id 
_struct_conn.pdbx_ptnr3_label_seq_id 
_struct_conn.pdbx_ptnr3_label_comp_id 
_struct_conn.pdbx_ptnr3_label_asym_id 
_struct_conn.pdbx_ptnr3_label_alt_id 
_struct_conn.pdbx_ptnr3_PDB_ins_code 
_struct_conn.details 
_struct_conn.pdbx_dist_value 
_struct_conn.pdbx_value_order 
_struct_conn.pdbx_role 
metalc1 metalc ? ? B ZN . ZN ? ? ? 1_555 A CYS 39 SG  ? ? A ZN 1 A CYS 120 1_555 ? ? ? ? ? ? ? 2.292 ? ? 
metalc2 metalc ? ? B ZN . ZN ? ? ? 1_555 A CYS 42 SG  ? ? A ZN 1 A CYS 123 1_555 ? ? ? ? ? ? ? 2.301 ? ? 
metalc3 metalc ? ? B ZN . ZN ? ? ? 1_555 A HIS 60 ND1 ? ? A ZN 1 A HIS 141 1_555 ? ? ? ? ? ? ? 2.007 ? ? 
metalc4 metalc ? ? B ZN . ZN ? ? ? 1_555 A CYS 63 SG  ? ? A ZN 1 A CYS 144 1_555 ? ? ? ? ? ? ? 2.300 ? ? 
metalc5 metalc ? ? C ZN . ZN ? ? ? 1_555 A CYS 66 SG  ? ? A ZN 2 A CYS 147 1_555 ? ? ? ? ? ? ? 2.296 ? ? 
metalc6 metalc ? ? C ZN . ZN ? ? ? 1_555 A CYS 69 SG  ? ? A ZN 2 A CYS 150 1_555 ? ? ? ? ? ? ? 2.300 ? ? 
metalc7 metalc ? ? C ZN . ZN ? ? ? 1_555 A CYS 87 SG  ? ? A ZN 2 A CYS 168 1_555 ? ? ? ? ? ? ? 2.298 ? ? 
metalc8 metalc ? ? C ZN . ZN ? ? ? 1_555 A CYS 90 SG  ? ? A ZN 2 A CYS 171 1_555 ? ? ? ? ? ? ? 2.292 ? ? 
# 
_struct_conn_type.id          metalc 
_struct_conn_type.criteria    ? 
_struct_conn_type.reference   ? 
# 
loop_
_pdbx_struct_conn_angle.id 
_pdbx_struct_conn_angle.ptnr1_label_atom_id 
_pdbx_struct_conn_angle.ptnr1_label_alt_id 
_pdbx_struct_conn_angle.ptnr1_label_asym_id 
_pdbx_struct_conn_angle.ptnr1_label_comp_id 
_pdbx_struct_conn_angle.ptnr1_label_seq_id 
_pdbx_struct_conn_angle.ptnr1_auth_atom_id 
_pdbx_struct_conn_angle.ptnr1_auth_asym_id 
_pdbx_struct_conn_angle.ptnr1_auth_comp_id 
_pdbx_struct_conn_angle.ptnr1_auth_seq_id 
_pdbx_struct_conn_angle.ptnr1_PDB_ins_code 
_pdbx_struct_conn_angle.ptnr1_symmetry 
_pdbx_struct_conn_angle.ptnr2_label_atom_id 
_pdbx_struct_conn_angle.ptnr2_label_alt_id 
_pdbx_struct_conn_angle.ptnr2_label_asym_id 
_pdbx_struct_conn_angle.ptnr2_label_comp_id 
_pdbx_struct_conn_angle.ptnr2_label_seq_id 
_pdbx_struct_conn_angle.ptnr2_auth_atom_id 
_pdbx_struct_conn_angle.ptnr2_auth_asym_id 
_pdbx_struct_conn_angle.ptnr2_auth_comp_id 
_pdbx_struct_conn_angle.ptnr2_auth_seq_id 
_pdbx_struct_conn_angle.ptnr2_PDB_ins_code 
_pdbx_struct_conn_angle.ptnr2_symmetry 
_pdbx_struct_conn_angle.ptnr3_label_atom_id 
_pdbx_struct_conn_angle.ptnr3_label_alt_id 
_pdbx_struct_conn_angle.ptnr3_label_asym_id 
_pdbx_struct_conn_angle.ptnr3_label_comp_id 
_pdbx_struct_conn_angle.ptnr3_label_seq_id 
_pdbx_struct_conn_angle.ptnr3_auth_atom_id 
_pdbx_struct_conn_angle.ptnr3_auth_asym_id 
_pdbx_struct_conn_angle.ptnr3_auth_comp_id 
_pdbx_struct_conn_angle.ptnr3_auth_seq_id 
_pdbx_struct_conn_angle.ptnr3_PDB_ins_code 
_pdbx_struct_conn_angle.ptnr3_symmetry 
_pdbx_struct_conn_angle.value 
_pdbx_struct_conn_angle.value_esd 
1  SG  ? A CYS 39 ? A CYS 120 ? 1_555 ZN ? B ZN . ? A ZN 1 ? 1_555 SG  ? A CYS 42 ? A CYS 123 ? 1_555 107.4 ? 
2  SG  ? A CYS 39 ? A CYS 120 ? 1_555 ZN ? B ZN . ? A ZN 1 ? 1_555 ND1 ? A HIS 60 ? A HIS 141 ? 1_555 107.1 ? 
3  SG  ? A CYS 42 ? A CYS 123 ? 1_555 ZN ? B ZN . ? A ZN 1 ? 1_555 ND1 ? A HIS 60 ? A HIS 141 ? 1_555 107.6 ? 
4  SG  ? A CYS 39 ? A CYS 120 ? 1_555 ZN ? B ZN . ? A ZN 1 ? 1_555 SG  ? A CYS 63 ? A CYS 144 ? 1_555 111.2 ? 
5  SG  ? A CYS 42 ? A CYS 123 ? 1_555 ZN ? B ZN . ? A ZN 1 ? 1_555 SG  ? A CYS 63 ? A CYS 144 ? 1_555 111.0 ? 
6  ND1 ? A HIS 60 ? A HIS 141 ? 1_555 ZN ? B ZN . ? A ZN 1 ? 1_555 SG  ? A CYS 63 ? A CYS 144 ? 1_555 112.3 ? 
7  SG  ? A CYS 66 ? A CYS 147 ? 1_555 ZN ? C ZN . ? A ZN 2 ? 1_555 SG  ? A CYS 69 ? A CYS 150 ? 1_555 108.6 ? 
8  SG  ? A CYS 66 ? A CYS 147 ? 1_555 ZN ? C ZN . ? A ZN 2 ? 1_555 SG  ? A CYS 87 ? A CYS 168 ? 1_555 110.6 ? 
9  SG  ? A CYS 69 ? A CYS 150 ? 1_555 ZN ? C ZN . ? A ZN 2 ? 1_555 SG  ? A CYS 87 ? A CYS 168 ? 1_555 111.1 ? 
10 SG  ? A CYS 66 ? A CYS 147 ? 1_555 ZN ? C ZN . ? A ZN 2 ? 1_555 SG  ? A CYS 90 ? A CYS 171 ? 1_555 111.9 ? 
11 SG  ? A CYS 69 ? A CYS 150 ? 1_555 ZN ? C ZN . ? A ZN 2 ? 1_555 SG  ? A CYS 90 ? A CYS 171 ? 1_555 109.1 ? 
12 SG  ? A CYS 87 ? A CYS 168 ? 1_555 ZN ? C ZN . ? A ZN 2 ? 1_555 SG  ? A CYS 90 ? A CYS 171 ? 1_555 105.5 ? 
# 
loop_
_struct_sheet.id 
_struct_sheet.type 
_struct_sheet.number_strands 
_struct_sheet.details 
A ? 2 ? 
B ? 2 ? 
# 
loop_
_struct_sheet_order.sheet_id 
_struct_sheet_order.range_id_1 
_struct_sheet_order.range_id_2 
_struct_sheet_order.offset 
_struct_sheet_order.sense 
A 1 2 ? anti-parallel 
B 1 2 ? anti-parallel 
# 
loop_
_struct_sheet_range.sheet_id 
_struct_sheet_range.id 
_struct_sheet_range.beg_label_comp_id 
_struct_sheet_range.beg_label_asym_id 
_struct_sheet_range.beg_label_seq_id 
_struct_sheet_range.pdbx_beg_PDB_ins_code 
_struct_sheet_range.end_label_comp_id 
_struct_sheet_range.end_label_asym_id 
_struct_sheet_range.end_label_seq_id 
_struct_sheet_range.pdbx_end_PDB_ins_code 
_struct_sheet_range.beg_auth_comp_id 
_struct_sheet_range.beg_auth_asym_id 
_struct_sheet_range.beg_auth_seq_id 
_struct_sheet_range.end_auth_comp_id 
_struct_sheet_range.end_auth_asym_id 
_struct_sheet_range.end_auth_seq_id 
A 1 VAL A 52 ? ILE A 53 ? VAL A 133 ILE A 134 
A 2 PRO A 58 ? TRP A 59 ? PRO A 139 TRP A 140 
B 1 GLU A 80 ? LYS A 81 ? GLU A 161 LYS A 162 
B 2 GLU A 84 ? ILE A 85 ? GLU A 165 ILE A 166 
# 
loop_
_pdbx_struct_sheet_hbond.sheet_id 
_pdbx_struct_sheet_hbond.range_id_1 
_pdbx_struct_sheet_hbond.range_id_2 
_pdbx_struct_sheet_hbond.range_1_label_atom_id 
_pdbx_struct_sheet_hbond.range_1_label_comp_id 
_pdbx_struct_sheet_hbond.range_1_label_asym_id 
_pdbx_struct_sheet_hbond.range_1_label_seq_id 
_pdbx_struct_sheet_hbond.range_1_PDB_ins_code 
_pdbx_struct_sheet_hbond.range_1_auth_atom_id 
_pdbx_struct_sheet_hbond.range_1_auth_comp_id 
_pdbx_struct_sheet_hbond.range_1_auth_asym_id 
_pdbx_struct_sheet_hbond.range_1_auth_seq_id 
_pdbx_struct_sheet_hbond.range_2_label_atom_id 
_pdbx_struct_sheet_hbond.range_2_label_comp_id 
_pdbx_struct_sheet_hbond.range_2_label_asym_id 
_pdbx_struct_sheet_hbond.range_2_label_seq_id 
_pdbx_struct_sheet_hbond.range_2_PDB_ins_code 
_pdbx_struct_sheet_hbond.range_2_auth_atom_id 
_pdbx_struct_sheet_hbond.range_2_auth_comp_id 
_pdbx_struct_sheet_hbond.range_2_auth_asym_id 
_pdbx_struct_sheet_hbond.range_2_auth_seq_id 
A 1 2 O VAL A 52 ? O VAL A 133 N TRP A 59 ? N TRP A 140 
B 1 2 N LYS A 81 ? N LYS A 162 O GLU A 84 ? O GLU A 165 
# 
loop_
_struct_site.id 
_struct_site.pdbx_evidence_code 
_struct_site.pdbx_auth_asym_id 
_struct_site.pdbx_auth_comp_id 
_struct_site.pdbx_auth_seq_id 
_struct_site.pdbx_auth_ins_code 
_struct_site.pdbx_num_residues 
_struct_site.details 
AC1 Software A ZN 1 ? 4 'BINDING SITE FOR RESIDUE ZN A 1' 
AC2 Software A ZN 2 ? 4 'BINDING SITE FOR RESIDUE ZN A 2' 
# 
loop_
_struct_site_gen.id 
_struct_site_gen.site_id 
_struct_site_gen.pdbx_num_res 
_struct_site_gen.label_comp_id 
_struct_site_gen.label_asym_id 
_struct_site_gen.label_seq_id 
_struct_site_gen.pdbx_auth_ins_code 
_struct_site_gen.auth_comp_id 
_struct_site_gen.auth_asym_id 
_struct_site_gen.auth_seq_id 
_struct_site_gen.label_atom_id 
_struct_site_gen.label_alt_id 
_struct_site_gen.symmetry 
_struct_site_gen.details 
1 AC1 4 CYS A 39 ? CYS A 120 . ? 1_555 ? 
2 AC1 4 CYS A 42 ? CYS A 123 . ? 1_555 ? 
3 AC1 4 HIS A 60 ? HIS A 141 . ? 1_555 ? 
4 AC1 4 CYS A 63 ? CYS A 144 . ? 1_555 ? 
5 AC2 4 CYS A 66 ? CYS A 147 . ? 1_555 ? 
6 AC2 4 CYS A 69 ? CYS A 150 . ? 1_555 ? 
7 AC2 4 CYS A 87 ? CYS A 168 . ? 1_555 ? 
8 AC2 4 CYS A 90 ? CYS A 171 . ? 1_555 ? 
# 
loop_
_pdbx_validate_torsion.id 
_pdbx_validate_torsion.PDB_model_num 
_pdbx_validate_torsion.auth_comp_id 
_pdbx_validate_torsion.auth_asym_id 
_pdbx_validate_torsion.auth_seq_id 
_pdbx_validate_torsion.PDB_ins_code 
_pdbx_validate_torsion.label_alt_id 
_pdbx_validate_torsion.phi 
_pdbx_validate_torsion.psi 
1  1 TYR A 128 ? ? -79.05  -96.07  
2  1 ALA A 129 ? ? -171.90 -56.56  
3  1 ALA A 130 ? ? -114.56 69.76   
4  1 GLU A 131 ? ? -164.94 -62.58  
5  1 ALA A 136 ? ? 63.20   83.08   
6  1 LYS A 138 ? ? -54.11  107.19  
7  1 LYS A 149 ? ? -98.08  -64.58  
8  1 GLU A 155 ? ? -170.65 88.35   
9  1 LEU A 159 ? ? 67.64   132.04  
10 1 GLU A 163 ? ? -92.02  33.32   
11 1 GLU A 165 ? ? 140.10  -166.08 
# 
_pdbx_nmr_ensemble.entry_id                                      1CXX 
_pdbx_nmr_ensemble.conformers_calculated_total_number            11 
_pdbx_nmr_ensemble.conformers_submitted_total_number             1 
_pdbx_nmr_ensemble.conformer_selection_criteria                  
'STRUCTURES WITH THE LEAST RESTRAINT VIOLATIONS,STRUCTURES WITH THE LOWEST ENERGY' 
_pdbx_nmr_ensemble.average_constraints_per_residue               ? 
_pdbx_nmr_ensemble.average_constraint_violations_per_residue     ? 
_pdbx_nmr_ensemble.maximum_distance_constraint_violation         ? 
_pdbx_nmr_ensemble.average_distance_constraint_violation         ? 
_pdbx_nmr_ensemble.maximum_upper_distance_constraint_violation   ? 
_pdbx_nmr_ensemble.maximum_lower_distance_constraint_violation   ? 
_pdbx_nmr_ensemble.distance_constraint_violation_method          ? 
_pdbx_nmr_ensemble.maximum_torsion_angle_constraint_violation    ? 
_pdbx_nmr_ensemble.average_torsion_angle_constraint_violation    ? 
_pdbx_nmr_ensemble.torsion_angle_constraint_violation_method     ? 
# 
_pdbx_nmr_representative.entry_id             1CXX 
_pdbx_nmr_representative.conformer_id         1 
_pdbx_nmr_representative.selection_criteria   'fewest violations,lowest energy' 
# 
_pdbx_nmr_sample_details.solution_id      1 
_pdbx_nmr_sample_details.contents         
'1.1MM QCRP2(LIM2)R122A 15N; 20MM POTASSIUM PHOSPHATE; 50MM POTASSIUM CHLORIDE; 0.5MM DTT;' 
_pdbx_nmr_sample_details.solvent_system   ? 
# 
_pdbx_nmr_exptl_sample_conditions.conditions_id       1 
_pdbx_nmr_exptl_sample_conditions.temperature         299 
_pdbx_nmr_exptl_sample_conditions.pressure            AMBIENT 
_pdbx_nmr_exptl_sample_conditions.pH                  7.0 
_pdbx_nmr_exptl_sample_conditions.ionic_strength      ? 
_pdbx_nmr_exptl_sample_conditions.pressure_units      ? 
_pdbx_nmr_exptl_sample_conditions.temperature_units   K 
# 
loop_
_pdbx_nmr_exptl.experiment_id 
_pdbx_nmr_exptl.conditions_id 
_pdbx_nmr_exptl.type 
_pdbx_nmr_exptl.solution_id 
1 1 '2D NOESY'               1 
2 1 3D_15N-SEPARATED_NOESY   1 
3 1 '3D-15N-SEPARATED TOCSY' 1 
4 1 HNHA                     1 
# 
_pdbx_nmr_details.entry_id   1CXX 
_pdbx_nmr_details.text       'THIS STRUCTURE WAS DETERMINED USING STANDARD 15N-EDITED SPECTRA AND HOMONUCLEAR 2D SPECTRA' 
# 
_pdbx_nmr_refine.entry_id           1CXX 
_pdbx_nmr_refine.method             'SIMULATED ANNEALING, MOLECULAR DYNAMICS REFINEMENT, ENERGY MINIMIZATION' 
_pdbx_nmr_refine.details            
'THE STRUCTURE IS BASED ON 340 NOE-DERIVED DISTANCE RESTRAINTS AS WELL AS 16 DISTANCE RESTRAINTS DERIVED FROM HYDROGEN BONDS' 
_pdbx_nmr_refine.software_ordinal   1 
# 
loop_
_pdbx_nmr_software.classification 
_pdbx_nmr_software.name 
_pdbx_nmr_software.version 
_pdbx_nmr_software.authors 
_pdbx_nmr_software.ordinal 
'data analysis'      ANSIG   3.3 'KRAULIS, P. J.'                                                         1 
'structure solution' X-PLOR  3.1 BRUNGER                                                                  2 
refinement           X-PLOR  3.1 BRUNGER                                                                  3 
processing           NMRPipe 1.7 'DELAGLIO, F., GRZESISEK, S., VUISTER, G., ZHU, G. PFEIFER, J., BAX, A.' 4 
# 
loop_
_pdbx_unobs_or_zero_occ_residues.id 
_pdbx_unobs_or_zero_occ_residues.PDB_model_num 
_pdbx_unobs_or_zero_occ_residues.polymer_flag 
_pdbx_unobs_or_zero_occ_residues.occupancy_flag 
_pdbx_unobs_or_zero_occ_residues.auth_asym_id 
_pdbx_unobs_or_zero_occ_residues.auth_comp_id 
_pdbx_unobs_or_zero_occ_residues.auth_seq_id 
_pdbx_unobs_or_zero_occ_residues.PDB_ins_code 
_pdbx_unobs_or_zero_occ_residues.label_asym_id 
_pdbx_unobs_or_zero_occ_residues.label_comp_id 
_pdbx_unobs_or_zero_occ_residues.label_seq_id 
1  1 Y 1 A MET 82  ? A MET 1   
2  1 Y 1 A ASP 83  ? A ASP 2   
3  1 Y 1 A ARG 84  ? A ARG 3   
4  1 Y 1 A GLY 85  ? A GLY 4   
5  1 Y 1 A GLU 86  ? A GLU 5   
6  1 Y 1 A ARG 87  ? A ARG 6   
7  1 Y 1 A LEU 88  ? A LEU 7   
8  1 Y 1 A GLY 89  ? A GLY 8   
9  1 Y 1 A ILE 90  ? A ILE 9   
10 1 Y 1 A LYS 91  ? A LYS 10  
11 1 Y 1 A PRO 92  ? A PRO 11  
12 1 Y 1 A GLU 93  ? A GLU 12  
13 1 Y 1 A SER 94  ? A SER 13  
14 1 Y 1 A SER 95  ? A SER 14  
15 1 Y 1 A PRO 96  ? A PRO 15  
16 1 Y 1 A SER 97  ? A SER 16  
17 1 Y 1 A PRO 98  ? A PRO 17  
18 1 Y 1 A HIS 99  ? A HIS 18  
19 1 Y 1 A ARG 100 ? A ARG 19  
20 1 Y 1 A PRO 101 ? A PRO 20  
21 1 Y 1 A THR 102 ? A THR 21  
22 1 Y 1 A THR 103 ? A THR 22  
23 1 Y 1 A ASN 104 ? A ASN 23  
24 1 Y 1 A PRO 105 ? A PRO 24  
25 1 Y 1 A ASN 106 ? A ASN 25  
26 1 Y 1 A THR 107 ? A THR 26  
27 1 Y 1 A SER 108 ? A SER 27  
28 1 Y 1 A LYS 109 ? A LYS 28  
29 1 Y 1 A PHE 110 ? A PHE 29  
30 1 Y 1 A ALA 111 ? A ALA 30  
31 1 Y 1 A GLN 112 ? A GLN 31  
32 1 Y 1 A LYS 113 ? A LYS 32  
33 1 Y 1 A PHE 114 ? A PHE 33  
34 1 Y 1 A GLY 115 ? A GLY 34  
35 1 Y 1 A GLY 116 ? A GLY 35  
36 1 Y 1 A PHE 176 ? A PHE 95  
37 1 Y 1 A GLY 177 ? A GLY 96  
38 1 Y 1 A PRO 178 ? A PRO 97  
39 1 Y 1 A LYS 179 ? A LYS 98  
40 1 Y 1 A GLY 180 ? A GLY 99  
41 1 Y 1 A PHE 181 ? A PHE 100 
42 1 Y 1 A GLY 182 ? A GLY 101 
43 1 Y 1 A TYR 183 ? A TYR 102 
44 1 Y 1 A GLY 184 ? A GLY 103 
45 1 Y 1 A GLN 185 ? A GLN 104 
46 1 Y 1 A GLY 186 ? A GLY 105 
47 1 Y 1 A ALA 187 ? A ALA 106 
48 1 Y 1 A GLY 188 ? A GLY 107 
49 1 Y 1 A ALA 189 ? A ALA 108 
50 1 Y 1 A LEU 190 ? A LEU 109 
51 1 Y 1 A VAL 191 ? A VAL 110 
52 1 Y 1 A HIS 192 ? A HIS 111 
53 1 Y 1 A ALA 193 ? A ALA 112 
54 1 Y 1 A GLN 194 ? A GLN 113 
# 
loop_
_chem_comp_atom.comp_id 
_chem_comp_atom.atom_id 
_chem_comp_atom.type_symbol 
_chem_comp_atom.pdbx_aromatic_flag 
_chem_comp_atom.pdbx_stereo_config 
_chem_comp_atom.pdbx_ordinal 
ALA N    N  N N 1   
ALA CA   C  N S 2   
ALA C    C  N N 3   
ALA O    O  N N 4   
ALA CB   C  N N 5   
ALA OXT  O  N N 6   
ALA H    H  N N 7   
ALA H2   H  N N 8   
ALA HA   H  N N 9   
ALA HB1  H  N N 10  
ALA HB2  H  N N 11  
ALA HB3  H  N N 12  
ALA HXT  H  N N 13  
ARG N    N  N N 14  
ARG CA   C  N S 15  
ARG C    C  N N 16  
ARG O    O  N N 17  
ARG CB   C  N N 18  
ARG CG   C  N N 19  
ARG CD   C  N N 20  
ARG NE   N  N N 21  
ARG CZ   C  N N 22  
ARG NH1  N  N N 23  
ARG NH2  N  N N 24  
ARG OXT  O  N N 25  
ARG H    H  N N 26  
ARG H2   H  N N 27  
ARG HA   H  N N 28  
ARG HB2  H  N N 29  
ARG HB3  H  N N 30  
ARG HG2  H  N N 31  
ARG HG3  H  N N 32  
ARG HD2  H  N N 33  
ARG HD3  H  N N 34  
ARG HE   H  N N 35  
ARG HH11 H  N N 36  
ARG HH12 H  N N 37  
ARG HH21 H  N N 38  
ARG HH22 H  N N 39  
ARG HXT  H  N N 40  
ASN N    N  N N 41  
ASN CA   C  N S 42  
ASN C    C  N N 43  
ASN O    O  N N 44  
ASN CB   C  N N 45  
ASN CG   C  N N 46  
ASN OD1  O  N N 47  
ASN ND2  N  N N 48  
ASN OXT  O  N N 49  
ASN H    H  N N 50  
ASN H2   H  N N 51  
ASN HA   H  N N 52  
ASN HB2  H  N N 53  
ASN HB3  H  N N 54  
ASN HD21 H  N N 55  
ASN HD22 H  N N 56  
ASN HXT  H  N N 57  
ASP N    N  N N 58  
ASP CA   C  N S 59  
ASP C    C  N N 60  
ASP O    O  N N 61  
ASP CB   C  N N 62  
ASP CG   C  N N 63  
ASP OD1  O  N N 64  
ASP OD2  O  N N 65  
ASP OXT  O  N N 66  
ASP H    H  N N 67  
ASP H2   H  N N 68  
ASP HA   H  N N 69  
ASP HB2  H  N N 70  
ASP HB3  H  N N 71  
ASP HD2  H  N N 72  
ASP HXT  H  N N 73  
CYS N    N  N N 74  
CYS CA   C  N R 75  
CYS C    C  N N 76  
CYS O    O  N N 77  
CYS CB   C  N N 78  
CYS SG   S  N N 79  
CYS OXT  O  N N 80  
CYS H    H  N N 81  
CYS H2   H  N N 82  
CYS HA   H  N N 83  
CYS HB2  H  N N 84  
CYS HB3  H  N N 85  
CYS HG   H  N N 86  
CYS HXT  H  N N 87  
GLN N    N  N N 88  
GLN CA   C  N S 89  
GLN C    C  N N 90  
GLN O    O  N N 91  
GLN CB   C  N N 92  
GLN CG   C  N N 93  
GLN CD   C  N N 94  
GLN OE1  O  N N 95  
GLN NE2  N  N N 96  
GLN OXT  O  N N 97  
GLN H    H  N N 98  
GLN H2   H  N N 99  
GLN HA   H  N N 100 
GLN HB2  H  N N 101 
GLN HB3  H  N N 102 
GLN HG2  H  N N 103 
GLN HG3  H  N N 104 
GLN HE21 H  N N 105 
GLN HE22 H  N N 106 
GLN HXT  H  N N 107 
GLU N    N  N N 108 
GLU CA   C  N S 109 
GLU C    C  N N 110 
GLU O    O  N N 111 
GLU CB   C  N N 112 
GLU CG   C  N N 113 
GLU CD   C  N N 114 
GLU OE1  O  N N 115 
GLU OE2  O  N N 116 
GLU OXT  O  N N 117 
GLU H    H  N N 118 
GLU H2   H  N N 119 
GLU HA   H  N N 120 
GLU HB2  H  N N 121 
GLU HB3  H  N N 122 
GLU HG2  H  N N 123 
GLU HG3  H  N N 124 
GLU HE2  H  N N 125 
GLU HXT  H  N N 126 
GLY N    N  N N 127 
GLY CA   C  N N 128 
GLY C    C  N N 129 
GLY O    O  N N 130 
GLY OXT  O  N N 131 
GLY H    H  N N 132 
GLY H2   H  N N 133 
GLY HA2  H  N N 134 
GLY HA3  H  N N 135 
GLY HXT  H  N N 136 
HIS N    N  N N 137 
HIS CA   C  N S 138 
HIS C    C  N N 139 
HIS O    O  N N 140 
HIS CB   C  N N 141 
HIS CG   C  Y N 142 
HIS ND1  N  Y N 143 
HIS CD2  C  Y N 144 
HIS CE1  C  Y N 145 
HIS NE2  N  Y N 146 
HIS OXT  O  N N 147 
HIS H    H  N N 148 
HIS H2   H  N N 149 
HIS HA   H  N N 150 
HIS HB2  H  N N 151 
HIS HB3  H  N N 152 
HIS HD1  H  N N 153 
HIS HD2  H  N N 154 
HIS HE1  H  N N 155 
HIS HE2  H  N N 156 
HIS HXT  H  N N 157 
ILE N    N  N N 158 
ILE CA   C  N S 159 
ILE C    C  N N 160 
ILE O    O  N N 161 
ILE CB   C  N S 162 
ILE CG1  C  N N 163 
ILE CG2  C  N N 164 
ILE CD1  C  N N 165 
ILE OXT  O  N N 166 
ILE H    H  N N 167 
ILE H2   H  N N 168 
ILE HA   H  N N 169 
ILE HB   H  N N 170 
ILE HG12 H  N N 171 
ILE HG13 H  N N 172 
ILE HG21 H  N N 173 
ILE HG22 H  N N 174 
ILE HG23 H  N N 175 
ILE HD11 H  N N 176 
ILE HD12 H  N N 177 
ILE HD13 H  N N 178 
ILE HXT  H  N N 179 
LEU N    N  N N 180 
LEU CA   C  N S 181 
LEU C    C  N N 182 
LEU O    O  N N 183 
LEU CB   C  N N 184 
LEU CG   C  N N 185 
LEU CD1  C  N N 186 
LEU CD2  C  N N 187 
LEU OXT  O  N N 188 
LEU H    H  N N 189 
LEU H2   H  N N 190 
LEU HA   H  N N 191 
LEU HB2  H  N N 192 
LEU HB3  H  N N 193 
LEU HG   H  N N 194 
LEU HD11 H  N N 195 
LEU HD12 H  N N 196 
LEU HD13 H  N N 197 
LEU HD21 H  N N 198 
LEU HD22 H  N N 199 
LEU HD23 H  N N 200 
LEU HXT  H  N N 201 
LYS N    N  N N 202 
LYS CA   C  N S 203 
LYS C    C  N N 204 
LYS O    O  N N 205 
LYS CB   C  N N 206 
LYS CG   C  N N 207 
LYS CD   C  N N 208 
LYS CE   C  N N 209 
LYS NZ   N  N N 210 
LYS OXT  O  N N 211 
LYS H    H  N N 212 
LYS H2   H  N N 213 
LYS HA   H  N N 214 
LYS HB2  H  N N 215 
LYS HB3  H  N N 216 
LYS HG2  H  N N 217 
LYS HG3  H  N N 218 
LYS HD2  H  N N 219 
LYS HD3  H  N N 220 
LYS HE2  H  N N 221 
LYS HE3  H  N N 222 
LYS HZ1  H  N N 223 
LYS HZ2  H  N N 224 
LYS HZ3  H  N N 225 
LYS HXT  H  N N 226 
MET N    N  N N 227 
MET CA   C  N S 228 
MET C    C  N N 229 
MET O    O  N N 230 
MET CB   C  N N 231 
MET CG   C  N N 232 
MET SD   S  N N 233 
MET CE   C  N N 234 
MET OXT  O  N N 235 
MET H    H  N N 236 
MET H2   H  N N 237 
MET HA   H  N N 238 
MET HB2  H  N N 239 
MET HB3  H  N N 240 
MET HG2  H  N N 241 
MET HG3  H  N N 242 
MET HE1  H  N N 243 
MET HE2  H  N N 244 
MET HE3  H  N N 245 
MET HXT  H  N N 246 
PHE N    N  N N 247 
PHE CA   C  N S 248 
PHE C    C  N N 249 
PHE O    O  N N 250 
PHE CB   C  N N 251 
PHE CG   C  Y N 252 
PHE CD1  C  Y N 253 
PHE CD2  C  Y N 254 
PHE CE1  C  Y N 255 
PHE CE2  C  Y N 256 
PHE CZ   C  Y N 257 
PHE OXT  O  N N 258 
PHE H    H  N N 259 
PHE H2   H  N N 260 
PHE HA   H  N N 261 
PHE HB2  H  N N 262 
PHE HB3  H  N N 263 
PHE HD1  H  N N 264 
PHE HD2  H  N N 265 
PHE HE1  H  N N 266 
PHE HE2  H  N N 267 
PHE HZ   H  N N 268 
PHE HXT  H  N N 269 
PRO N    N  N N 270 
PRO CA   C  N S 271 
PRO C    C  N N 272 
PRO O    O  N N 273 
PRO CB   C  N N 274 
PRO CG   C  N N 275 
PRO CD   C  N N 276 
PRO OXT  O  N N 277 
PRO H    H  N N 278 
PRO HA   H  N N 279 
PRO HB2  H  N N 280 
PRO HB3  H  N N 281 
PRO HG2  H  N N 282 
PRO HG3  H  N N 283 
PRO HD2  H  N N 284 
PRO HD3  H  N N 285 
PRO HXT  H  N N 286 
SER N    N  N N 287 
SER CA   C  N S 288 
SER C    C  N N 289 
SER O    O  N N 290 
SER CB   C  N N 291 
SER OG   O  N N 292 
SER OXT  O  N N 293 
SER H    H  N N 294 
SER H2   H  N N 295 
SER HA   H  N N 296 
SER HB2  H  N N 297 
SER HB3  H  N N 298 
SER HG   H  N N 299 
SER HXT  H  N N 300 
THR N    N  N N 301 
THR CA   C  N S 302 
THR C    C  N N 303 
THR O    O  N N 304 
THR CB   C  N R 305 
THR OG1  O  N N 306 
THR CG2  C  N N 307 
THR OXT  O  N N 308 
THR H    H  N N 309 
THR H2   H  N N 310 
THR HA   H  N N 311 
THR HB   H  N N 312 
THR HG1  H  N N 313 
THR HG21 H  N N 314 
THR HG22 H  N N 315 
THR HG23 H  N N 316 
THR HXT  H  N N 317 
TRP N    N  N N 318 
TRP CA   C  N S 319 
TRP C    C  N N 320 
TRP O    O  N N 321 
TRP CB   C  N N 322 
TRP CG   C  Y N 323 
TRP CD1  C  Y N 324 
TRP CD2  C  Y N 325 
TRP NE1  N  Y N 326 
TRP CE2  C  Y N 327 
TRP CE3  C  Y N 328 
TRP CZ2  C  Y N 329 
TRP CZ3  C  Y N 330 
TRP CH2  C  Y N 331 
TRP OXT  O  N N 332 
TRP H    H  N N 333 
TRP H2   H  N N 334 
TRP HA   H  N N 335 
TRP HB2  H  N N 336 
TRP HB3  H  N N 337 
TRP HD1  H  N N 338 
TRP HE1  H  N N 339 
TRP HE3  H  N N 340 
TRP HZ2  H  N N 341 
TRP HZ3  H  N N 342 
TRP HH2  H  N N 343 
TRP HXT  H  N N 344 
TYR N    N  N N 345 
TYR CA   C  N S 346 
TYR C    C  N N 347 
TYR O    O  N N 348 
TYR CB   C  N N 349 
TYR CG   C  Y N 350 
TYR CD1  C  Y N 351 
TYR CD2  C  Y N 352 
TYR CE1  C  Y N 353 
TYR CE2  C  Y N 354 
TYR CZ   C  Y N 355 
TYR OH   O  N N 356 
TYR OXT  O  N N 357 
TYR H    H  N N 358 
TYR H2   H  N N 359 
TYR HA   H  N N 360 
TYR HB2  H  N N 361 
TYR HB3  H  N N 362 
TYR HD1  H  N N 363 
TYR HD2  H  N N 364 
TYR HE1  H  N N 365 
TYR HE2  H  N N 366 
TYR HH   H  N N 367 
TYR HXT  H  N N 368 
VAL N    N  N N 369 
VAL CA   C  N S 370 
VAL C    C  N N 371 
VAL O    O  N N 372 
VAL CB   C  N N 373 
VAL CG1  C  N N 374 
VAL CG2  C  N N 375 
VAL OXT  O  N N 376 
VAL H    H  N N 377 
VAL H2   H  N N 378 
VAL HA   H  N N 379 
VAL HB   H  N N 380 
VAL HG11 H  N N 381 
VAL HG12 H  N N 382 
VAL HG13 H  N N 383 
VAL HG21 H  N N 384 
VAL HG22 H  N N 385 
VAL HG23 H  N N 386 
VAL HXT  H  N N 387 
ZN  ZN   ZN N N 388 
# 
loop_
_chem_comp_bond.comp_id 
_chem_comp_bond.atom_id_1 
_chem_comp_bond.atom_id_2 
_chem_comp_bond.value_order 
_chem_comp_bond.pdbx_aromatic_flag 
_chem_comp_bond.pdbx_stereo_config 
_chem_comp_bond.pdbx_ordinal 
ALA N   CA   sing N N 1   
ALA N   H    sing N N 2   
ALA N   H2   sing N N 3   
ALA CA  C    sing N N 4   
ALA CA  CB   sing N N 5   
ALA CA  HA   sing N N 6   
ALA C   O    doub N N 7   
ALA C   OXT  sing N N 8   
ALA CB  HB1  sing N N 9   
ALA CB  HB2  sing N N 10  
ALA CB  HB3  sing N N 11  
ALA OXT HXT  sing N N 12  
ARG N   CA   sing N N 13  
ARG N   H    sing N N 14  
ARG N   H2   sing N N 15  
ARG CA  C    sing N N 16  
ARG CA  CB   sing N N 17  
ARG CA  HA   sing N N 18  
ARG C   O    doub N N 19  
ARG C   OXT  sing N N 20  
ARG CB  CG   sing N N 21  
ARG CB  HB2  sing N N 22  
ARG CB  HB3  sing N N 23  
ARG CG  CD   sing N N 24  
ARG CG  HG2  sing N N 25  
ARG CG  HG3  sing N N 26  
ARG CD  NE   sing N N 27  
ARG CD  HD2  sing N N 28  
ARG CD  HD3  sing N N 29  
ARG NE  CZ   sing N N 30  
ARG NE  HE   sing N N 31  
ARG CZ  NH1  sing N N 32  
ARG CZ  NH2  doub N N 33  
ARG NH1 HH11 sing N N 34  
ARG NH1 HH12 sing N N 35  
ARG NH2 HH21 sing N N 36  
ARG NH2 HH22 sing N N 37  
ARG OXT HXT  sing N N 38  
ASN N   CA   sing N N 39  
ASN N   H    sing N N 40  
ASN N   H2   sing N N 41  
ASN CA  C    sing N N 42  
ASN CA  CB   sing N N 43  
ASN CA  HA   sing N N 44  
ASN C   O    doub N N 45  
ASN C   OXT  sing N N 46  
ASN CB  CG   sing N N 47  
ASN CB  HB2  sing N N 48  
ASN CB  HB3  sing N N 49  
ASN CG  OD1  doub N N 50  
ASN CG  ND2  sing N N 51  
ASN ND2 HD21 sing N N 52  
ASN ND2 HD22 sing N N 53  
ASN OXT HXT  sing N N 54  
ASP N   CA   sing N N 55  
ASP N   H    sing N N 56  
ASP N   H2   sing N N 57  
ASP CA  C    sing N N 58  
ASP CA  CB   sing N N 59  
ASP CA  HA   sing N N 60  
ASP C   O    doub N N 61  
ASP C   OXT  sing N N 62  
ASP CB  CG   sing N N 63  
ASP CB  HB2  sing N N 64  
ASP CB  HB3  sing N N 65  
ASP CG  OD1  doub N N 66  
ASP CG  OD2  sing N N 67  
ASP OD2 HD2  sing N N 68  
ASP OXT HXT  sing N N 69  
CYS N   CA   sing N N 70  
CYS N   H    sing N N 71  
CYS N   H2   sing N N 72  
CYS CA  C    sing N N 73  
CYS CA  CB   sing N N 74  
CYS CA  HA   sing N N 75  
CYS C   O    doub N N 76  
CYS C   OXT  sing N N 77  
CYS CB  SG   sing N N 78  
CYS CB  HB2  sing N N 79  
CYS CB  HB3  sing N N 80  
CYS SG  HG   sing N N 81  
CYS OXT HXT  sing N N 82  
GLN N   CA   sing N N 83  
GLN N   H    sing N N 84  
GLN N   H2   sing N N 85  
GLN CA  C    sing N N 86  
GLN CA  CB   sing N N 87  
GLN CA  HA   sing N N 88  
GLN C   O    doub N N 89  
GLN C   OXT  sing N N 90  
GLN CB  CG   sing N N 91  
GLN CB  HB2  sing N N 92  
GLN CB  HB3  sing N N 93  
GLN CG  CD   sing N N 94  
GLN CG  HG2  sing N N 95  
GLN CG  HG3  sing N N 96  
GLN CD  OE1  doub N N 97  
GLN CD  NE2  sing N N 98  
GLN NE2 HE21 sing N N 99  
GLN NE2 HE22 sing N N 100 
GLN OXT HXT  sing N N 101 
GLU N   CA   sing N N 102 
GLU N   H    sing N N 103 
GLU N   H2   sing N N 104 
GLU CA  C    sing N N 105 
GLU CA  CB   sing N N 106 
GLU CA  HA   sing N N 107 
GLU C   O    doub N N 108 
GLU C   OXT  sing N N 109 
GLU CB  CG   sing N N 110 
GLU CB  HB2  sing N N 111 
GLU CB  HB3  sing N N 112 
GLU CG  CD   sing N N 113 
GLU CG  HG2  sing N N 114 
GLU CG  HG3  sing N N 115 
GLU CD  OE1  doub N N 116 
GLU CD  OE2  sing N N 117 
GLU OE2 HE2  sing N N 118 
GLU OXT HXT  sing N N 119 
GLY N   CA   sing N N 120 
GLY N   H    sing N N 121 
GLY N   H2   sing N N 122 
GLY CA  C    sing N N 123 
GLY CA  HA2  sing N N 124 
GLY CA  HA3  sing N N 125 
GLY C   O    doub N N 126 
GLY C   OXT  sing N N 127 
GLY OXT HXT  sing N N 128 
HIS N   CA   sing N N 129 
HIS N   H    sing N N 130 
HIS N   H2   sing N N 131 
HIS CA  C    sing N N 132 
HIS CA  CB   sing N N 133 
HIS CA  HA   sing N N 134 
HIS C   O    doub N N 135 
HIS C   OXT  sing N N 136 
HIS CB  CG   sing N N 137 
HIS CB  HB2  sing N N 138 
HIS CB  HB3  sing N N 139 
HIS CG  ND1  sing Y N 140 
HIS CG  CD2  doub Y N 141 
HIS ND1 CE1  doub Y N 142 
HIS ND1 HD1  sing N N 143 
HIS CD2 NE2  sing Y N 144 
HIS CD2 HD2  sing N N 145 
HIS CE1 NE2  sing Y N 146 
HIS CE1 HE1  sing N N 147 
HIS NE2 HE2  sing N N 148 
HIS OXT HXT  sing N N 149 
ILE N   CA   sing N N 150 
ILE N   H    sing N N 151 
ILE N   H2   sing N N 152 
ILE CA  C    sing N N 153 
ILE CA  CB   sing N N 154 
ILE CA  HA   sing N N 155 
ILE C   O    doub N N 156 
ILE C   OXT  sing N N 157 
ILE CB  CG1  sing N N 158 
ILE CB  CG2  sing N N 159 
ILE CB  HB   sing N N 160 
ILE CG1 CD1  sing N N 161 
ILE CG1 HG12 sing N N 162 
ILE CG1 HG13 sing N N 163 
ILE CG2 HG21 sing N N 164 
ILE CG2 HG22 sing N N 165 
ILE CG2 HG23 sing N N 166 
ILE CD1 HD11 sing N N 167 
ILE CD1 HD12 sing N N 168 
ILE CD1 HD13 sing N N 169 
ILE OXT HXT  sing N N 170 
LEU N   CA   sing N N 171 
LEU N   H    sing N N 172 
LEU N   H2   sing N N 173 
LEU CA  C    sing N N 174 
LEU CA  CB   sing N N 175 
LEU CA  HA   sing N N 176 
LEU C   O    doub N N 177 
LEU C   OXT  sing N N 178 
LEU CB  CG   sing N N 179 
LEU CB  HB2  sing N N 180 
LEU CB  HB3  sing N N 181 
LEU CG  CD1  sing N N 182 
LEU CG  CD2  sing N N 183 
LEU CG  HG   sing N N 184 
LEU CD1 HD11 sing N N 185 
LEU CD1 HD12 sing N N 186 
LEU CD1 HD13 sing N N 187 
LEU CD2 HD21 sing N N 188 
LEU CD2 HD22 sing N N 189 
LEU CD2 HD23 sing N N 190 
LEU OXT HXT  sing N N 191 
LYS N   CA   sing N N 192 
LYS N   H    sing N N 193 
LYS N   H2   sing N N 194 
LYS CA  C    sing N N 195 
LYS CA  CB   sing N N 196 
LYS CA  HA   sing N N 197 
LYS C   O    doub N N 198 
LYS C   OXT  sing N N 199 
LYS CB  CG   sing N N 200 
LYS CB  HB2  sing N N 201 
LYS CB  HB3  sing N N 202 
LYS CG  CD   sing N N 203 
LYS CG  HG2  sing N N 204 
LYS CG  HG3  sing N N 205 
LYS CD  CE   sing N N 206 
LYS CD  HD2  sing N N 207 
LYS CD  HD3  sing N N 208 
LYS CE  NZ   sing N N 209 
LYS CE  HE2  sing N N 210 
LYS CE  HE3  sing N N 211 
LYS NZ  HZ1  sing N N 212 
LYS NZ  HZ2  sing N N 213 
LYS NZ  HZ3  sing N N 214 
LYS OXT HXT  sing N N 215 
MET N   CA   sing N N 216 
MET N   H    sing N N 217 
MET N   H2   sing N N 218 
MET CA  C    sing N N 219 
MET CA  CB   sing N N 220 
MET CA  HA   sing N N 221 
MET C   O    doub N N 222 
MET C   OXT  sing N N 223 
MET CB  CG   sing N N 224 
MET CB  HB2  sing N N 225 
MET CB  HB3  sing N N 226 
MET CG  SD   sing N N 227 
MET CG  HG2  sing N N 228 
MET CG  HG3  sing N N 229 
MET SD  CE   sing N N 230 
MET CE  HE1  sing N N 231 
MET CE  HE2  sing N N 232 
MET CE  HE3  sing N N 233 
MET OXT HXT  sing N N 234 
PHE N   CA   sing N N 235 
PHE N   H    sing N N 236 
PHE N   H2   sing N N 237 
PHE CA  C    sing N N 238 
PHE CA  CB   sing N N 239 
PHE CA  HA   sing N N 240 
PHE C   O    doub N N 241 
PHE C   OXT  sing N N 242 
PHE CB  CG   sing N N 243 
PHE CB  HB2  sing N N 244 
PHE CB  HB3  sing N N 245 
PHE CG  CD1  doub Y N 246 
PHE CG  CD2  sing Y N 247 
PHE CD1 CE1  sing Y N 248 
PHE CD1 HD1  sing N N 249 
PHE CD2 CE2  doub Y N 250 
PHE CD2 HD2  sing N N 251 
PHE CE1 CZ   doub Y N 252 
PHE CE1 HE1  sing N N 253 
PHE CE2 CZ   sing Y N 254 
PHE CE2 HE2  sing N N 255 
PHE CZ  HZ   sing N N 256 
PHE OXT HXT  sing N N 257 
PRO N   CA   sing N N 258 
PRO N   CD   sing N N 259 
PRO N   H    sing N N 260 
PRO CA  C    sing N N 261 
PRO CA  CB   sing N N 262 
PRO CA  HA   sing N N 263 
PRO C   O    doub N N 264 
PRO C   OXT  sing N N 265 
PRO CB  CG   sing N N 266 
PRO CB  HB2  sing N N 267 
PRO CB  HB3  sing N N 268 
PRO CG  CD   sing N N 269 
PRO CG  HG2  sing N N 270 
PRO CG  HG3  sing N N 271 
PRO CD  HD2  sing N N 272 
PRO CD  HD3  sing N N 273 
PRO OXT HXT  sing N N 274 
SER N   CA   sing N N 275 
SER N   H    sing N N 276 
SER N   H2   sing N N 277 
SER CA  C    sing N N 278 
SER CA  CB   sing N N 279 
SER CA  HA   sing N N 280 
SER C   O    doub N N 281 
SER C   OXT  sing N N 282 
SER CB  OG   sing N N 283 
SER CB  HB2  sing N N 284 
SER CB  HB3  sing N N 285 
SER OG  HG   sing N N 286 
SER OXT HXT  sing N N 287 
THR N   CA   sing N N 288 
THR N   H    sing N N 289 
THR N   H2   sing N N 290 
THR CA  C    sing N N 291 
THR CA  CB   sing N N 292 
THR CA  HA   sing N N 293 
THR C   O    doub N N 294 
THR C   OXT  sing N N 295 
THR CB  OG1  sing N N 296 
THR CB  CG2  sing N N 297 
THR CB  HB   sing N N 298 
THR OG1 HG1  sing N N 299 
THR CG2 HG21 sing N N 300 
THR CG2 HG22 sing N N 301 
THR CG2 HG23 sing N N 302 
THR OXT HXT  sing N N 303 
TRP N   CA   sing N N 304 
TRP N   H    sing N N 305 
TRP N   H2   sing N N 306 
TRP CA  C    sing N N 307 
TRP CA  CB   sing N N 308 
TRP CA  HA   sing N N 309 
TRP C   O    doub N N 310 
TRP C   OXT  sing N N 311 
TRP CB  CG   sing N N 312 
TRP CB  HB2  sing N N 313 
TRP CB  HB3  sing N N 314 
TRP CG  CD1  doub Y N 315 
TRP CG  CD2  sing Y N 316 
TRP CD1 NE1  sing Y N 317 
TRP CD1 HD1  sing N N 318 
TRP CD2 CE2  doub Y N 319 
TRP CD2 CE3  sing Y N 320 
TRP NE1 CE2  sing Y N 321 
TRP NE1 HE1  sing N N 322 
TRP CE2 CZ2  sing Y N 323 
TRP CE3 CZ3  doub Y N 324 
TRP CE3 HE3  sing N N 325 
TRP CZ2 CH2  doub Y N 326 
TRP CZ2 HZ2  sing N N 327 
TRP CZ3 CH2  sing Y N 328 
TRP CZ3 HZ3  sing N N 329 
TRP CH2 HH2  sing N N 330 
TRP OXT HXT  sing N N 331 
TYR N   CA   sing N N 332 
TYR N   H    sing N N 333 
TYR N   H2   sing N N 334 
TYR CA  C    sing N N 335 
TYR CA  CB   sing N N 336 
TYR CA  HA   sing N N 337 
TYR C   O    doub N N 338 
TYR C   OXT  sing N N 339 
TYR CB  CG   sing N N 340 
TYR CB  HB2  sing N N 341 
TYR CB  HB3  sing N N 342 
TYR CG  CD1  doub Y N 343 
TYR CG  CD2  sing Y N 344 
TYR CD1 CE1  sing Y N 345 
TYR CD1 HD1  sing N N 346 
TYR CD2 CE2  doub Y N 347 
TYR CD2 HD2  sing N N 348 
TYR CE1 CZ   doub Y N 349 
TYR CE1 HE1  sing N N 350 
TYR CE2 CZ   sing Y N 351 
TYR CE2 HE2  sing N N 352 
TYR CZ  OH   sing N N 353 
TYR OH  HH   sing N N 354 
TYR OXT HXT  sing N N 355 
VAL N   CA   sing N N 356 
VAL N   H    sing N N 357 
VAL N   H2   sing N N 358 
VAL CA  C    sing N N 359 
VAL CA  CB   sing N N 360 
VAL CA  HA   sing N N 361 
VAL C   O    doub N N 362 
VAL C   OXT  sing N N 363 
VAL CB  CG1  sing N N 364 
VAL CB  CG2  sing N N 365 
VAL CB  HB   sing N N 366 
VAL CG1 HG11 sing N N 367 
VAL CG1 HG12 sing N N 368 
VAL CG1 HG13 sing N N 369 
VAL CG2 HG21 sing N N 370 
VAL CG2 HG22 sing N N 371 
VAL CG2 HG23 sing N N 372 
VAL OXT HXT  sing N N 373 
# 
_pdbx_nmr_spectrometer.spectrometer_id   1 
_pdbx_nmr_spectrometer.model             UNITYPLUS 
_pdbx_nmr_spectrometer.manufacturer      Varian 
_pdbx_nmr_spectrometer.field_strength    500 
_pdbx_nmr_spectrometer.type              ? 
# 
_atom_sites.entry_id                    1CXX 
_atom_sites.fract_transf_matrix[1][1]   1.000000 
_atom_sites.fract_transf_matrix[1][2]   0.000000 
_atom_sites.fract_transf_matrix[1][3]   0.000000 
_atom_sites.fract_transf_matrix[2][1]   0.000000 
_atom_sites.fract_transf_matrix[2][2]   1.000000 
_atom_sites.fract_transf_matrix[2][3]   0.000000 
_atom_sites.fract_transf_matrix[3][1]   0.000000 
_atom_sites.fract_transf_matrix[3][2]   0.000000 
_atom_sites.fract_transf_matrix[3][3]   1.000000 
_atom_sites.fract_transf_vector[1]      0.00000 
_atom_sites.fract_transf_vector[2]      0.00000 
_atom_sites.fract_transf_vector[3]      0.00000 
# 
loop_
_atom_type.symbol 
C  
H  
N  
O  
S  
ZN 
# 
loop_
_atom_site.group_PDB 
_atom_site.id 
_atom_site.type_symbol 
_atom_site.label_atom_id 
_atom_site.label_alt_id 
_atom_site.label_comp_id 
_atom_site.label_asym_id 
_atom_site.label_entity_id 
_atom_site.label_seq_id 
_atom_site.pdbx_PDB_ins_code 
_atom_site.Cartn_x 
_atom_site.Cartn_y 
_atom_site.Cartn_z 
_atom_site.occupancy 
_atom_site.B_iso_or_equiv 
_atom_site.pdbx_formal_charge 
_atom_site.auth_seq_id 
_atom_site.auth_comp_id 
_atom_site.auth_asym_id 
_atom_site.auth_atom_id 
_atom_site.pdbx_PDB_model_num 
ATOM   1   N  N    . ALA A 1 36 ? 15.751  -2.198  -0.760  1.00 0.00 ? 117 ALA A N    1 
ATOM   2   C  CA   . ALA A 1 36 ? 14.701  -2.637  -1.674  1.00 0.00 ? 117 ALA A CA   1 
ATOM   3   C  C    . ALA A 1 36 ? 13.468  -3.112  -0.898  1.00 0.00 ? 117 ALA A C    1 
ATOM   4   O  O    . ALA A 1 36 ? 12.358  -2.638  -1.107  1.00 0.00 ? 117 ALA A O    1 
ATOM   5   C  CB   . ALA A 1 36 ? 15.207  -3.740  -2.610  1.00 0.00 ? 117 ALA A CB   1 
ATOM   6   H  H    . ALA A 1 36 ? 16.038  -2.960  -0.160  1.00 0.00 ? 117 ALA A H    1 
ATOM   7   H  HA   . ALA A 1 36 ? 14.395  -1.778  -2.276  1.00 0.00 ? 117 ALA A HA   1 
ATOM   8   H  HB1  . ALA A 1 36 ? 14.431  -4.055  -3.309  1.00 0.00 ? 117 ALA A HB1  1 
ATOM   9   H  HB2  . ALA A 1 36 ? 16.055  -3.388  -3.200  1.00 0.00 ? 117 ALA A HB2  1 
ATOM   10  H  HB3  . ALA A 1 36 ? 15.535  -4.619  -2.055  1.00 0.00 ? 117 ALA A HB3  1 
ATOM   11  N  N    . GLU A 1 37 ? 13.752  -4.075  0.010   1.00 0.00 ? 118 GLU A N    1 
ATOM   12  C  CA   . GLU A 1 37 ? 12.721  -4.667  0.853   1.00 0.00 ? 118 GLU A CA   1 
ATOM   13  C  C    . GLU A 1 37 ? 12.546  -3.830  2.126   1.00 0.00 ? 118 GLU A C    1 
ATOM   14  O  O    . GLU A 1 37 ? 13.041  -4.178  3.192   1.00 0.00 ? 118 GLU A O    1 
ATOM   15  C  CB   . GLU A 1 37 ? 13.108  -6.112  1.207   1.00 0.00 ? 118 GLU A CB   1 
ATOM   16  C  CG   . GLU A 1 37 ? 13.183  -7.023  -0.027  1.00 0.00 ? 118 GLU A CG   1 
ATOM   17  C  CD   . GLU A 1 37 ? 13.398  -8.486  0.397   1.00 0.00 ? 118 GLU A CD   1 
ATOM   18  O  OE1  . GLU A 1 37 ? 12.415  -9.164  0.700   1.00 0.00 ? 118 GLU A OE1  1 
ATOM   19  O  OE2  . GLU A 1 37 ? 14.545  -8.934  0.418   1.00 0.00 ? 118 GLU A OE2  1 
ATOM   20  H  H    . GLU A 1 37 ? 14.695  -4.392  0.102   1.00 0.00 ? 118 GLU A H    1 
ATOM   21  H  HA   . GLU A 1 37 ? 11.776  -4.680  0.308   1.00 0.00 ? 118 GLU A HA   1 
ATOM   22  H  HB2  . GLU A 1 37 ? 14.060  -6.131  1.740   1.00 0.00 ? 118 GLU A HB2  1 
ATOM   23  H  HB3  . GLU A 1 37 ? 12.369  -6.522  1.892   1.00 0.00 ? 118 GLU A HB3  1 
ATOM   24  H  HG2  . GLU A 1 37 ? 12.256  -6.951  -0.599  1.00 0.00 ? 118 GLU A HG2  1 
ATOM   25  H  HG3  . GLU A 1 37 ? 13.994  -6.717  -0.688  1.00 0.00 ? 118 GLU A HG3  1 
ATOM   26  N  N    . LYS A 1 38 ? 11.769  -2.737  1.963   1.00 0.00 ? 119 LYS A N    1 
ATOM   27  C  CA   . LYS A 1 38 ? 11.543  -1.884  3.123   1.00 0.00 ? 119 LYS A CA   1 
ATOM   28  C  C    . LYS A 1 38 ? 10.231  -1.101  3.020   1.00 0.00 ? 119 LYS A C    1 
ATOM   29  O  O    . LYS A 1 38 ? 9.869   -0.565  1.979   1.00 0.00 ? 119 LYS A O    1 
ATOM   30  C  CB   . LYS A 1 38 ? 12.752  -0.952  3.332   1.00 0.00 ? 119 LYS A CB   1 
ATOM   31  C  CG   . LYS A 1 38 ? 12.823  0.274   2.399   1.00 0.00 ? 119 LYS A CG   1 
ATOM   32  C  CD   . LYS A 1 38 ? 12.822  -0.062  0.901   1.00 0.00 ? 119 LYS A CD   1 
ATOM   33  C  CE   . LYS A 1 38 ? 13.010  1.176   0.022   1.00 0.00 ? 119 LYS A CE   1 
ATOM   34  N  NZ   . LYS A 1 38 ? 13.008  0.837   -1.396  1.00 0.00 ? 119 LYS A NZ   1 
ATOM   35  H  H    . LYS A 1 38 ? 11.384  -2.509  1.070   1.00 0.00 ? 119 LYS A H    1 
ATOM   36  H  HA   . LYS A 1 38 ? 11.427  -2.543  3.978   1.00 0.00 ? 119 LYS A HA   1 
ATOM   37  H  HB2  . LYS A 1 38 ? 12.741  -0.591  4.361   1.00 0.00 ? 119 LYS A HB2  1 
ATOM   38  H  HB3  . LYS A 1 38 ? 13.673  -1.530  3.242   1.00 0.00 ? 119 LYS A HB3  1 
ATOM   39  H  HG2  . LYS A 1 38 ? 12.001  0.953   2.621   1.00 0.00 ? 119 LYS A HG2  1 
ATOM   40  H  HG3  . LYS A 1 38 ? 13.729  0.831   2.637   1.00 0.00 ? 119 LYS A HG3  1 
ATOM   41  H  HD2  . LYS A 1 38 ? 13.618  -0.774  0.687   1.00 0.00 ? 119 LYS A HD2  1 
ATOM   42  H  HD3  . LYS A 1 38 ? 11.888  -0.544  0.619   1.00 0.00 ? 119 LYS A HD3  1 
ATOM   43  H  HE2  . LYS A 1 38 ? 12.210  1.897   0.192   1.00 0.00 ? 119 LYS A HE2  1 
ATOM   44  H  HE3  . LYS A 1 38 ? 13.955  1.669   0.242   1.00 0.00 ? 119 LYS A HE3  1 
ATOM   45  H  HZ1  . LYS A 1 38 ? 13.141  1.701   -1.959  1.00 0.00 ? 119 LYS A HZ1  1 
ATOM   46  H  HZ2  . LYS A 1 38 ? 13.782  0.172   -1.591  1.00 0.00 ? 119 LYS A HZ2  1 
ATOM   47  H  HZ3  . LYS A 1 38 ? 12.101  0.396   -1.645  1.00 0.00 ? 119 LYS A HZ3  1 
ATOM   48  N  N    . CYS A 1 39 ? 9.554   -1.074  4.189   1.00 0.00 ? 120 CYS A N    1 
ATOM   49  C  CA   . CYS A 1 39 ? 8.307   -0.342  4.314   1.00 0.00 ? 120 CYS A CA   1 
ATOM   50  C  C    . CYS A 1 39 ? 8.682   1.060   4.770   1.00 0.00 ? 120 CYS A C    1 
ATOM   51  O  O    . CYS A 1 39 ? 9.203   1.277   5.857   1.00 0.00 ? 120 CYS A O    1 
ATOM   52  C  CB   . CYS A 1 39 ? 7.385   -1.004  5.323   1.00 0.00 ? 120 CYS A CB   1 
ATOM   53  S  SG   . CYS A 1 39 ? 5.952   0.002   5.755   1.00 0.00 ? 120 CYS A SG   1 
ATOM   54  H  H    . CYS A 1 39 ? 9.910   -1.536  5.004   1.00 0.00 ? 120 CYS A H    1 
ATOM   55  H  HA   . CYS A 1 39 ? 7.802   -0.304  3.352   1.00 0.00 ? 120 CYS A HA   1 
ATOM   56  H  HB2  . CYS A 1 39 ? 7.038   -1.963  4.942   1.00 0.00 ? 120 CYS A HB2  1 
ATOM   57  H  HB3  . CYS A 1 39 ? 7.924   -1.216  6.243   1.00 0.00 ? 120 CYS A HB3  1 
ATOM   58  N  N    . SER A 1 40 ? 8.378   1.982   3.842   1.00 0.00 ? 121 SER A N    1 
ATOM   59  C  CA   . SER A 1 40 ? 8.664   3.388   4.050   1.00 0.00 ? 121 SER A CA   1 
ATOM   60  C  C    . SER A 1 40 ? 7.560   4.080   4.881   1.00 0.00 ? 121 SER A C    1 
ATOM   61  O  O    . SER A 1 40 ? 7.601   5.291   5.070   1.00 0.00 ? 121 SER A O    1 
ATOM   62  C  CB   . SER A 1 40 ? 8.840   4.010   2.629   1.00 0.00 ? 121 SER A CB   1 
ATOM   63  O  OG   . SER A 1 40 ? 9.141   3.122   1.475   1.00 0.00 ? 121 SER A OG   1 
ATOM   64  H  H    . SER A 1 40 ? 7.939   1.696   2.991   1.00 0.00 ? 121 SER A H    1 
ATOM   65  H  HA   . SER A 1 40 ? 9.608   3.466   4.597   1.00 0.00 ? 121 SER A HA   1 
ATOM   66  H  HB2  . SER A 1 40 ? 7.995   4.718   2.421   1.00 0.00 ? 121 SER A HB2  1 
ATOM   67  H  HB3  . SER A 1 40 ? 9.638   4.782   2.738   1.00 0.00 ? 121 SER A HB3  1 
ATOM   68  H  HG   . SER A 1 40 ? 9.040   2.127   1.475   1.00 0.00 ? 121 SER A HG   1 
ATOM   69  N  N    . ALA A 1 41 ? 6.580   3.266   5.360   1.00 0.00 ? 122 ALA A N    1 
ATOM   70  C  CA   . ALA A 1 41 ? 5.478   3.829   6.137   1.00 0.00 ? 122 ALA A CA   1 
ATOM   71  C  C    . ALA A 1 41 ? 5.851   3.905   7.624   1.00 0.00 ? 122 ALA A C    1 
ATOM   72  O  O    . ALA A 1 41 ? 5.833   4.971   8.228   1.00 0.00 ? 122 ALA A O    1 
ATOM   73  C  CB   . ALA A 1 41 ? 4.224   2.981   5.919   1.00 0.00 ? 122 ALA A CB   1 
ATOM   74  H  H    . ALA A 1 41 ? 6.584   2.270   5.231   1.00 0.00 ? 122 ALA A H    1 
ATOM   75  H  HA   . ALA A 1 41 ? 5.277   4.841   5.779   1.00 0.00 ? 122 ALA A HA   1 
ATOM   76  H  HB1  . ALA A 1 41 ? 4.374   1.968   6.280   1.00 0.00 ? 122 ALA A HB1  1 
ATOM   77  H  HB2  . ALA A 1 41 ? 3.365   3.401   6.442   1.00 0.00 ? 122 ALA A HB2  1 
ATOM   78  H  HB3  . ALA A 1 41 ? 3.970   2.926   4.860   1.00 0.00 ? 122 ALA A HB3  1 
ATOM   79  N  N    . CYS A 1 42 ? 6.186   2.713   8.168   1.00 0.00 ? 123 CYS A N    1 
ATOM   80  C  CA   . CYS A 1 42 ? 6.571   2.609   9.572   1.00 0.00 ? 123 CYS A CA   1 
ATOM   81  C  C    . CYS A 1 42 ? 8.092   2.777   9.731   1.00 0.00 ? 123 CYS A C    1 
ATOM   82  O  O    . CYS A 1 42 ? 8.594   2.969   10.832  1.00 0.00 ? 123 CYS A O    1 
ATOM   83  C  CB   . CYS A 1 42 ? 6.120   1.253   10.122  1.00 0.00 ? 123 CYS A CB   1 
ATOM   84  S  SG   . CYS A 1 42 ? 6.898   -0.175  9.328   1.00 0.00 ? 123 CYS A SG   1 
ATOM   85  H  H    . CYS A 1 42 ? 6.238   1.886   7.607   1.00 0.00 ? 123 CYS A H    1 
ATOM   86  H  HA   . CYS A 1 42 ? 6.075   3.402   10.137  1.00 0.00 ? 123 CYS A HA   1 
ATOM   87  H  HB2  . CYS A 1 42 ? 6.332   1.207   11.190  1.00 0.00 ? 123 CYS A HB2  1 
ATOM   88  H  HB3  . CYS A 1 42 ? 5.038   1.157   10.023  1.00 0.00 ? 123 CYS A HB3  1 
ATOM   89  N  N    . GLY A 1 43 ? 8.782   2.690   8.569   1.00 0.00 ? 124 GLY A N    1 
ATOM   90  C  CA   . GLY A 1 43 ? 10.230  2.825   8.536   1.00 0.00 ? 124 GLY A CA   1 
ATOM   91  C  C    . GLY A 1 43 ? 10.953  1.489   8.774   1.00 0.00 ? 124 GLY A C    1 
ATOM   92  O  O    . GLY A 1 43 ? 12.173  1.423   8.682   1.00 0.00 ? 124 GLY A O    1 
ATOM   93  H  H    . GLY A 1 43 ? 8.314   2.513   7.705   1.00 0.00 ? 124 GLY A H    1 
ATOM   94  H  HA2  . GLY A 1 43 ? 10.482  3.202   7.544   1.00 0.00 ? 124 GLY A HA2  1 
ATOM   95  H  HA3  . GLY A 1 43 ? 10.541  3.565   9.275   1.00 0.00 ? 124 GLY A HA3  1 
ATOM   96  N  N    . ASP A 1 44 ? 10.151  0.439   9.082   1.00 0.00 ? 125 ASP A N    1 
ATOM   97  C  CA   . ASP A 1 44 ? 10.737  -0.879  9.330   1.00 0.00 ? 125 ASP A CA   1 
ATOM   98  C  C    . ASP A 1 44 ? 10.837  -1.622  7.996   1.00 0.00 ? 125 ASP A C    1 
ATOM   99  O  O    . ASP A 1 44 ? 10.139  -1.300  7.043   1.00 0.00 ? 125 ASP A O    1 
ATOM   100 C  CB   . ASP A 1 44 ? 9.866   -1.664  10.324  1.00 0.00 ? 125 ASP A CB   1 
ATOM   101 C  CG   . ASP A 1 44 ? 9.760   -0.924  11.671  1.00 0.00 ? 125 ASP A CG   1 
ATOM   102 O  OD1  . ASP A 1 44 ? 10.676  -1.047  12.485  1.00 0.00 ? 125 ASP A OD1  1 
ATOM   103 O  OD2  . ASP A 1 44 ? 8.765   -0.234  11.893  1.00 0.00 ? 125 ASP A OD2  1 
ATOM   104 H  H    . ASP A 1 44 ? 9.149   0.532   9.104   1.00 0.00 ? 125 ASP A H    1 
ATOM   105 H  HA   . ASP A 1 44 ? 11.743  -0.754  9.743   1.00 0.00 ? 125 ASP A HA   1 
ATOM   106 H  HB2  . ASP A 1 44 ? 8.868   -1.829  9.921   1.00 0.00 ? 125 ASP A HB2  1 
ATOM   107 H  HB3  . ASP A 1 44 ? 10.293  -2.652  10.505  1.00 0.00 ? 125 ASP A HB3  1 
ATOM   108 N  N    . SER A 1 45 ? 11.752  -2.619  7.973   1.00 0.00 ? 126 SER A N    1 
ATOM   109 C  CA   . SER A 1 45 ? 11.903  -3.382  6.737   1.00 0.00 ? 126 SER A CA   1 
ATOM   110 C  C    . SER A 1 45 ? 10.821  -4.460  6.694   1.00 0.00 ? 126 SER A C    1 
ATOM   111 O  O    . SER A 1 45 ? 10.293  -4.867  7.723   1.00 0.00 ? 126 SER A O    1 
ATOM   112 C  CB   . SER A 1 45 ? 13.288  -4.083  6.659   1.00 0.00 ? 126 SER A CB   1 
ATOM   113 O  OG   . SER A 1 45 ? 13.510  -5.179  5.675   1.00 0.00 ? 126 SER A OG   1 
ATOM   114 H  H    . SER A 1 45 ? 12.296  -2.840  8.782   1.00 0.00 ? 126 SER A H    1 
ATOM   115 H  HA   . SER A 1 45 ? 11.780  -2.680  5.910   1.00 0.00 ? 126 SER A HA   1 
ATOM   116 H  HB2  . SER A 1 45 ? 14.051  -3.275  6.545   1.00 0.00 ? 126 SER A HB2  1 
ATOM   117 H  HB3  . SER A 1 45 ? 13.552  -4.407  7.697   1.00 0.00 ? 126 SER A HB3  1 
ATOM   118 H  HG   . SER A 1 45 ? 12.815  -5.550  5.056   1.00 0.00 ? 126 SER A HG   1 
ATOM   119 N  N    . VAL A 1 46 ? 10.533  -4.904  5.449   1.00 0.00 ? 127 VAL A N    1 
ATOM   120 C  CA   . VAL A 1 46 ? 9.545   -5.927  5.235   1.00 0.00 ? 127 VAL A CA   1 
ATOM   121 C  C    . VAL A 1 46 ? 10.179  -7.317  5.377   1.00 0.00 ? 127 VAL A C    1 
ATOM   122 O  O    . VAL A 1 46 ? 11.393  -7.480  5.379   1.00 0.00 ? 127 VAL A O    1 
ATOM   123 C  CB   . VAL A 1 46 ? 8.886   -5.726  3.869   1.00 0.00 ? 127 VAL A CB   1 
ATOM   124 C  CG1  . VAL A 1 46 ? 8.189   -4.364  3.773   1.00 0.00 ? 127 VAL A CG1  1 
ATOM   125 C  CG2  . VAL A 1 46 ? 9.840   -5.941  2.692   1.00 0.00 ? 127 VAL A CG2  1 
ATOM   126 H  H    . VAL A 1 46 ? 10.904  -4.574  4.587   1.00 0.00 ? 127 VAL A H    1 
ATOM   127 H  HA   . VAL A 1 46 ? 8.802   -5.797  6.007   1.00 0.00 ? 127 VAL A HA   1 
ATOM   128 H  HB   . VAL A 1 46 ? 8.119   -6.479  3.820   1.00 0.00 ? 127 VAL A HB   1 
ATOM   129 H  HG11 . VAL A 1 46 ? 7.606   -4.271  2.859   1.00 0.00 ? 127 VAL A HG11 1 
ATOM   130 H  HG12 . VAL A 1 46 ? 7.510   -4.212  4.613   1.00 0.00 ? 127 VAL A HG12 1 
ATOM   131 H  HG13 . VAL A 1 46 ? 8.919   -3.559  3.779   1.00 0.00 ? 127 VAL A HG13 1 
ATOM   132 H  HG21 . VAL A 1 46 ? 10.563  -5.143  2.662   1.00 0.00 ? 127 VAL A HG21 1 
ATOM   133 H  HG22 . VAL A 1 46 ? 10.362  -6.893  2.754   1.00 0.00 ? 127 VAL A HG22 1 
ATOM   134 H  HG23 . VAL A 1 46 ? 9.328   -5.906  1.735   1.00 0.00 ? 127 VAL A HG23 1 
ATOM   135 N  N    . TYR A 1 47 ? 9.254   -8.292  5.494   1.00 0.00 ? 128 TYR A N    1 
ATOM   136 C  CA   . TYR A 1 47 ? 9.629   -9.691  5.634   1.00 0.00 ? 128 TYR A CA   1 
ATOM   137 C  C    . TYR A 1 47 ? 10.004  -10.257 4.246   1.00 0.00 ? 128 TYR A C    1 
ATOM   138 O  O    . TYR A 1 47 ? 11.131  -10.104 3.791   1.00 0.00 ? 128 TYR A O    1 
ATOM   139 C  CB   . TYR A 1 47 ? 8.476   -10.426 6.352   1.00 0.00 ? 128 TYR A CB   1 
ATOM   140 C  CG   . TYR A 1 47 ? 8.634   -11.926 6.398   1.00 0.00 ? 128 TYR A CG   1 
ATOM   141 C  CD1  . TYR A 1 47 ? 9.824   -12.518 6.802   1.00 0.00 ? 128 TYR A CD1  1 
ATOM   142 C  CD2  . TYR A 1 47 ? 7.584   -12.743 6.001   1.00 0.00 ? 128 TYR A CD2  1 
ATOM   143 C  CE1  . TYR A 1 47 ? 9.971   -13.899 6.796   1.00 0.00 ? 128 TYR A CE1  1 
ATOM   144 C  CE2  . TYR A 1 47 ? 7.711   -14.123 5.989   1.00 0.00 ? 128 TYR A CE2  1 
ATOM   145 C  CZ   . TYR A 1 47 ? 8.911   -14.720 6.394   1.00 0.00 ? 128 TYR A CZ   1 
ATOM   146 O  OH   . TYR A 1 47 ? 9.056   -16.104 6.375   1.00 0.00 ? 128 TYR A OH   1 
ATOM   147 H  H    . TYR A 1 47 ? 8.285   -8.048  5.474   1.00 0.00 ? 128 TYR A H    1 
ATOM   148 H  HA   . TYR A 1 47 ? 10.522  -9.729  6.261   1.00 0.00 ? 128 TYR A HA   1 
ATOM   149 H  HB2  . TYR A 1 47 ? 8.383   -10.057 7.373   1.00 0.00 ? 128 TYR A HB2  1 
ATOM   150 H  HB3  . TYR A 1 47 ? 7.532   -10.181 5.860   1.00 0.00 ? 128 TYR A HB3  1 
ATOM   151 H  HD1  . TYR A 1 47 ? 10.654  -11.902 7.116   1.00 0.00 ? 128 TYR A HD1  1 
ATOM   152 H  HD2  . TYR A 1 47 ? 6.655   -12.304 5.678   1.00 0.00 ? 128 TYR A HD2  1 
ATOM   153 H  HE1  . TYR A 1 47 ? 10.947  -14.269 7.094   1.00 0.00 ? 128 TYR A HE1  1 
ATOM   154 H  HE2  . TYR A 1 47 ? 6.844   -14.666 5.627   1.00 0.00 ? 128 TYR A HE2  1 
ATOM   155 H  HH   . TYR A 1 47 ? 8.786   -16.537 7.184   1.00 0.00 ? 128 TYR A HH   1 
ATOM   156 N  N    . ALA A 1 48 ? 9.003   -10.909 3.614   1.00 0.00 ? 129 ALA A N    1 
ATOM   157 C  CA   . ALA A 1 48 ? 9.194   -11.525 2.307   1.00 0.00 ? 129 ALA A CA   1 
ATOM   158 C  C    . ALA A 1 48 ? 7.827   -11.995 1.789   1.00 0.00 ? 129 ALA A C    1 
ATOM   159 O  O    . ALA A 1 48 ? 7.379   -11.621 0.712   1.00 0.00 ? 129 ALA A O    1 
ATOM   160 C  CB   . ALA A 1 48 ? 10.160  -12.717 2.420   1.00 0.00 ? 129 ALA A CB   1 
ATOM   161 H  H    . ALA A 1 48 ? 8.105   -10.963 4.049   1.00 0.00 ? 129 ALA A H    1 
ATOM   162 H  HA   . ALA A 1 48 ? 9.596   -10.776 1.625   1.00 0.00 ? 129 ALA A HA   1 
ATOM   163 H  HB1  . ALA A 1 48 ? 10.253  -13.242 1.469   1.00 0.00 ? 129 ALA A HB1  1 
ATOM   164 H  HB2  . ALA A 1 48 ? 11.160  -12.391 2.705   1.00 0.00 ? 129 ALA A HB2  1 
ATOM   165 H  HB3  . ALA A 1 48 ? 9.826   -13.436 3.170   1.00 0.00 ? 129 ALA A HB3  1 
ATOM   166 N  N    . ALA A 1 49 ? 7.212   -12.842 2.645   1.00 0.00 ? 130 ALA A N    1 
ATOM   167 C  CA   . ALA A 1 49 ? 5.909   -13.434 2.375   1.00 0.00 ? 130 ALA A CA   1 
ATOM   168 C  C    . ALA A 1 49 ? 4.888   -12.911 3.397   1.00 0.00 ? 130 ALA A C    1 
ATOM   169 O  O    . ALA A 1 49 ? 4.414   -13.632 4.266   1.00 0.00 ? 130 ALA A O    1 
ATOM   170 C  CB   . ALA A 1 49 ? 6.044   -14.959 2.455   1.00 0.00 ? 130 ALA A CB   1 
ATOM   171 H  H    . ALA A 1 49 ? 7.676   -13.076 3.498   1.00 0.00 ? 130 ALA A H    1 
ATOM   172 H  HA   . ALA A 1 49 ? 5.578   -13.147 1.376   1.00 0.00 ? 130 ALA A HA   1 
ATOM   173 H  HB1  . ALA A 1 49 ? 5.091   -15.455 2.267   1.00 0.00 ? 130 ALA A HB1  1 
ATOM   174 H  HB2  . ALA A 1 49 ? 6.754   -15.321 1.712   1.00 0.00 ? 130 ALA A HB2  1 
ATOM   175 H  HB3  . ALA A 1 49 ? 6.404   -15.281 3.433   1.00 0.00 ? 130 ALA A HB3  1 
ATOM   176 N  N    . GLU A 1 50 ? 4.590   -11.607 3.219   1.00 0.00 ? 131 GLU A N    1 
ATOM   177 C  CA   . GLU A 1 50 ? 3.632   -10.924 4.085   1.00 0.00 ? 131 GLU A CA   1 
ATOM   178 C  C    . GLU A 1 50 ? 3.229   -9.606  3.421   1.00 0.00 ? 131 GLU A C    1 
ATOM   179 O  O    . GLU A 1 50 ? 2.075   -9.380  3.076   1.00 0.00 ? 131 GLU A O    1 
ATOM   180 C  CB   . GLU A 1 50 ? 4.245   -10.662 5.475   1.00 0.00 ? 131 GLU A CB   1 
ATOM   181 C  CG   . GLU A 1 50 ? 3.297   -9.929  6.440   1.00 0.00 ? 131 GLU A CG   1 
ATOM   182 C  CD   . GLU A 1 50 ? 3.995   -9.664  7.785   1.00 0.00 ? 131 GLU A CD   1 
ATOM   183 O  OE1  . GLU A 1 50 ? 3.956   -10.536 8.652   1.00 0.00 ? 131 GLU A OE1  1 
ATOM   184 O  OE2  . GLU A 1 50 ? 4.571   -8.589  7.949   1.00 0.00 ? 131 GLU A OE2  1 
ATOM   185 H  H    . GLU A 1 50 ? 5.042   -11.100 2.485   1.00 0.00 ? 131 GLU A H    1 
ATOM   186 H  HA   . GLU A 1 50 ? 2.739   -11.547 4.171   1.00 0.00 ? 131 GLU A HA   1 
ATOM   187 H  HB2  . GLU A 1 50 ? 4.532   -11.611 5.926   1.00 0.00 ? 131 GLU A HB2  1 
ATOM   188 H  HB3  . GLU A 1 50 ? 5.164   -10.082 5.369   1.00 0.00 ? 131 GLU A HB3  1 
ATOM   189 H  HG2  . GLU A 1 50 ? 2.974   -8.977  6.017   1.00 0.00 ? 131 GLU A HG2  1 
ATOM   190 H  HG3  . GLU A 1 50 ? 2.399   -10.521 6.618   1.00 0.00 ? 131 GLU A HG3  1 
ATOM   191 N  N    . LYS A 1 51 ? 4.272   -8.763  3.270   1.00 0.00 ? 132 LYS A N    1 
ATOM   192 C  CA   . LYS A 1 51 ? 4.113   -7.436  2.698   1.00 0.00 ? 132 LYS A CA   1 
ATOM   193 C  C    . LYS A 1 51 ? 3.579   -7.488  1.259   1.00 0.00 ? 132 LYS A C    1 
ATOM   194 O  O    . LYS A 1 51 ? 4.002   -8.289  0.434   1.00 0.00 ? 132 LYS A O    1 
ATOM   195 C  CB   . LYS A 1 51 ? 5.458   -6.691  2.783   1.00 0.00 ? 132 LYS A CB   1 
ATOM   196 C  CG   . LYS A 1 51 ? 6.439   -6.928  1.625   1.00 0.00 ? 132 LYS A CG   1 
ATOM   197 C  CD   . LYS A 1 51 ? 7.029   -8.340  1.530   1.00 0.00 ? 132 LYS A CD   1 
ATOM   198 C  CE   . LYS A 1 51 ? 8.000   -8.452  0.349   1.00 0.00 ? 132 LYS A CE   1 
ATOM   199 N  NZ   . LYS A 1 51 ? 7.335   -8.297  -0.940  1.00 0.00 ? 132 LYS A NZ   1 
ATOM   200 H  H    . LYS A 1 51 ? 5.181   -9.056  3.569   1.00 0.00 ? 132 LYS A H    1 
ATOM   201 H  HA   . LYS A 1 51 ? 3.388   -6.907  3.326   1.00 0.00 ? 132 LYS A HA   1 
ATOM   202 H  HB2  . LYS A 1 51 ? 5.265   -5.619  2.801   1.00 0.00 ? 132 LYS A HB2  1 
ATOM   203 H  HB3  . LYS A 1 51 ? 5.944   -6.917  3.732   1.00 0.00 ? 132 LYS A HB3  1 
ATOM   204 H  HG2  . LYS A 1 51 ? 5.983   -6.643  0.679   1.00 0.00 ? 132 LYS A HG2  1 
ATOM   205 H  HG3  . LYS A 1 51 ? 7.252   -6.223  1.748   1.00 0.00 ? 132 LYS A HG3  1 
ATOM   206 H  HD2  . LYS A 1 51 ? 7.551   -8.578  2.458   1.00 0.00 ? 132 LYS A HD2  1 
ATOM   207 H  HD3  . LYS A 1 51 ? 6.240   -9.083  1.418   1.00 0.00 ? 132 LYS A HD3  1 
ATOM   208 H  HE2  . LYS A 1 51 ? 8.782   -7.696  0.410   1.00 0.00 ? 132 LYS A HE2  1 
ATOM   209 H  HE3  . LYS A 1 51 ? 8.495   -9.420  0.340   1.00 0.00 ? 132 LYS A HE3  1 
ATOM   210 H  HZ1  . LYS A 1 51 ? 6.887   -7.360  -0.985  1.00 0.00 ? 132 LYS A HZ1  1 
ATOM   211 H  HZ2  . LYS A 1 51 ? 8.033   -8.387  -1.704  1.00 0.00 ? 132 LYS A HZ2  1 
ATOM   212 H  HZ3  . LYS A 1 51 ? 6.609   -9.033  -1.043  1.00 0.00 ? 132 LYS A HZ3  1 
ATOM   213 N  N    . VAL A 1 52 ? 2.619   -6.571  1.041   1.00 0.00 ? 133 VAL A N    1 
ATOM   214 C  CA   . VAL A 1 52 ? 1.984   -6.385  -0.240  1.00 0.00 ? 133 VAL A CA   1 
ATOM   215 C  C    . VAL A 1 52 ? 2.845   -5.356  -0.985  1.00 0.00 ? 133 VAL A C    1 
ATOM   216 O  O    . VAL A 1 52 ? 3.209   -4.325  -0.433  1.00 0.00 ? 133 VAL A O    1 
ATOM   217 C  CB   . VAL A 1 52 ? 0.538   -5.902  -0.033  1.00 0.00 ? 133 VAL A CB   1 
ATOM   218 C  CG1  . VAL A 1 52 ? -0.196  -5.645  -1.357  1.00 0.00 ? 133 VAL A CG1  1 
ATOM   219 C  CG2  . VAL A 1 52 ? -0.264  -6.885  0.831   1.00 0.00 ? 133 VAL A CG2  1 
ATOM   220 H  H    . VAL A 1 52 ? 2.280   -5.994  1.771   1.00 0.00 ? 133 VAL A H    1 
ATOM   221 H  HA   . VAL A 1 52 ? 1.996   -7.348  -0.731  1.00 0.00 ? 133 VAL A HA   1 
ATOM   222 H  HB   . VAL A 1 52 ? 0.586   -4.960  0.506   1.00 0.00 ? 133 VAL A HB   1 
ATOM   223 H  HG11 . VAL A 1 52 ? -0.255  -6.554  -1.956  1.00 0.00 ? 133 VAL A HG11 1 
ATOM   224 H  HG12 . VAL A 1 52 ? -1.213  -5.298  -1.176  1.00 0.00 ? 133 VAL A HG12 1 
ATOM   225 H  HG13 . VAL A 1 52 ? 0.306   -4.883  -1.955  1.00 0.00 ? 133 VAL A HG13 1 
ATOM   226 H  HG21 . VAL A 1 52 ? -1.275  -6.514  0.991   1.00 0.00 ? 133 VAL A HG21 1 
ATOM   227 H  HG22 . VAL A 1 52 ? -0.335  -7.865  0.357   1.00 0.00 ? 133 VAL A HG22 1 
ATOM   228 H  HG23 . VAL A 1 52 ? 0.185   -7.017  1.814   1.00 0.00 ? 133 VAL A HG23 1 
ATOM   229 N  N    . ILE A 1 53 ? 3.165   -5.708  -2.246  1.00 0.00 ? 134 ILE A N    1 
ATOM   230 C  CA   . ILE A 1 53 ? 3.991   -4.839  -3.076  1.00 0.00 ? 134 ILE A CA   1 
ATOM   231 C  C    . ILE A 1 53 ? 3.103   -4.034  -4.038  1.00 0.00 ? 134 ILE A C    1 
ATOM   232 O  O    . ILE A 1 53 ? 2.175   -4.548  -4.650  1.00 0.00 ? 134 ILE A O    1 
ATOM   233 C  CB   . ILE A 1 53 ? 5.047   -5.692  -3.802  1.00 0.00 ? 134 ILE A CB   1 
ATOM   234 C  CG1  . ILE A 1 53 ? 6.133   -4.806  -4.441  1.00 0.00 ? 134 ILE A CG1  1 
ATOM   235 C  CG2  . ILE A 1 53 ? 4.433   -6.663  -4.827  1.00 0.00 ? 134 ILE A CG2  1 
ATOM   236 C  CD1  . ILE A 1 53 ? 7.390   -5.589  -4.837  1.00 0.00 ? 134 ILE A CD1  1 
ATOM   237 H  H    . ILE A 1 53 ? 2.850   -6.581  -2.619  1.00 0.00 ? 134 ILE A H    1 
ATOM   238 H  HA   . ILE A 1 53 ? 4.516   -4.138  -2.424  1.00 0.00 ? 134 ILE A HA   1 
ATOM   239 H  HB   . ILE A 1 53 ? 5.521   -6.299  -3.030  1.00 0.00 ? 134 ILE A HB   1 
ATOM   240 H  HG12 . ILE A 1 53 ? 5.726   -4.292  -5.311  1.00 0.00 ? 134 ILE A HG12 1 
ATOM   241 H  HG13 . ILE A 1 53 ? 6.427   -4.028  -3.736  1.00 0.00 ? 134 ILE A HG13 1 
ATOM   242 H  HG21 . ILE A 1 53 ? 4.018   -6.129  -5.682  1.00 0.00 ? 134 ILE A HG21 1 
ATOM   243 H  HG22 . ILE A 1 53 ? 5.180   -7.358  -5.206  1.00 0.00 ? 134 ILE A HG22 1 
ATOM   244 H  HG23 . ILE A 1 53 ? 3.635   -7.259  -4.385  1.00 0.00 ? 134 ILE A HG23 1 
ATOM   245 H  HD11 . ILE A 1 53 ? 7.827   -6.088  -3.972  1.00 0.00 ? 134 ILE A HD11 1 
ATOM   246 H  HD12 . ILE A 1 53 ? 7.169   -6.345  -5.589  1.00 0.00 ? 134 ILE A HD12 1 
ATOM   247 H  HD13 . ILE A 1 53 ? 8.147   -4.928  -5.256  1.00 0.00 ? 134 ILE A HD13 1 
ATOM   248 N  N    . GLY A 1 54 ? 3.465   -2.735  -4.107  1.00 0.00 ? 135 GLY A N    1 
ATOM   249 C  CA   . GLY A 1 54 ? 2.792   -1.770  -4.965  1.00 0.00 ? 135 GLY A CA   1 
ATOM   250 C  C    . GLY A 1 54 ? 3.735   -1.384  -6.109  1.00 0.00 ? 135 GLY A C    1 
ATOM   251 O  O    . GLY A 1 54 ? 4.005   -0.216  -6.356  1.00 0.00 ? 135 GLY A O    1 
ATOM   252 H  H    . GLY A 1 54 ? 4.240   -2.428  -3.558  1.00 0.00 ? 135 GLY A H    1 
ATOM   253 H  HA2  . GLY A 1 54 ? 1.863   -2.187  -5.355  1.00 0.00 ? 135 GLY A HA2  1 
ATOM   254 H  HA3  . GLY A 1 54 ? 2.568   -0.899  -4.350  1.00 0.00 ? 135 GLY A HA3  1 
ATOM   255 N  N    . ALA A 1 55 ? 4.222   -2.457  -6.775  1.00 0.00 ? 136 ALA A N    1 
ATOM   256 C  CA   . ALA A 1 55 ? 5.154   -2.345  -7.895  1.00 0.00 ? 136 ALA A CA   1 
ATOM   257 C  C    . ALA A 1 55 ? 6.470   -1.713  -7.412  1.00 0.00 ? 136 ALA A C    1 
ATOM   258 O  O    . ALA A 1 55 ? 6.696   -0.515  -7.538  1.00 0.00 ? 136 ALA A O    1 
ATOM   259 C  CB   . ALA A 1 55 ? 4.522   -1.579  -9.066  1.00 0.00 ? 136 ALA A CB   1 
ATOM   260 H  H    . ALA A 1 55 ? 3.937   -3.370  -6.483  1.00 0.00 ? 136 ALA A H    1 
ATOM   261 H  HA   . ALA A 1 55 ? 5.370   -3.365  -8.224  1.00 0.00 ? 136 ALA A HA   1 
ATOM   262 H  HB1  . ALA A 1 55 ? 4.306   -0.540  -8.814  1.00 0.00 ? 136 ALA A HB1  1 
ATOM   263 H  HB2  . ALA A 1 55 ? 5.184   -1.576  -9.932  1.00 0.00 ? 136 ALA A HB2  1 
ATOM   264 H  HB3  . ALA A 1 55 ? 3.585   -2.046  -9.370  1.00 0.00 ? 136 ALA A HB3  1 
ATOM   265 N  N    . GLY A 1 56 ? 7.308   -2.611  -6.851  1.00 0.00 ? 137 GLY A N    1 
ATOM   266 C  CA   . GLY A 1 56 ? 8.604   -2.217  -6.317  1.00 0.00 ? 137 GLY A CA   1 
ATOM   267 C  C    . GLY A 1 56 ? 8.494   -1.961  -4.811  1.00 0.00 ? 137 GLY A C    1 
ATOM   268 O  O    . GLY A 1 56 ? 8.861   -2.793  -3.993  1.00 0.00 ? 137 GLY A O    1 
ATOM   269 H  H    . GLY A 1 56 ? 7.025   -3.568  -6.784  1.00 0.00 ? 137 GLY A H    1 
ATOM   270 H  HA2  . GLY A 1 56 ? 9.287   -3.046  -6.500  1.00 0.00 ? 137 GLY A HA2  1 
ATOM   271 H  HA3  . GLY A 1 56 ? 8.971   -1.334  -6.844  1.00 0.00 ? 137 GLY A HA3  1 
ATOM   272 N  N    . LYS A 1 57 ? 7.957   -0.750  -4.531  1.00 0.00 ? 138 LYS A N    1 
ATOM   273 C  CA   . LYS A 1 57 ? 7.725   -0.218  -3.187  1.00 0.00 ? 138 LYS A CA   1 
ATOM   274 C  C    . LYS A 1 57 ? 6.880   -1.206  -2.328  1.00 0.00 ? 138 LYS A C    1 
ATOM   275 O  O    . LYS A 1 57 ? 5.687   -1.361  -2.547  1.00 0.00 ? 138 LYS A O    1 
ATOM   276 C  CB   . LYS A 1 57 ? 7.038   1.153   -3.352  1.00 0.00 ? 138 LYS A CB   1 
ATOM   277 C  CG   . LYS A 1 57 ? 5.800   1.124   -4.283  1.00 0.00 ? 138 LYS A CG   1 
ATOM   278 C  CD   . LYS A 1 57 ? 4.795   2.274   -4.118  1.00 0.00 ? 138 LYS A CD   1 
ATOM   279 C  CE   . LYS A 1 57 ? 5.309   3.642   -4.564  1.00 0.00 ? 138 LYS A CE   1 
ATOM   280 N  NZ   . LYS A 1 57 ? 6.333   4.208   -3.694  1.00 0.00 ? 138 LYS A NZ   1 
ATOM   281 H  H    . LYS A 1 57 ? 7.699   -0.179  -5.309  1.00 0.00 ? 138 LYS A H    1 
ATOM   282 H  HA   . LYS A 1 57 ? 8.697   -0.040  -2.729  1.00 0.00 ? 138 LYS A HA   1 
ATOM   283 H  HB2  . LYS A 1 57 ? 6.810   1.560   -2.370  1.00 0.00 ? 138 LYS A HB2  1 
ATOM   284 H  HB3  . LYS A 1 57 ? 7.769   1.848   -3.767  1.00 0.00 ? 138 LYS A HB3  1 
ATOM   285 H  HG2  . LYS A 1 57 ? 6.127   1.106   -5.318  1.00 0.00 ? 138 LYS A HG2  1 
ATOM   286 H  HG3  . LYS A 1 57 ? 5.252   0.194   -4.151  1.00 0.00 ? 138 LYS A HG3  1 
ATOM   287 H  HD2  . LYS A 1 57 ? 3.920   2.034   -4.724  1.00 0.00 ? 138 LYS A HD2  1 
ATOM   288 H  HD3  . LYS A 1 57 ? 4.426   2.329   -3.101  1.00 0.00 ? 138 LYS A HD3  1 
ATOM   289 H  HE2  . LYS A 1 57 ? 5.714   3.594   -5.573  1.00 0.00 ? 138 LYS A HE2  1 
ATOM   290 H  HE3  . LYS A 1 57 ? 4.473   4.341   -4.574  1.00 0.00 ? 138 LYS A HE3  1 
ATOM   291 H  HZ1  . LYS A 1 57 ? 6.627   5.135   -4.060  1.00 0.00 ? 138 LYS A HZ1  1 
ATOM   292 H  HZ2  . LYS A 1 57 ? 5.947   4.319   -2.736  1.00 0.00 ? 138 LYS A HZ2  1 
ATOM   293 H  HZ3  . LYS A 1 57 ? 7.154   3.569   -3.666  1.00 0.00 ? 138 LYS A HZ3  1 
ATOM   294 N  N    . PRO A 1 58 ? 7.528   -1.886  -1.337  1.00 0.00 ? 139 PRO A N    1 
ATOM   295 C  CA   . PRO A 1 58 ? 6.837   -2.855  -0.487  1.00 0.00 ? 139 PRO A CA   1 
ATOM   296 C  C    . PRO A 1 58 ? 6.436   -2.246  0.865   1.00 0.00 ? 139 PRO A C    1 
ATOM   297 O  O    . PRO A 1 58 ? 7.212   -1.549  1.500   1.00 0.00 ? 139 PRO A O    1 
ATOM   298 C  CB   . PRO A 1 58 ? 7.926   -3.904  -0.267  1.00 0.00 ? 139 PRO A CB   1 
ATOM   299 C  CG   . PRO A 1 58 ? 9.226   -3.095  -0.214  1.00 0.00 ? 139 PRO A CG   1 
ATOM   300 C  CD   . PRO A 1 58 ? 8.966   -1.834  -1.050  1.00 0.00 ? 139 PRO A CD   1 
ATOM   301 H  HA   . PRO A 1 58 ? 5.940   -3.246  -0.974  1.00 0.00 ? 139 PRO A HA   1 
ATOM   302 H  HB2  . PRO A 1 58 ? 7.767   -4.516  0.617   1.00 0.00 ? 139 PRO A HB2  1 
ATOM   303 H  HB3  . PRO A 1 58 ? 7.966   -4.567  -1.130  1.00 0.00 ? 139 PRO A HB3  1 
ATOM   304 H  HG2  . PRO A 1 58 ? 9.429   -2.830  0.824   1.00 0.00 ? 139 PRO A HG2  1 
ATOM   305 H  HG3  . PRO A 1 58 ? 10.072  -3.654  -0.604  1.00 0.00 ? 139 PRO A HG3  1 
ATOM   306 H  HD2  . PRO A 1 58 ? 9.208   -0.924  -0.499  1.00 0.00 ? 139 PRO A HD2  1 
ATOM   307 H  HD3  . PRO A 1 58 ? 9.566   -1.853  -1.956  1.00 0.00 ? 139 PRO A HD3  1 
ATOM   308 N  N    . TRP A 1 59 ? 5.179   -2.550  1.241   1.00 0.00 ? 140 TRP A N    1 
ATOM   309 C  CA   . TRP A 1 59 ? 4.584   -2.063  2.475   1.00 0.00 ? 140 TRP A CA   1 
ATOM   310 C  C    . TRP A 1 59 ? 3.925   -3.236  3.195   1.00 0.00 ? 140 TRP A C    1 
ATOM   311 O  O    . TRP A 1 59 ? 3.458   -4.180  2.572   1.00 0.00 ? 140 TRP A O    1 
ATOM   312 C  CB   . TRP A 1 59 ? 3.468   -1.073  2.130   1.00 0.00 ? 140 TRP A CB   1 
ATOM   313 C  CG   . TRP A 1 59 ? 3.857   -0.173  0.979   1.00 0.00 ? 140 TRP A CG   1 
ATOM   314 C  CD1  . TRP A 1 59 ? 3.606   -0.381  -0.380  1.00 0.00 ? 140 TRP A CD1  1 
ATOM   315 C  CD2  . TRP A 1 59 ? 4.523   1.091   1.081   1.00 0.00 ? 140 TRP A CD2  1 
ATOM   316 N  NE1  . TRP A 1 59 ? 4.061   0.684   -1.086  1.00 0.00 ? 140 TRP A NE1  1 
ATOM   317 C  CE2  . TRP A 1 59 ? 4.637   1.614   -0.225  1.00 0.00 ? 140 TRP A CE2  1 
ATOM   318 C  CE3  . TRP A 1 59 ? 5.003   1.781   2.152   1.00 0.00 ? 140 TRP A CE3  1 
ATOM   319 C  CZ2  . TRP A 1 59 ? 5.239   2.829   -0.414  1.00 0.00 ? 140 TRP A CZ2  1 
ATOM   320 C  CZ3  . TRP A 1 59 ? 5.612   3.017   1.961   1.00 0.00 ? 140 TRP A CZ3  1 
ATOM   321 C  CH2  . TRP A 1 59 ? 5.733   3.544   0.677   1.00 0.00 ? 140 TRP A CH2  1 
ATOM   322 H  H    . TRP A 1 59 ? 4.605   -3.126  0.670   1.00 0.00 ? 140 TRP A H    1 
ATOM   323 H  HA   . TRP A 1 59 ? 5.347   -1.607  3.110   1.00 0.00 ? 140 TRP A HA   1 
ATOM   324 H  HB2  . TRP A 1 59 ? 2.554   -1.599  1.864   1.00 0.00 ? 140 TRP A HB2  1 
ATOM   325 H  HB3  . TRP A 1 59 ? 3.222   -0.462  3.000   1.00 0.00 ? 140 TRP A HB3  1 
ATOM   326 H  HD1  . TRP A 1 59 ? 3.180   -1.277  -0.808  1.00 0.00 ? 140 TRP A HD1  1 
ATOM   327 H  HE1  . TRP A 1 59 ? 3.965   0.791   -2.058  1.00 0.00 ? 140 TRP A HE1  1 
ATOM   328 H  HE3  . TRP A 1 59 ? 4.919   1.324   3.126   1.00 0.00 ? 140 TRP A HE3  1 
ATOM   329 H  HZ2  . TRP A 1 59 ? 5.341   3.239   -1.405  1.00 0.00 ? 140 TRP A HZ2  1 
ATOM   330 H  HZ3  . TRP A 1 59 ? 5.990   3.573   2.800   1.00 0.00 ? 140 TRP A HZ3  1 
ATOM   331 H  HH2  . TRP A 1 59 ? 6.219   4.496   0.529   1.00 0.00 ? 140 TRP A HH2  1 
ATOM   332 N  N    . HIS A 1 60 ? 3.884   -3.093  4.536   1.00 0.00 ? 141 HIS A N    1 
ATOM   333 C  CA   . HIS A 1 60 ? 3.264   -4.126  5.360   1.00 0.00 ? 141 HIS A CA   1 
ATOM   334 C  C    . HIS A 1 60 ? 1.753   -4.131  5.089   1.00 0.00 ? 141 HIS A C    1 
ATOM   335 O  O    . HIS A 1 60 ? 1.183   -3.160  4.606   1.00 0.00 ? 141 HIS A O    1 
ATOM   336 C  CB   . HIS A 1 60 ? 3.520   -3.846  6.848   1.00 0.00 ? 141 HIS A CB   1 
ATOM   337 C  CG   . HIS A 1 60 ? 4.986   -3.965  7.181   1.00 0.00 ? 141 HIS A CG   1 
ATOM   338 N  ND1  . HIS A 1 60 ? 5.817   -2.961  7.541   1.00 0.00 ? 141 HIS A ND1  1 
ATOM   339 C  CD2  . HIS A 1 60 ? 5.731   -5.154  7.188   1.00 0.00 ? 141 HIS A CD2  1 
ATOM   340 C  CE1  . HIS A 1 60 ? 7.020   -3.516  7.760   1.00 0.00 ? 141 HIS A CE1  1 
ATOM   341 N  NE2  . HIS A 1 60 ? 6.996   -4.845  7.555   1.00 0.00 ? 141 HIS A NE2  1 
ATOM   342 H  H    . HIS A 1 60 ? 4.217   -2.243  4.940   1.00 0.00 ? 141 HIS A H    1 
ATOM   343 H  HA   . HIS A 1 60 ? 3.681   -5.096  5.077   1.00 0.00 ? 141 HIS A HA   1 
ATOM   344 H  HB2  . HIS A 1 60 ? 3.161   -2.867  7.140   1.00 0.00 ? 141 HIS A HB2  1 
ATOM   345 H  HB3  . HIS A 1 60 ? 2.991   -4.581  7.457   1.00 0.00 ? 141 HIS A HB3  1 
ATOM   346 H  HD2  . HIS A 1 60 ? 5.329   -6.126  6.948   1.00 0.00 ? 141 HIS A HD2  1 
ATOM   347 H  HE1  . HIS A 1 60 ? 7.899   -2.966  8.061   1.00 0.00 ? 141 HIS A HE1  1 
ATOM   348 H  HE2  . HIS A 1 60 ? 4.701   -7.858  5.532   1.00 0.00 ? 141 HIS A HE2  1 
ATOM   349 N  N    . LYS A 1 61 ? 1.157   -5.294  5.432   1.00 0.00 ? 142 LYS A N    1 
ATOM   350 C  CA   . LYS A 1 61 ? -0.281  -5.493  5.249   1.00 0.00 ? 142 LYS A CA   1 
ATOM   351 C  C    . LYS A 1 61 ? -1.098  -4.465  6.059   1.00 0.00 ? 142 LYS A C    1 
ATOM   352 O  O    . LYS A 1 61 ? -2.121  -3.959  5.611   1.00 0.00 ? 142 LYS A O    1 
ATOM   353 C  CB   . LYS A 1 61 ? -0.643  -6.916  5.700   1.00 0.00 ? 142 LYS A CB   1 
ATOM   354 C  CG   . LYS A 1 61 ? 0.095   -8.012  4.915   1.00 0.00 ? 142 LYS A CG   1 
ATOM   355 C  CD   . LYS A 1 61 ? -0.196  -9.437  5.416   1.00 0.00 ? 142 LYS A CD   1 
ATOM   356 C  CE   . LYS A 1 61 ? -1.533  -10.015 4.936   1.00 0.00 ? 142 LYS A CE   1 
ATOM   357 N  NZ   . LYS A 1 61 ? -2.694  -9.465  5.625   1.00 0.00 ? 142 LYS A NZ   1 
ATOM   358 H  H    . LYS A 1 61 ? 1.718   -6.041  5.791   1.00 0.00 ? 142 LYS A H    1 
ATOM   359 H  HA   . LYS A 1 61 ? -0.515  -5.367  4.188   1.00 0.00 ? 142 LYS A HA   1 
ATOM   360 H  HB2  . LYS A 1 61 ? -0.422  -7.031  6.763   1.00 0.00 ? 142 LYS A HB2  1 
ATOM   361 H  HB3  . LYS A 1 61 ? -1.717  -7.055  5.592   1.00 0.00 ? 142 LYS A HB3  1 
ATOM   362 H  HG2  . LYS A 1 61 ? -0.144  -7.942  3.854   1.00 0.00 ? 142 LYS A HG2  1 
ATOM   363 H  HG3  . LYS A 1 61 ? 1.168   -7.836  4.991   1.00 0.00 ? 142 LYS A HG3  1 
ATOM   364 H  HD2  . LYS A 1 61 ? 0.597   -10.087 5.047   1.00 0.00 ? 142 LYS A HD2  1 
ATOM   365 H  HD3  . LYS A 1 61 ? -0.137  -9.482  6.503   1.00 0.00 ? 142 LYS A HD3  1 
ATOM   366 H  HE2  . LYS A 1 61 ? -1.671  -9.852  3.867   1.00 0.00 ? 142 LYS A HE2  1 
ATOM   367 H  HE3  . LYS A 1 61 ? -1.548  -11.092 5.102   1.00 0.00 ? 142 LYS A HE3  1 
ATOM   368 H  HZ1  . LYS A 1 61 ? -2.600  -9.634  6.648   1.00 0.00 ? 142 LYS A HZ1  1 
ATOM   369 H  HZ2  . LYS A 1 61 ? -2.749  -8.442  5.446   1.00 0.00 ? 142 LYS A HZ2  1 
ATOM   370 H  HZ3  . LYS A 1 61 ? -3.556  -9.925  5.273   1.00 0.00 ? 142 LYS A HZ3  1 
ATOM   371 N  N    . ASN A 1 62 ? -0.560  -4.193  7.269   1.00 0.00 ? 143 ASN A N    1 
ATOM   372 C  CA   . ASN A 1 62 ? -1.174  -3.263  8.212   1.00 0.00 ? 143 ASN A CA   1 
ATOM   373 C  C    . ASN A 1 62 ? -0.843  -1.801  7.866   1.00 0.00 ? 143 ASN A C    1 
ATOM   374 O  O    . ASN A 1 62 ? -1.657  -0.906  8.064   1.00 0.00 ? 143 ASN A O    1 
ATOM   375 C  CB   . ASN A 1 62 ? -0.668  -3.590  9.624   1.00 0.00 ? 143 ASN A CB   1 
ATOM   376 C  CG   . ASN A 1 62 ? -1.029  -5.030  10.023  1.00 0.00 ? 143 ASN A CG   1 
ATOM   377 O  OD1  . ASN A 1 62 ? -2.146  -5.321  10.434  1.00 0.00 ? 143 ASN A OD1  1 
ATOM   378 N  ND2  . ASN A 1 62 ? -0.014  -5.901  9.875   1.00 0.00 ? 143 ASN A ND2  1 
ATOM   379 H  H    . ASN A 1 62 ? 0.287   -4.653  7.536   1.00 0.00 ? 143 ASN A H    1 
ATOM   380 H  HA   . ASN A 1 62 ? -2.261  -3.385  8.170   1.00 0.00 ? 143 ASN A HA   1 
ATOM   381 H  HB2  . ASN A 1 62 ? 0.414   -3.462  9.687   1.00 0.00 ? 143 ASN A HB2  1 
ATOM   382 H  HB3  . ASN A 1 62 ? -1.112  -2.912  10.354  1.00 0.00 ? 143 ASN A HB3  1 
ATOM   383 H  HD21 . ASN A 1 62 ? 0.873   -5.595  9.530   1.00 0.00 ? 143 ASN A HD21 1 
ATOM   384 H  HD22 . ASN A 1 62 ? -0.133  -6.867  10.104  1.00 0.00 ? 143 ASN A HD22 1 
ATOM   385 N  N    . CYS A 1 63 ? 0.387   -1.617  7.336   1.00 0.00 ? 144 CYS A N    1 
ATOM   386 C  CA   . CYS A 1 63 ? 0.846   -0.276  6.971   1.00 0.00 ? 144 CYS A CA   1 
ATOM   387 C  C    . CYS A 1 63 ? 0.198   0.245   5.676   1.00 0.00 ? 144 CYS A C    1 
ATOM   388 O  O    . CYS A 1 63 ? 0.363   1.409   5.333   1.00 0.00 ? 144 CYS A O    1 
ATOM   389 C  CB   . CYS A 1 63 ? 2.366   -0.287  6.808   1.00 0.00 ? 144 CYS A CB   1 
ATOM   390 S  SG   . CYS A 1 63 ? 3.258   -0.593  8.353   1.00 0.00 ? 144 CYS A SG   1 
ATOM   391 H  H    . CYS A 1 63 ? 0.996   -2.398  7.194   1.00 0.00 ? 144 CYS A H    1 
ATOM   392 H  HA   . CYS A 1 63 ? 0.582   0.413   7.777   1.00 0.00 ? 144 CYS A HA   1 
ATOM   393 H  HB2  . CYS A 1 63 ? 2.662   -1.028  6.066   1.00 0.00 ? 144 CYS A HB2  1 
ATOM   394 H  HB3  . CYS A 1 63 ? 2.695   0.674   6.422   1.00 0.00 ? 144 CYS A HB3  1 
ATOM   395 N  N    . PHE A 1 64 ? -0.534  -0.658  4.980   1.00 0.00 ? 145 PHE A N    1 
ATOM   396 C  CA   . PHE A 1 64 ? -1.190  -0.264  3.738   1.00 0.00 ? 145 PHE A CA   1 
ATOM   397 C  C    . PHE A 1 64 ? -2.468  0.522   4.082   1.00 0.00 ? 145 PHE A C    1 
ATOM   398 O  O    . PHE A 1 64 ? -3.522  -0.032  4.370   1.00 0.00 ? 145 PHE A O    1 
ATOM   399 C  CB   . PHE A 1 64 ? -1.474  -1.519  2.891   1.00 0.00 ? 145 PHE A CB   1 
ATOM   400 C  CG   . PHE A 1 64 ? -0.889  -1.394  1.510   1.00 0.00 ? 145 PHE A CG   1 
ATOM   401 C  CD1  . PHE A 1 64 ? -1.240  -0.331  0.688   1.00 0.00 ? 145 PHE A CD1  1 
ATOM   402 C  CD2  . PHE A 1 64 ? 0.024   -2.329  1.043   1.00 0.00 ? 145 PHE A CD2  1 
ATOM   403 C  CE1  . PHE A 1 64 ? -0.680  -0.194  -0.576  1.00 0.00 ? 145 PHE A CE1  1 
ATOM   404 C  CE2  . PHE A 1 64 ? 0.581   -2.197  -0.221  1.00 0.00 ? 145 PHE A CE2  1 
ATOM   405 C  CZ   . PHE A 1 64 ? 0.240   -1.126  -1.030  1.00 0.00 ? 145 PHE A CZ   1 
ATOM   406 H  H    . PHE A 1 64 ? -0.632  -1.599  5.304   1.00 0.00 ? 145 PHE A H    1 
ATOM   407 H  HA   . PHE A 1 64 ? -0.502  0.397   3.204   1.00 0.00 ? 145 PHE A HA   1 
ATOM   408 H  HB2  . PHE A 1 64 ? -1.060  -2.404  3.374   1.00 0.00 ? 145 PHE A HB2  1 
ATOM   409 H  HB3  . PHE A 1 64 ? -2.540  -1.711  2.799   1.00 0.00 ? 145 PHE A HB3  1 
ATOM   410 H  HD1  . PHE A 1 64 ? -1.949  0.402   1.039   1.00 0.00 ? 145 PHE A HD1  1 
ATOM   411 H  HD2  . PHE A 1 64 ? 0.313   -3.156  1.675   1.00 0.00 ? 145 PHE A HD2  1 
ATOM   412 H  HE1  . PHE A 1 64 ? -0.962  0.635   -1.206  1.00 0.00 ? 145 PHE A HE1  1 
ATOM   413 H  HE2  . PHE A 1 64 ? 1.286   -2.926  -0.582  1.00 0.00 ? 145 PHE A HE2  1 
ATOM   414 H  HZ   . PHE A 1 64 ? 0.705   -1.017  -2.000  1.00 0.00 ? 145 PHE A HZ   1 
ATOM   415 N  N    . ARG A 1 65 ? -2.267  1.855   4.029   1.00 0.00 ? 146 ARG A N    1 
ATOM   416 C  CA   . ARG A 1 65 ? -3.298  2.835   4.335   1.00 0.00 ? 146 ARG A CA   1 
ATOM   417 C  C    . ARG A 1 65 ? -3.373  3.815   3.163   1.00 0.00 ? 146 ARG A C    1 
ATOM   418 O  O    . ARG A 1 65 ? -2.364  4.266   2.634   1.00 0.00 ? 146 ARG A O    1 
ATOM   419 C  CB   . ARG A 1 65 ? -2.923  3.533   5.649   1.00 0.00 ? 146 ARG A CB   1 
ATOM   420 C  CG   . ARG A 1 65 ? -3.033  2.587   6.858   1.00 0.00 ? 146 ARG A CG   1 
ATOM   421 C  CD   . ARG A 1 65 ? -2.251  3.079   8.079   1.00 0.00 ? 146 ARG A CD   1 
ATOM   422 N  NE   . ARG A 1 65 ? -0.822  2.977   7.808   1.00 0.00 ? 146 ARG A NE   1 
ATOM   423 C  CZ   . ARG A 1 65 ? 0.115   3.206   8.755   1.00 0.00 ? 146 ARG A CZ   1 
ATOM   424 N  NH1  . ARG A 1 65 ? -0.230  3.560   9.990   1.00 0.00 ? 146 ARG A NH1  1 
ATOM   425 N  NH2  . ARG A 1 65 ? 1.401   3.072   8.446   1.00 0.00 ? 146 ARG A NH2  1 
ATOM   426 H  H    . ARG A 1 65 ? -1.360  2.184   3.764   1.00 0.00 ? 146 ARG A H    1 
ATOM   427 H  HA   . ARG A 1 65 ? -4.256  2.323   4.434   1.00 0.00 ? 146 ARG A HA   1 
ATOM   428 H  HB2  . ARG A 1 65 ? -1.907  3.921   5.562   1.00 0.00 ? 146 ARG A HB2  1 
ATOM   429 H  HB3  . ARG A 1 65 ? -3.565  4.400   5.815   1.00 0.00 ? 146 ARG A HB3  1 
ATOM   430 H  HG2  . ARG A 1 65 ? -4.082  2.464   7.122   1.00 0.00 ? 146 ARG A HG2  1 
ATOM   431 H  HG3  . ARG A 1 65 ? -2.677  1.588   6.603   1.00 0.00 ? 146 ARG A HG3  1 
ATOM   432 H  HD2  . ARG A 1 65 ? -2.475  4.119   8.318   1.00 0.00 ? 146 ARG A HD2  1 
ATOM   433 H  HD3  . ARG A 1 65 ? -2.472  2.457   8.949   1.00 0.00 ? 146 ARG A HD3  1 
ATOM   434 H  HE   . ARG A 1 65 ? -0.525  2.715   6.890   1.00 0.00 ? 146 ARG A HE   1 
ATOM   435 H  HH11 . ARG A 1 65 ? -1.195  3.662   10.229  1.00 0.00 ? 146 ARG A HH11 1 
ATOM   436 H  HH12 . ARG A 1 65 ? 0.477   3.726   10.679  1.00 0.00 ? 146 ARG A HH12 1 
ATOM   437 H  HH21 . ARG A 1 65 ? 1.668   2.803   7.521   1.00 0.00 ? 146 ARG A HH21 1 
ATOM   438 H  HH22 . ARG A 1 65 ? 2.101   3.239   9.141   1.00 0.00 ? 146 ARG A HH22 1 
ATOM   439 N  N    . CYS A 1 66 ? -4.641  4.109   2.801   1.00 0.00 ? 147 CYS A N    1 
ATOM   440 C  CA   . CYS A 1 66 ? -4.930  4.986   1.676   1.00 0.00 ? 147 CYS A CA   1 
ATOM   441 C  C    . CYS A 1 66 ? -4.411  6.406   1.951   1.00 0.00 ? 147 CYS A C    1 
ATOM   442 O  O    . CYS A 1 66 ? -4.139  6.779   3.085   1.00 0.00 ? 147 CYS A O    1 
ATOM   443 C  CB   . CYS A 1 66 ? -6.439  4.991   1.452   1.00 0.00 ? 147 CYS A CB   1 
ATOM   444 S  SG   . CYS A 1 66 ? -7.012  5.838   -0.043  1.00 0.00 ? 147 CYS A SG   1 
ATOM   445 H  H    . CYS A 1 66 ? -5.401  3.652   3.262   1.00 0.00 ? 147 CYS A H    1 
ATOM   446 H  HA   . CYS A 1 66 ? -4.455  4.536   0.799   1.00 0.00 ? 147 CYS A HA   1 
ATOM   447 H  HB2  . CYS A 1 66 ? -6.798  3.968   1.432   1.00 0.00 ? 147 CYS A HB2  1 
ATOM   448 H  HB3  . CYS A 1 66 ? -6.926  5.453   2.301   1.00 0.00 ? 147 CYS A HB3  1 
ATOM   449 N  N    . ALA A 1 67 ? -4.295  7.156   0.838   1.00 0.00 ? 148 ALA A N    1 
ATOM   450 C  CA   . ALA A 1 67 ? -3.821  8.535   0.890   1.00 0.00 ? 148 ALA A CA   1 
ATOM   451 C  C    . ALA A 1 67 ? -4.907  9.541   0.442   1.00 0.00 ? 148 ALA A C    1 
ATOM   452 O  O    . ALA A 1 67 ? -4.681  10.744  0.461   1.00 0.00 ? 148 ALA A O    1 
ATOM   453 C  CB   . ALA A 1 67 ? -2.530  8.619   0.079   1.00 0.00 ? 148 ALA A CB   1 
ATOM   454 H  H    . ALA A 1 67 ? -4.473  6.733   -0.050  1.00 0.00 ? 148 ALA A H    1 
ATOM   455 H  HA   . ALA A 1 67 ? -3.588  8.792   1.924   1.00 0.00 ? 148 ALA A HA   1 
ATOM   456 H  HB1  . ALA A 1 67 ? -2.250  9.644   -0.159  1.00 0.00 ? 148 ALA A HB1  1 
ATOM   457 H  HB2  . ALA A 1 67 ? -1.715  8.164   0.642   1.00 0.00 ? 148 ALA A HB2  1 
ATOM   458 H  HB3  . ALA A 1 67 ? -2.607  8.050   -0.843  1.00 0.00 ? 148 ALA A HB3  1 
ATOM   459 N  N    . LYS A 1 68 ? -6.085  8.992   0.056   1.00 0.00 ? 149 LYS A N    1 
ATOM   460 C  CA   . LYS A 1 68 ? -7.228  9.815   -0.349  1.00 0.00 ? 149 LYS A CA   1 
ATOM   461 C  C    . LYS A 1 68 ? -8.171  9.941   0.861   1.00 0.00 ? 149 LYS A C    1 
ATOM   462 O  O    . LYS A 1 68 ? -8.379  11.025  1.395   1.00 0.00 ? 149 LYS A O    1 
ATOM   463 C  CB   . LYS A 1 68 ? -7.989  9.212   -1.549  1.00 0.00 ? 149 LYS A CB   1 
ATOM   464 C  CG   . LYS A 1 68 ? -7.262  9.336   -2.896  1.00 0.00 ? 149 LYS A CG   1 
ATOM   465 C  CD   . LYS A 1 68 ? -8.008  10.126  -3.979  1.00 0.00 ? 149 LYS A CD   1 
ATOM   466 C  CE   . LYS A 1 68 ? -9.143  9.324   -4.620  1.00 0.00 ? 149 LYS A CE   1 
ATOM   467 N  NZ   . LYS A 1 68 ? -9.844  10.073  -5.658  1.00 0.00 ? 149 LYS A NZ   1 
ATOM   468 H  H    . LYS A 1 68 ? -6.167  7.997   0.042   1.00 0.00 ? 149 LYS A H    1 
ATOM   469 H  HA   . LYS A 1 68 ? -6.882  10.818  -0.613  1.00 0.00 ? 149 LYS A HA   1 
ATOM   470 H  HB2  . LYS A 1 68 ? -8.171  8.157   -1.351  1.00 0.00 ? 149 LYS A HB2  1 
ATOM   471 H  HB3  . LYS A 1 68 ? -8.974  9.673   -1.633  1.00 0.00 ? 149 LYS A HB3  1 
ATOM   472 H  HG2  . LYS A 1 68 ? -6.288  9.800   -2.757  1.00 0.00 ? 149 LYS A HG2  1 
ATOM   473 H  HG3  . LYS A 1 68 ? -7.093  8.328   -3.263  1.00 0.00 ? 149 LYS A HG3  1 
ATOM   474 H  HD2  . LYS A 1 68 ? -8.386  11.062  -3.570  1.00 0.00 ? 149 LYS A HD2  1 
ATOM   475 H  HD3  . LYS A 1 68 ? -7.295  10.400  -4.758  1.00 0.00 ? 149 LYS A HD3  1 
ATOM   476 H  HE2  . LYS A 1 68 ? -8.752  8.417   -5.084  1.00 0.00 ? 149 LYS A HE2  1 
ATOM   477 H  HE3  . LYS A 1 68 ? -9.879  9.032   -3.873  1.00 0.00 ? 149 LYS A HE3  1 
ATOM   478 H  HZ1  . LYS A 1 68 ? -10.596 9.482   -6.064  1.00 0.00 ? 149 LYS A HZ1  1 
ATOM   479 H  HZ2  . LYS A 1 68 ? -10.261 10.931  -5.244  1.00 0.00 ? 149 LYS A HZ2  1 
ATOM   480 H  HZ3  . LYS A 1 68 ? -9.170  10.341  -6.403  1.00 0.00 ? 149 LYS A HZ3  1 
ATOM   481 N  N    . CYS A 1 69 ? -8.719  8.764   1.249   1.00 0.00 ? 150 CYS A N    1 
ATOM   482 C  CA   . CYS A 1 69 ? -9.652  8.682   2.373   1.00 0.00 ? 150 CYS A CA   1 
ATOM   483 C  C    . CYS A 1 69 ? -8.908  8.381   3.686   1.00 0.00 ? 150 CYS A C    1 
ATOM   484 O  O    . CYS A 1 69 ? -9.142  9.008   4.711   1.00 0.00 ? 150 CYS A O    1 
ATOM   485 C  CB   . CYS A 1 69 ? -10.719 7.619   2.081   1.00 0.00 ? 150 CYS A CB   1 
ATOM   486 S  SG   . CYS A 1 69 ? -10.134 5.905   2.004   1.00 0.00 ? 150 CYS A SG   1 
ATOM   487 H  H    . CYS A 1 69 ? -8.480  7.928   0.755   1.00 0.00 ? 150 CYS A H    1 
ATOM   488 H  HA   . CYS A 1 69 ? -10.151 9.647   2.484   1.00 0.00 ? 150 CYS A HA   1 
ATOM   489 H  HB2  . CYS A 1 69 ? -11.489 7.672   2.852   1.00 0.00 ? 150 CYS A HB2  1 
ATOM   490 H  HB3  . CYS A 1 69 ? -11.220 7.852   1.141   1.00 0.00 ? 150 CYS A HB3  1 
ATOM   491 N  N    . GLY A 1 70 ? -8.006  7.383   3.577   1.00 0.00 ? 151 GLY A N    1 
ATOM   492 C  CA   . GLY A 1 70 ? -7.190  6.948   4.704   1.00 0.00 ? 151 GLY A CA   1 
ATOM   493 C  C    . GLY A 1 70 ? -7.820  5.804   5.517   1.00 0.00 ? 151 GLY A C    1 
ATOM   494 O  O    . GLY A 1 70 ? -8.082  5.951   6.705   1.00 0.00 ? 151 GLY A O    1 
ATOM   495 H  H    . GLY A 1 70 ? -7.875  6.955   2.683   1.00 0.00 ? 151 GLY A H    1 
ATOM   496 H  HA2  . GLY A 1 70 ? -6.242  6.612   4.287   1.00 0.00 ? 151 GLY A HA2  1 
ATOM   497 H  HA3  . GLY A 1 70 ? -6.984  7.803   5.351   1.00 0.00 ? 151 GLY A HA3  1 
ATOM   498 N  N    . LYS A 1 71 ? -8.029  4.665   4.814   1.00 0.00 ? 152 LYS A N    1 
ATOM   499 C  CA   . LYS A 1 71 ? -8.586  3.463   5.438   1.00 0.00 ? 152 LYS A CA   1 
ATOM   500 C  C    . LYS A 1 71 ? -7.731  2.247   5.043   1.00 0.00 ? 152 LYS A C    1 
ATOM   501 O  O    . LYS A 1 71 ? -6.731  2.353   4.343   1.00 0.00 ? 152 LYS A O    1 
ATOM   502 C  CB   . LYS A 1 71 ? -10.059 3.281   5.029   1.00 0.00 ? 152 LYS A CB   1 
ATOM   503 C  CG   . LYS A 1 71 ? -10.275 2.862   3.565   1.00 0.00 ? 152 LYS A CG   1 
ATOM   504 C  CD   . LYS A 1 71 ? -11.754 2.616   3.245   1.00 0.00 ? 152 LYS A CD   1 
ATOM   505 C  CE   . LYS A 1 71 ? -11.983 2.198   1.790   1.00 0.00 ? 152 LYS A CE   1 
ATOM   506 N  NZ   . LYS A 1 71 ? -11.336 0.938   1.445   1.00 0.00 ? 152 LYS A NZ   1 
ATOM   507 H  H    . LYS A 1 71 ? -7.897  4.657   3.825   1.00 0.00 ? 152 LYS A H    1 
ATOM   508 H  HA   . LYS A 1 71 ? -8.522  3.562   6.523   1.00 0.00 ? 152 LYS A HA   1 
ATOM   509 H  HB2  . LYS A 1 71 ? -10.522 2.540   5.680   1.00 0.00 ? 152 LYS A HB2  1 
ATOM   510 H  HB3  . LYS A 1 71 ? -10.598 4.209   5.220   1.00 0.00 ? 152 LYS A HB3  1 
ATOM   511 H  HG2  . LYS A 1 71 ? -9.867  3.615   2.899   1.00 0.00 ? 152 LYS A HG2  1 
ATOM   512 H  HG3  . LYS A 1 71 ? -9.711  1.963   3.337   1.00 0.00 ? 152 LYS A HG3  1 
ATOM   513 H  HD2  . LYS A 1 71 ? -12.157 1.854   3.912   1.00 0.00 ? 152 LYS A HD2  1 
ATOM   514 H  HD3  . LYS A 1 71 ? -12.318 3.526   3.448   1.00 0.00 ? 152 LYS A HD3  1 
ATOM   515 H  HE2  . LYS A 1 71 ? -13.049 2.082   1.594   1.00 0.00 ? 152 LYS A HE2  1 
ATOM   516 H  HE3  . LYS A 1 71 ? -11.608 2.963   1.112   1.00 0.00 ? 152 LYS A HE3  1 
ATOM   517 H  HZ1  . LYS A 1 71 ? -11.717 0.179   2.045   1.00 0.00 ? 152 LYS A HZ1  1 
ATOM   518 H  HZ2  . LYS A 1 71 ? -11.519 0.717   0.445   1.00 0.00 ? 152 LYS A HZ2  1 
ATOM   519 H  HZ3  . LYS A 1 71 ? -10.311 1.023   1.602   1.00 0.00 ? 152 LYS A HZ3  1 
ATOM   520 N  N    . SER A 1 72 ? -8.219  1.089   5.539   1.00 0.00 ? 153 SER A N    1 
ATOM   521 C  CA   . SER A 1 72 ? -7.610  -0.215  5.297   1.00 0.00 ? 153 SER A CA   1 
ATOM   522 C  C    . SER A 1 72 ? -7.715  -0.557  3.806   1.00 0.00 ? 153 SER A C    1 
ATOM   523 O  O    . SER A 1 72 ? -8.706  -0.237  3.161   1.00 0.00 ? 153 SER A O    1 
ATOM   524 C  CB   . SER A 1 72 ? -8.464  -1.247  6.075   1.00 0.00 ? 153 SER A CB   1 
ATOM   525 O  OG   . SER A 1 72 ? -9.912  -1.345  5.761   1.00 0.00 ? 153 SER A OG   1 
ATOM   526 H  H    . SER A 1 72 ? -9.050  1.125   6.093   1.00 0.00 ? 153 SER A H    1 
ATOM   527 H  HA   . SER A 1 72 ? -6.570  -0.201  5.628   1.00 0.00 ? 153 SER A HA   1 
ATOM   528 H  HB2  . SER A 1 72 ? -7.951  -2.238  6.004   1.00 0.00 ? 153 SER A HB2  1 
ATOM   529 H  HB3  . SER A 1 72 ? -8.293  -1.055  7.163   1.00 0.00 ? 153 SER A HB3  1 
ATOM   530 H  HG   . SER A 1 72 ? -10.378 -0.813  5.053   1.00 0.00 ? 153 SER A HG   1 
ATOM   531 N  N    . LEU A 1 73 ? -6.652  -1.220  3.291   1.00 0.00 ? 154 LEU A N    1 
ATOM   532 C  CA   . LEU A 1 73 ? -6.659  -1.575  1.882   1.00 0.00 ? 154 LEU A CA   1 
ATOM   533 C  C    . LEU A 1 73 ? -5.666  -2.718  1.611   1.00 0.00 ? 154 LEU A C    1 
ATOM   534 O  O    . LEU A 1 73 ? -4.549  -2.745  2.109   1.00 0.00 ? 154 LEU A O    1 
ATOM   535 C  CB   . LEU A 1 73 ? -6.421  -0.300  1.045   1.00 0.00 ? 154 LEU A CB   1 
ATOM   536 C  CG   . LEU A 1 73 ? -4.953  0.146   0.904   1.00 0.00 ? 154 LEU A CG   1 
ATOM   537 C  CD1  . LEU A 1 73 ? -4.366  -0.171  -0.473  1.00 0.00 ? 154 LEU A CD1  1 
ATOM   538 C  CD2  . LEU A 1 73 ? -4.846  1.637   1.176   1.00 0.00 ? 154 LEU A CD2  1 
ATOM   539 H  H    . LEU A 1 73 ? -5.891  -1.530  3.848   1.00 0.00 ? 154 LEU A H    1 
ATOM   540 H  HA   . LEU A 1 73 ? -7.653  -1.964  1.681   1.00 0.00 ? 154 LEU A HA   1 
ATOM   541 H  HB2  . LEU A 1 73 ? -6.888  -0.383  0.073   1.00 0.00 ? 154 LEU A HB2  1 
ATOM   542 H  HB3  . LEU A 1 73 ? -6.986  0.513   1.501   1.00 0.00 ? 154 LEU A HB3  1 
ATOM   543 H  HG   . LEU A 1 73 ? -4.342  -0.352  1.657   1.00 0.00 ? 154 LEU A HG   1 
ATOM   544 H  HD11 . LEU A 1 73 ? -4.094  -1.219  -0.540  1.00 0.00 ? 154 LEU A HD11 1 
ATOM   545 H  HD12 . LEU A 1 73 ? -5.058  0.060   -1.272  1.00 0.00 ? 154 LEU A HD12 1 
ATOM   546 H  HD13 . LEU A 1 73 ? -3.483  0.434   -0.671  1.00 0.00 ? 154 LEU A HD13 1 
ATOM   547 H  HD21 . LEU A 1 73 ? -5.431  2.217   0.469   1.00 0.00 ? 154 LEU A HD21 1 
ATOM   548 H  HD22 . LEU A 1 73 ? -5.233  1.827   2.174   1.00 0.00 ? 154 LEU A HD22 1 
ATOM   549 H  HD23 . LEU A 1 73 ? -3.812  1.978   1.125   1.00 0.00 ? 154 LEU A HD23 1 
ATOM   550 N  N    . GLU A 1 74 ? -6.177  -3.664  0.799   1.00 0.00 ? 155 GLU A N    1 
ATOM   551 C  CA   . GLU A 1 74 ? -5.443  -4.854  0.375   1.00 0.00 ? 155 GLU A CA   1 
ATOM   552 C  C    . GLU A 1 74 ? -6.321  -5.491  -0.705  1.00 0.00 ? 155 GLU A C    1 
ATOM   553 O  O    . GLU A 1 74 ? -7.172  -6.336  -0.453  1.00 0.00 ? 155 GLU A O    1 
ATOM   554 C  CB   . GLU A 1 74 ? -5.178  -5.797  1.562   1.00 0.00 ? 155 GLU A CB   1 
ATOM   555 C  CG   . GLU A 1 74 ? -4.342  -7.024  1.168   1.00 0.00 ? 155 GLU A CG   1 
ATOM   556 C  CD   . GLU A 1 74 ? -3.857  -7.784  2.419   1.00 0.00 ? 155 GLU A CD   1 
ATOM   557 O  OE1  . GLU A 1 74 ? -2.877  -7.353  3.028   1.00 0.00 ? 155 GLU A OE1  1 
ATOM   558 O  OE2  . GLU A 1 74 ? -4.462  -8.796  2.768   1.00 0.00 ? 155 GLU A OE2  1 
ATOM   559 H  H    . GLU A 1 74 ? -7.106  -3.531  0.457   1.00 0.00 ? 155 GLU A H    1 
ATOM   560 H  HA   . GLU A 1 74 ? -4.501  -4.521  -0.066  1.00 0.00 ? 155 GLU A HA   1 
ATOM   561 H  HB2  . GLU A 1 74 ? -4.647  -5.239  2.333   1.00 0.00 ? 155 GLU A HB2  1 
ATOM   562 H  HB3  . GLU A 1 74 ? -6.119  -6.119  2.011   1.00 0.00 ? 155 GLU A HB3  1 
ATOM   563 H  HG2  . GLU A 1 74 ? -4.919  -7.694  0.531   1.00 0.00 ? 155 GLU A HG2  1 
ATOM   564 H  HG3  . GLU A 1 74 ? -3.472  -6.716  0.587   1.00 0.00 ? 155 GLU A HG3  1 
ATOM   565 N  N    . SER A 1 75 ? -6.036  -4.993  -1.920  1.00 0.00 ? 156 SER A N    1 
ATOM   566 C  CA   . SER A 1 75 ? -6.763  -5.350  -3.124  1.00 0.00 ? 156 SER A CA   1 
ATOM   567 C  C    . SER A 1 75 ? -6.045  -6.396  -3.982  1.00 0.00 ? 156 SER A C    1 
ATOM   568 O  O    . SER A 1 75 ? -4.983  -6.918  -3.665  1.00 0.00 ? 156 SER A O    1 
ATOM   569 C  CB   . SER A 1 75 ? -6.922  -3.989  -3.864  1.00 0.00 ? 156 SER A CB   1 
ATOM   570 O  OG   . SER A 1 75 ? -6.880  -2.737  -3.065  1.00 0.00 ? 156 SER A OG   1 
ATOM   571 H  H    . SER A 1 75 ? -5.298  -4.324  -1.995  1.00 0.00 ? 156 SER A H    1 
ATOM   572 H  HA   . SER A 1 75 ? -7.745  -5.744  -2.845  1.00 0.00 ? 156 SER A HA   1 
ATOM   573 H  HB2  . SER A 1 75 ? -6.205  -3.971  -4.717  1.00 0.00 ? 156 SER A HB2  1 
ATOM   574 H  HB3  . SER A 1 75 ? -7.863  -4.044  -4.450  1.00 0.00 ? 156 SER A HB3  1 
ATOM   575 H  HG   . SER A 1 75 ? -6.646  -2.694  -2.095  1.00 0.00 ? 156 SER A HG   1 
ATOM   576 N  N    . THR A 1 76 ? -6.757  -6.630  -5.101  1.00 0.00 ? 157 THR A N    1 
ATOM   577 C  CA   . THR A 1 76 ? -6.387  -7.559  -6.152  1.00 0.00 ? 157 THR A CA   1 
ATOM   578 C  C    . THR A 1 76 ? -5.390  -6.880  -7.097  1.00 0.00 ? 157 THR A C    1 
ATOM   579 O  O    . THR A 1 76 ? -4.280  -7.347  -7.321  1.00 0.00 ? 157 THR A O    1 
ATOM   580 C  CB   . THR A 1 76 ? -7.712  -7.896  -6.901  1.00 0.00 ? 157 THR A CB   1 
ATOM   581 O  OG1  . THR A 1 76 ? -8.498  -6.780  -7.439  1.00 0.00 ? 157 THR A OG1  1 
ATOM   582 C  CG2  . THR A 1 76 ? -8.577  -8.854  -6.041  1.00 0.00 ? 157 THR A CG2  1 
ATOM   583 H  H    . THR A 1 76 ? -7.605  -6.114  -5.227  1.00 0.00 ? 157 THR A H    1 
ATOM   584 H  HA   . THR A 1 76 ? -5.936  -8.445  -5.707  1.00 0.00 ? 157 THR A HA   1 
ATOM   585 H  HB   . THR A 1 76 ? -7.391  -8.549  -7.751  1.00 0.00 ? 157 THR A HB   1 
ATOM   586 H  HG1  . THR A 1 76 ? -8.589  -5.929  -6.948  1.00 0.00 ? 157 THR A HG1  1 
ATOM   587 H  HG21 . THR A 1 76 ? -9.515  -9.110  -6.535  1.00 0.00 ? 157 THR A HG21 1 
ATOM   588 H  HG22 . THR A 1 76 ? -8.039  -9.790  -5.894  1.00 0.00 ? 157 THR A HG22 1 
ATOM   589 H  HG23 . THR A 1 76 ? -8.807  -8.485  -5.038  1.00 0.00 ? 157 THR A HG23 1 
ATOM   590 N  N    . THR A 1 77 ? -5.888  -5.742  -7.623  1.00 0.00 ? 158 THR A N    1 
ATOM   591 C  CA   . THR A 1 77 ? -5.139  -4.906  -8.542  1.00 0.00 ? 158 THR A CA   1 
ATOM   592 C  C    . THR A 1 77 ? -4.221  -4.002  -7.717  1.00 0.00 ? 158 THR A C    1 
ATOM   593 O  O    . THR A 1 77 ? -3.005  -3.980  -7.866  1.00 0.00 ? 158 THR A O    1 
ATOM   594 C  CB   . THR A 1 77 ? -6.160  -4.045  -9.351  1.00 0.00 ? 158 THR A CB   1 
ATOM   595 O  OG1  . THR A 1 77 ? -7.072  -3.163  -8.616  1.00 0.00 ? 158 THR A OG1  1 
ATOM   596 C  CG2  . THR A 1 77 ? -6.914  -4.932  -10.373 1.00 0.00 ? 158 THR A CG2  1 
ATOM   597 H  H    . THR A 1 77 ? -6.803  -5.445  -7.354  1.00 0.00 ? 158 THR A H    1 
ATOM   598 H  HA   . THR A 1 77 ? -4.546  -5.538  -9.203  1.00 0.00 ? 158 THR A HA   1 
ATOM   599 H  HB   . THR A 1 77 ? -5.523  -3.407  -10.019 1.00 0.00 ? 158 THR A HB   1 
ATOM   600 H  HG1  . THR A 1 77 ? -7.444  -3.422  -7.742  1.00 0.00 ? 158 THR A HG1  1 
ATOM   601 H  HG21 . THR A 1 77 ? -7.371  -5.828  -9.956  1.00 0.00 ? 158 THR A HG21 1 
ATOM   602 H  HG22 . THR A 1 77 ? -7.685  -4.374  -10.906 1.00 0.00 ? 158 THR A HG22 1 
ATOM   603 H  HG23 . THR A 1 77 ? -6.211  -5.290  -11.124 1.00 0.00 ? 158 THR A HG23 1 
ATOM   604 N  N    . LEU A 1 78 ? -4.935  -3.273  -6.834  1.00 0.00 ? 159 LEU A N    1 
ATOM   605 C  CA   . LEU A 1 78 ? -4.393  -2.303  -5.901  1.00 0.00 ? 159 LEU A CA   1 
ATOM   606 C  C    . LEU A 1 78 ? -3.844  -1.102  -6.676  1.00 0.00 ? 159 LEU A C    1 
ATOM   607 O  O    . LEU A 1 78 ? -3.111  -1.207  -7.652  1.00 0.00 ? 159 LEU A O    1 
ATOM   608 C  CB   . LEU A 1 78 ? -3.402  -2.946  -4.923  1.00 0.00 ? 159 LEU A CB   1 
ATOM   609 C  CG   . LEU A 1 78 ? -3.103  -2.072  -3.688  1.00 0.00 ? 159 LEU A CG   1 
ATOM   610 C  CD1  . LEU A 1 78 ? -2.740  -2.949  -2.482  1.00 0.00 ? 159 LEU A CD1  1 
ATOM   611 C  CD2  . LEU A 1 78 ? -1.970  -1.065  -3.928  1.00 0.00 ? 159 LEU A CD2  1 
ATOM   612 H  H    . LEU A 1 78 ? -5.925  -3.414  -6.808  1.00 0.00 ? 159 LEU A H    1 
ATOM   613 H  HA   . LEU A 1 78 ? -5.256  -1.957  -5.324  1.00 0.00 ? 159 LEU A HA   1 
ATOM   614 H  HB2  . LEU A 1 78 ? -3.867  -3.873  -4.583  1.00 0.00 ? 159 LEU A HB2  1 
ATOM   615 H  HB3  . LEU A 1 78 ? -2.476  -3.235  -5.419  1.00 0.00 ? 159 LEU A HB3  1 
ATOM   616 H  HG   . LEU A 1 78 ? -4.007  -1.509  -3.456  1.00 0.00 ? 159 LEU A HG   1 
ATOM   617 H  HD11 . LEU A 1 78 ? -3.491  -3.712  -2.288  1.00 0.00 ? 159 LEU A HD11 1 
ATOM   618 H  HD12 . LEU A 1 78 ? -1.799  -3.467  -2.656  1.00 0.00 ? 159 LEU A HD12 1 
ATOM   619 H  HD13 . LEU A 1 78 ? -2.624  -2.356  -1.578  1.00 0.00 ? 159 LEU A HD13 1 
ATOM   620 H  HD21 . LEU A 1 78 ? -1.005  -1.564  -4.015  1.00 0.00 ? 159 LEU A HD21 1 
ATOM   621 H  HD22 . LEU A 1 78 ? -2.121  -0.480  -4.828  1.00 0.00 ? 159 LEU A HD22 1 
ATOM   622 H  HD23 . LEU A 1 78 ? -1.917  -0.356  -3.104  1.00 0.00 ? 159 LEU A HD23 1 
ATOM   623 N  N    . THR A 1 79 ? -4.281  0.042   -6.138  1.00 0.00 ? 160 THR A N    1 
ATOM   624 C  CA   . THR A 1 79 ? -3.965  1.353   -6.656  1.00 0.00 ? 160 THR A CA   1 
ATOM   625 C  C    . THR A 1 79 ? -2.843  1.968   -5.828  1.00 0.00 ? 160 THR A C    1 
ATOM   626 O  O    . THR A 1 79 ? -2.859  1.986   -4.603  1.00 0.00 ? 160 THR A O    1 
ATOM   627 C  CB   . THR A 1 79 ? -5.268  2.147   -6.421  1.00 0.00 ? 160 THR A CB   1 
ATOM   628 O  OG1  . THR A 1 79 ? -5.735  2.259   -5.035  1.00 0.00 ? 160 THR A OG1  1 
ATOM   629 C  CG2  . THR A 1 79 ? -6.361  1.593   -7.370  1.00 0.00 ? 160 THR A CG2  1 
ATOM   630 H  H    . THR A 1 79 ? -4.862  -0.009  -5.326  1.00 0.00 ? 160 THR A H    1 
ATOM   631 H  HA   . THR A 1 79 ? -3.704  1.285   -7.713  1.00 0.00 ? 160 THR A HA   1 
ATOM   632 H  HB   . THR A 1 79 ? -5.060  3.168   -6.830  1.00 0.00 ? 160 THR A HB   1 
ATOM   633 H  HG1  . THR A 1 79 ? -5.577  1.539   -4.378  1.00 0.00 ? 160 THR A HG1  1 
ATOM   634 H  HG21 . THR A 1 79 ? -6.013  1.709   -8.395  1.00 0.00 ? 160 THR A HG21 1 
ATOM   635 H  HG22 . THR A 1 79 ? -6.587  0.529   -7.248  1.00 0.00 ? 160 THR A HG22 1 
ATOM   636 H  HG23 . THR A 1 79 ? -7.296  2.139   -7.283  1.00 0.00 ? 160 THR A HG23 1 
ATOM   637 N  N    . GLU A 1 80 ? -1.878  2.467   -6.605  1.00 0.00 ? 161 GLU A N    1 
ATOM   638 C  CA   . GLU A 1 80 ? -0.707  3.104   -6.040  1.00 0.00 ? 161 GLU A CA   1 
ATOM   639 C  C    . GLU A 1 80 ? -0.157  4.009   -7.138  1.00 0.00 ? 161 GLU A C    1 
ATOM   640 O  O    . GLU A 1 80 ? 0.033   3.587   -8.273  1.00 0.00 ? 161 GLU A O    1 
ATOM   641 C  CB   . GLU A 1 80 ? 0.301   2.054   -5.537  1.00 0.00 ? 161 GLU A CB   1 
ATOM   642 C  CG   . GLU A 1 80 ? 0.945   1.153   -6.605  1.00 0.00 ? 161 GLU A CG   1 
ATOM   643 C  CD   . GLU A 1 80 ? -0.021  0.126   -7.223  1.00 0.00 ? 161 GLU A CD   1 
ATOM   644 O  OE1  . GLU A 1 80 ? -0.236  -0.923  -6.615  1.00 0.00 ? 161 GLU A OE1  1 
ATOM   645 O  OE2  . GLU A 1 80 ? -0.540  0.377   -8.311  1.00 0.00 ? 161 GLU A OE2  1 
ATOM   646 H  H    . GLU A 1 80 ? -1.981  2.380   -7.596  1.00 0.00 ? 161 GLU A H    1 
ATOM   647 H  HA   . GLU A 1 80 ? -1.041  3.730   -5.208  1.00 0.00 ? 161 GLU A HA   1 
ATOM   648 H  HB2  . GLU A 1 80 ? 1.104   2.580   -5.021  1.00 0.00 ? 161 GLU A HB2  1 
ATOM   649 H  HB3  . GLU A 1 80 ? -0.183  1.430   -4.782  1.00 0.00 ? 161 GLU A HB3  1 
ATOM   650 H  HG2  . GLU A 1 80 ? 1.401   1.743   -7.398  1.00 0.00 ? 161 GLU A HG2  1 
ATOM   651 H  HG3  . GLU A 1 80 ? 1.758   0.608   -6.134  1.00 0.00 ? 161 GLU A HG3  1 
ATOM   652 N  N    . LYS A 1 81 ? 0.055   5.278   -6.740  1.00 0.00 ? 162 LYS A N    1 
ATOM   653 C  CA   . LYS A 1 81 ? 0.535   6.283   -7.660  1.00 0.00 ? 162 LYS A CA   1 
ATOM   654 C  C    . LYS A 1 81 ? 1.916   6.707   -7.181  1.00 0.00 ? 162 LYS A C    1 
ATOM   655 O  O    . LYS A 1 81 ? 2.413   6.262   -6.152  1.00 0.00 ? 162 LYS A O    1 
ATOM   656 C  CB   . LYS A 1 81 ? -0.441  7.475   -7.608  1.00 0.00 ? 162 LYS A CB   1 
ATOM   657 C  CG   . LYS A 1 81 ? -1.932  7.082   -7.555  1.00 0.00 ? 162 LYS A CG   1 
ATOM   658 C  CD   . LYS A 1 81 ? -2.436  6.298   -8.759  1.00 0.00 ? 162 LYS A CD   1 
ATOM   659 C  CE   . LYS A 1 81 ? -2.523  7.143   -10.030 1.00 0.00 ? 162 LYS A CE   1 
ATOM   660 N  NZ   . LYS A 1 81 ? -3.070  6.393   -11.154 1.00 0.00 ? 162 LYS A NZ   1 
ATOM   661 H  H    . LYS A 1 81 ? -0.062  5.616   -5.805  1.00 0.00 ? 162 LYS A H    1 
ATOM   662 H  HA   . LYS A 1 81 ? 0.600   5.874   -8.670  1.00 0.00 ? 162 LYS A HA   1 
ATOM   663 H  HB2  . LYS A 1 81 ? -0.222  8.068   -6.721  1.00 0.00 ? 162 LYS A HB2  1 
ATOM   664 H  HB3  . LYS A 1 81 ? -0.269  8.139   -8.454  1.00 0.00 ? 162 LYS A HB3  1 
ATOM   665 H  HG2  . LYS A 1 81 ? -2.133  6.452   -6.688  1.00 0.00 ? 162 LYS A HG2  1 
ATOM   666 H  HG3  . LYS A 1 81 ? -2.523  7.988   -7.441  1.00 0.00 ? 162 LYS A HG3  1 
ATOM   667 H  HD2  . LYS A 1 81 ? -1.791  5.433   -8.905  1.00 0.00 ? 162 LYS A HD2  1 
ATOM   668 H  HD3  . LYS A 1 81 ? -3.425  5.905   -8.517  1.00 0.00 ? 162 LYS A HD3  1 
ATOM   669 H  HE2  . LYS A 1 81 ? -3.166  8.010   -9.867  1.00 0.00 ? 162 LYS A HE2  1 
ATOM   670 H  HE3  . LYS A 1 81 ? -1.539  7.508   -10.325 1.00 0.00 ? 162 LYS A HE3  1 
ATOM   671 H  HZ1  . LYS A 1 81 ? -4.028  6.064   -10.913 1.00 0.00 ? 162 LYS A HZ1  1 
ATOM   672 H  HZ2  . LYS A 1 81 ? -3.112  7.004   -11.994 1.00 0.00 ? 162 LYS A HZ2  1 
ATOM   673 H  HZ3  . LYS A 1 81 ? -2.463  5.572   -11.351 1.00 0.00 ? 162 LYS A HZ3  1 
ATOM   674 N  N    . GLU A 1 82 ? 2.484   7.616   -7.991  1.00 0.00 ? 163 GLU A N    1 
ATOM   675 C  CA   . GLU A 1 82 ? 3.787   8.177   -7.670  1.00 0.00 ? 163 GLU A CA   1 
ATOM   676 C  C    . GLU A 1 82 ? 3.578   9.464   -6.856  1.00 0.00 ? 163 GLU A C    1 
ATOM   677 O  O    . GLU A 1 82 ? 4.339   10.419  -6.958  1.00 0.00 ? 163 GLU A O    1 
ATOM   678 C  CB   . GLU A 1 82 ? 4.580   8.415   -8.967  1.00 0.00 ? 163 GLU A CB   1 
ATOM   679 C  CG   . GLU A 1 82 ? 3.872   9.348   -9.967  1.00 0.00 ? 163 GLU A CG   1 
ATOM   680 C  CD   . GLU A 1 82 ? 4.740   9.567   -11.219 1.00 0.00 ? 163 GLU A CD   1 
ATOM   681 O  OE1  . GLU A 1 82 ? 4.649   8.766   -12.149 1.00 0.00 ? 163 GLU A OE1  1 
ATOM   682 O  OE2  . GLU A 1 82 ? 5.495   10.538  -11.252 1.00 0.00 ? 163 GLU A OE2  1 
ATOM   683 H  H    . GLU A 1 82 ? 2.002   7.914   -8.814  1.00 0.00 ? 163 GLU A H    1 
ATOM   684 H  HA   . GLU A 1 82 ? 4.322   7.476   -7.025  1.00 0.00 ? 163 GLU A HA   1 
ATOM   685 H  HB2  . GLU A 1 82 ? 5.563   8.817   -8.719  1.00 0.00 ? 163 GLU A HB2  1 
ATOM   686 H  HB3  . GLU A 1 82 ? 4.762   7.451   -9.443  1.00 0.00 ? 163 GLU A HB3  1 
ATOM   687 H  HG2  . GLU A 1 82 ? 2.911   8.932   -10.273 1.00 0.00 ? 163 GLU A HG2  1 
ATOM   688 H  HG3  . GLU A 1 82 ? 3.665   10.317  -9.513  1.00 0.00 ? 163 GLU A HG3  1 
ATOM   689 N  N    . GLY A 1 83 ? 2.488   9.419   -6.051  1.00 0.00 ? 164 GLY A N    1 
ATOM   690 C  CA   . GLY A 1 83 ? 2.115   10.518  -5.204  1.00 0.00 ? 164 GLY A CA   1 
ATOM   691 C  C    . GLY A 1 83 ? 1.610   9.995   -3.861  1.00 0.00 ? 164 GLY A C    1 
ATOM   692 O  O    . GLY A 1 83 ? 1.140   10.811  -3.080  1.00 0.00 ? 164 GLY A O    1 
ATOM   693 H  H    . GLY A 1 83 ? 1.851   8.653   -5.937  1.00 0.00 ? 164 GLY A H    1 
ATOM   694 H  HA2  . GLY A 1 83 ? 2.973   11.168  -5.034  1.00 0.00 ? 164 GLY A HA2  1 
ATOM   695 H  HA3  . GLY A 1 83 ? 1.338   11.080  -5.721  1.00 0.00 ? 164 GLY A HA3  1 
ATOM   696 N  N    . GLU A 1 84 ? 1.720   8.633   -3.649  1.00 0.00 ? 165 GLU A N    1 
ATOM   697 C  CA   . GLU A 1 84 ? 1.345   7.863   -2.453  1.00 0.00 ? 165 GLU A CA   1 
ATOM   698 C  C    . GLU A 1 84 ? 0.696   6.533   -2.860  1.00 0.00 ? 165 GLU A C    1 
ATOM   699 O  O    . GLU A 1 84 ? 0.782   6.104   -4.001  1.00 0.00 ? 165 GLU A O    1 
ATOM   700 C  CB   . GLU A 1 84 ? 0.480   8.682   -1.498  1.00 0.00 ? 165 GLU A CB   1 
ATOM   701 C  CG   . GLU A 1 84 ? 1.402   9.526   -0.615  1.00 0.00 ? 165 GLU A CG   1 
ATOM   702 C  CD   . GLU A 1 84 ? 0.635   10.629  0.133   1.00 0.00 ? 165 GLU A CD   1 
ATOM   703 O  OE1  . GLU A 1 84 ? 0.114   10.355  1.214   1.00 0.00 ? 165 GLU A OE1  1 
ATOM   704 O  OE2  . GLU A 1 84 ? 0.566   11.750  -0.371  1.00 0.00 ? 165 GLU A OE2  1 
ATOM   705 H  H    . GLU A 1 84 ? 2.042   7.998   -4.347  1.00 0.00 ? 165 GLU A H    1 
ATOM   706 H  HA   . GLU A 1 84 ? 2.276   7.588   -1.955  1.00 0.00 ? 165 GLU A HA   1 
ATOM   707 H  HB2  . GLU A 1 84 ? -0.212  9.267   -2.097  1.00 0.00 ? 165 GLU A HB2  1 
ATOM   708 H  HB3  . GLU A 1 84 ? -0.149  8.072   -0.862  1.00 0.00 ? 165 GLU A HB3  1 
ATOM   709 H  HG2  . GLU A 1 84 ? 1.904   8.866   0.092   1.00 0.00 ? 165 GLU A HG2  1 
ATOM   710 H  HG3  . GLU A 1 84 ? 2.193   9.953   -1.232  1.00 0.00 ? 165 GLU A HG3  1 
ATOM   711 N  N    . ILE A 1 85 ? 0.059   5.906   -1.845  1.00 0.00 ? 166 ILE A N    1 
ATOM   712 C  CA   . ILE A 1 85 ? -0.637  4.662   -1.958  1.00 0.00 ? 166 ILE A CA   1 
ATOM   713 C  C    . ILE A 1 85 ? -2.083  4.857   -1.474  1.00 0.00 ? 166 ILE A C    1 
ATOM   714 O  O    . ILE A 1 85 ? -2.362  5.369   -0.397  1.00 0.00 ? 166 ILE A O    1 
ATOM   715 C  CB   . ILE A 1 85 ? 0.086   3.606   -1.136  1.00 0.00 ? 166 ILE A CB   1 
ATOM   716 C  CG1  . ILE A 1 85 ? 0.300   3.984   0.348   1.00 0.00 ? 166 ILE A CG1  1 
ATOM   717 C  CG2  . ILE A 1 85 ? 1.407   3.165   -1.781  1.00 0.00 ? 166 ILE A CG2  1 
ATOM   718 C  CD1  . ILE A 1 85 ? -0.067  2.830   1.280   1.00 0.00 ? 166 ILE A CD1  1 
ATOM   719 H  H    . ILE A 1 85 ? 0.013   6.189   -0.898  1.00 0.00 ? 166 ILE A H    1 
ATOM   720 H  HA   . ILE A 1 85 ? -0.648  4.386   -3.006  1.00 0.00 ? 166 ILE A HA   1 
ATOM   721 H  HB   . ILE A 1 85 ? -0.619  2.792   -1.198  1.00 0.00 ? 166 ILE A HB   1 
ATOM   722 H  HG12 . ILE A 1 85 ? 1.336   4.280   0.521   1.00 0.00 ? 166 ILE A HG12 1 
ATOM   723 H  HG13 . ILE A 1 85 ? -0.293  4.850   0.635   1.00 0.00 ? 166 ILE A HG13 1 
ATOM   724 H  HG21 . ILE A 1 85 ? 2.151   3.961   -1.752  1.00 0.00 ? 166 ILE A HG21 1 
ATOM   725 H  HG22 . ILE A 1 85 ? 1.820   2.303   -1.257  1.00 0.00 ? 166 ILE A HG22 1 
ATOM   726 H  HG23 . ILE A 1 85 ? 1.271   2.882   -2.823  1.00 0.00 ? 166 ILE A HG23 1 
ATOM   727 H  HD11 . ILE A 1 85 ? 0.550   1.956   1.078   1.00 0.00 ? 166 ILE A HD11 1 
ATOM   728 H  HD12 . ILE A 1 85 ? 0.066   3.105   2.325   1.00 0.00 ? 166 ILE A HD12 1 
ATOM   729 H  HD13 . ILE A 1 85 ? -1.113  2.559   1.128   1.00 0.00 ? 166 ILE A HD13 1 
ATOM   730 N  N    . TYR A 1 86 ? -2.963  4.386   -2.372  1.00 0.00 ? 167 TYR A N    1 
ATOM   731 C  CA   . TYR A 1 86 ? -4.415  4.490   -2.160  1.00 0.00 ? 167 TYR A CA   1 
ATOM   732 C  C    . TYR A 1 86 ? -5.124  3.128   -2.143  1.00 0.00 ? 167 TYR A C    1 
ATOM   733 O  O    . TYR A 1 86 ? -4.554  2.095   -2.465  1.00 0.00 ? 167 TYR A O    1 
ATOM   734 C  CB   . TYR A 1 86 ? -4.971  5.331   -3.311  1.00 0.00 ? 167 TYR A CB   1 
ATOM   735 C  CG   . TYR A 1 86 ? -4.135  6.557   -3.497  1.00 0.00 ? 167 TYR A CG   1 
ATOM   736 C  CD1  . TYR A 1 86 ? -2.990  6.457   -4.256  1.00 0.00 ? 167 TYR A CD1  1 
ATOM   737 C  CD2  . TYR A 1 86 ? -4.433  7.764   -2.893  1.00 0.00 ? 167 TYR A CD2  1 
ATOM   738 C  CE1  . TYR A 1 86 ? -2.129  7.514   -4.383  1.00 0.00 ? 167 TYR A CE1  1 
ATOM   739 C  CE2  . TYR A 1 86 ? -3.602  8.866   -3.062  1.00 0.00 ? 167 TYR A CE2  1 
ATOM   740 C  CZ   . TYR A 1 86 ? -2.440  8.753   -3.827  1.00 0.00 ? 167 TYR A CZ   1 
ATOM   741 O  OH   . TYR A 1 86 ? -1.613  9.849   -4.029  1.00 0.00 ? 167 TYR A OH   1 
ATOM   742 H  H    . TYR A 1 86 ? -2.519  4.329   -3.275  1.00 0.00 ? 167 TYR A H    1 
ATOM   743 H  HA   . TYR A 1 86 ? -4.618  5.010   -1.226  1.00 0.00 ? 167 TYR A HA   1 
ATOM   744 H  HB2  . TYR A 1 86 ? -4.886  4.746   -4.224  1.00 0.00 ? 167 TYR A HB2  1 
ATOM   745 H  HB3  . TYR A 1 86 ? -6.017  5.600   -3.162  1.00 0.00 ? 167 TYR A HB3  1 
ATOM   746 H  HD1  . TYR A 1 86 ? -2.747  5.523   -4.741  1.00 0.00 ? 167 TYR A HD1  1 
ATOM   747 H  HD2  . TYR A 1 86 ? -5.296  7.826   -2.257  1.00 0.00 ? 167 TYR A HD2  1 
ATOM   748 H  HE1  . TYR A 1 86 ? -1.226  7.207   -4.881  1.00 0.00 ? 167 TYR A HE1  1 
ATOM   749 H  HE2  . TYR A 1 86 ? -3.878  9.775   -2.542  1.00 0.00 ? 167 TYR A HE2  1 
ATOM   750 H  HH   . TYR A 1 86 ? -1.800  10.288  -4.856  1.00 0.00 ? 167 TYR A HH   1 
ATOM   751 N  N    . CYS A 1 87 ? -6.418  3.232   -1.745  1.00 0.00 ? 168 CYS A N    1 
ATOM   752 C  CA   . CYS A 1 87 ? -7.341  2.102   -1.685  1.00 0.00 ? 168 CYS A CA   1 
ATOM   753 C  C    . CYS A 1 87 ? -8.062  2.089   -3.043  1.00 0.00 ? 168 CYS A C    1 
ATOM   754 O  O    . CYS A 1 87 ? -8.318  3.139   -3.617  1.00 0.00 ? 168 CYS A O    1 
ATOM   755 C  CB   . CYS A 1 87 ? -8.327  2.223   -0.516  1.00 0.00 ? 168 CYS A CB   1 
ATOM   756 S  SG   . CYS A 1 87 ? -9.743  3.326   -0.748  1.00 0.00 ? 168 CYS A SG   1 
ATOM   757 H  H    . CYS A 1 87 ? -6.768  4.138   -1.512  1.00 0.00 ? 168 CYS A H    1 
ATOM   758 H  HA   . CYS A 1 87 ? -6.785  1.184   -1.508  1.00 0.00 ? 168 CYS A HA   1 
ATOM   759 H  HB2  . CYS A 1 87 ? -8.732  1.230   -0.320  1.00 0.00 ? 168 CYS A HB2  1 
ATOM   760 H  HB3  . CYS A 1 87 ? -7.793  2.501   0.390   1.00 0.00 ? 168 CYS A HB3  1 
ATOM   761 N  N    . LYS A 1 88 ? -8.360  0.872   -3.538  1.00 0.00 ? 169 LYS A N    1 
ATOM   762 C  CA   . LYS A 1 88 ? -9.039  0.721   -4.826  1.00 0.00 ? 169 LYS A CA   1 
ATOM   763 C  C    . LYS A 1 88 ? -10.497 1.200   -4.792  1.00 0.00 ? 169 LYS A C    1 
ATOM   764 O  O    . LYS A 1 88 ? -11.090 1.556   -5.803  1.00 0.00 ? 169 LYS A O    1 
ATOM   765 C  CB   . LYS A 1 88 ? -8.859  -0.733  -5.268  1.00 0.00 ? 169 LYS A CB   1 
ATOM   766 C  CG   . LYS A 1 88 ? -9.890  -1.773  -4.794  1.00 0.00 ? 169 LYS A CG   1 
ATOM   767 C  CD   . LYS A 1 88 ? -10.190 -1.822  -3.286  1.00 0.00 ? 169 LYS A CD   1 
ATOM   768 C  CE   . LYS A 1 88 ? -10.341 -3.253  -2.753  1.00 0.00 ? 169 LYS A CE   1 
ATOM   769 N  NZ   . LYS A 1 88 ? -11.628 -3.832  -3.109  1.00 0.00 ? 169 LYS A NZ   1 
ATOM   770 H  H    . LYS A 1 88 ? -8.148  0.029   -3.044  1.00 0.00 ? 169 LYS A H    1 
ATOM   771 H  HA   . LYS A 1 88 ? -8.554  1.382   -5.543  1.00 0.00 ? 169 LYS A HA   1 
ATOM   772 H  HB2  . LYS A 1 88 ? -8.857  -0.743  -6.352  1.00 0.00 ? 169 LYS A HB2  1 
ATOM   773 H  HB3  . LYS A 1 88 ? -7.866  -1.049  -4.955  1.00 0.00 ? 169 LYS A HB3  1 
ATOM   774 H  HG2  . LYS A 1 88 ? -10.822 -1.627  -5.333  1.00 0.00 ? 169 LYS A HG2  1 
ATOM   775 H  HG3  . LYS A 1 88 ? -9.514  -2.742  -5.114  1.00 0.00 ? 169 LYS A HG3  1 
ATOM   776 H  HD2  . LYS A 1 88 ? -9.434  -1.294  -2.719  1.00 0.00 ? 169 LYS A HD2  1 
ATOM   777 H  HD3  . LYS A 1 88 ? -11.112 -1.285  -3.075  1.00 0.00 ? 169 LYS A HD3  1 
ATOM   778 H  HE2  . LYS A 1 88 ? -9.571  -3.918  -3.140  1.00 0.00 ? 169 LYS A HE2  1 
ATOM   779 H  HE3  . LYS A 1 88 ? -10.268 -3.264  -1.667  1.00 0.00 ? 169 LYS A HE3  1 
ATOM   780 H  HZ1  . LYS A 1 88 ? -11.711 -3.876  -4.145  1.00 0.00 ? 169 LYS A HZ1  1 
ATOM   781 H  HZ2  . LYS A 1 88 ? -11.700 -4.791  -2.713  1.00 0.00 ? 169 LYS A HZ2  1 
ATOM   782 H  HZ3  . LYS A 1 88 ? -12.390 -3.237  -2.726  1.00 0.00 ? 169 LYS A HZ3  1 
ATOM   783 N  N    . GLY A 1 89 ? -10.996 1.205   -3.545  1.00 0.00 ? 170 GLY A N    1 
ATOM   784 C  CA   . GLY A 1 89 ? -12.349 1.648   -3.242  1.00 0.00 ? 170 GLY A CA   1 
ATOM   785 C  C    . GLY A 1 89 ? -12.553 3.144   -3.547  1.00 0.00 ? 170 GLY A C    1 
ATOM   786 O  O    . GLY A 1 89 ? -13.646 3.569   -3.896  1.00 0.00 ? 170 GLY A O    1 
ATOM   787 H  H    . GLY A 1 89 ? -10.408 0.752   -2.876  1.00 0.00 ? 170 GLY A H    1 
ATOM   788 H  HA2  . GLY A 1 89 ? -13.041 1.041   -3.825  1.00 0.00 ? 170 GLY A HA2  1 
ATOM   789 H  HA3  . GLY A 1 89 ? -12.512 1.458   -2.182  1.00 0.00 ? 170 GLY A HA3  1 
ATOM   790 N  N    . CYS A 1 90 ? -11.442 3.909   -3.415  1.00 0.00 ? 171 CYS A N    1 
ATOM   791 C  CA   . CYS A 1 90 ? -11.466 5.343   -3.677  1.00 0.00 ? 171 CYS A CA   1 
ATOM   792 C  C    . CYS A 1 90 ? -11.752 5.639   -5.157  1.00 0.00 ? 171 CYS A C    1 
ATOM   793 O  O    . CYS A 1 90 ? -12.452 6.588   -5.485  1.00 0.00 ? 171 CYS A O    1 
ATOM   794 C  CB   . CYS A 1 90 ? -10.154 6.001   -3.218  1.00 0.00 ? 171 CYS A CB   1 
ATOM   795 S  SG   . CYS A 1 90 ? -10.328 6.826   -1.617  1.00 0.00 ? 171 CYS A SG   1 
ATOM   796 H  H    . CYS A 1 90 ? -10.587 3.528   -3.080  1.00 0.00 ? 171 CYS A H    1 
ATOM   797 H  HA   . CYS A 1 90 ? -12.279 5.757   -3.089  1.00 0.00 ? 171 CYS A HA   1 
ATOM   798 H  HB2  . CYS A 1 90 ? -9.344  5.276   -3.159  1.00 0.00 ? 171 CYS A HB2  1 
ATOM   799 H  HB3  . CYS A 1 90 ? -9.817  6.747   -3.936  1.00 0.00 ? 171 CYS A HB3  1 
ATOM   800 N  N    . TYR A 1 91 ? -11.171 4.770   -6.015  1.00 0.00 ? 172 TYR A N    1 
ATOM   801 C  CA   . TYR A 1 91 ? -11.338 4.915   -7.459  1.00 0.00 ? 172 TYR A CA   1 
ATOM   802 C  C    . TYR A 1 91 ? -12.667 4.296   -7.925  1.00 0.00 ? 172 TYR A C    1 
ATOM   803 O  O    . TYR A 1 91 ? -13.180 4.637   -8.983  1.00 0.00 ? 172 TYR A O    1 
ATOM   804 C  CB   . TYR A 1 91 ? -10.135 4.294   -8.180  1.00 0.00 ? 172 TYR A CB   1 
ATOM   805 C  CG   . TYR A 1 91 ? -8.857  4.973   -7.768  1.00 0.00 ? 172 TYR A CG   1 
ATOM   806 C  CD1  . TYR A 1 91 ? -8.196  4.560   -6.623  1.00 0.00 ? 172 TYR A CD1  1 
ATOM   807 C  CD2  . TYR A 1 91 ? -8.320  6.021   -8.508  1.00 0.00 ? 172 TYR A CD2  1 
ATOM   808 C  CE1  . TYR A 1 91 ? -7.028  5.174   -6.212  1.00 0.00 ? 172 TYR A CE1  1 
ATOM   809 C  CE2  . TYR A 1 91 ? -7.142  6.646   -8.110  1.00 0.00 ? 172 TYR A CE2  1 
ATOM   810 C  CZ   . TYR A 1 91 ? -6.483  6.232   -6.947  1.00 0.00 ? 172 TYR A CZ   1 
ATOM   811 O  OH   . TYR A 1 91 ? -5.296  6.845   -6.546  1.00 0.00 ? 172 TYR A OH   1 
ATOM   812 H  H    . TYR A 1 91 ? -10.619 4.008   -5.668  1.00 0.00 ? 172 TYR A H    1 
ATOM   813 H  HA   . TYR A 1 91 ? -11.367 5.981   -7.696  1.00 0.00 ? 172 TYR A HA   1 
ATOM   814 H  HB2  . TYR A 1 91 ? -10.065 3.229   -7.952  1.00 0.00 ? 172 TYR A HB2  1 
ATOM   815 H  HB3  . TYR A 1 91 ? -10.250 4.379   -9.261  1.00 0.00 ? 172 TYR A HB3  1 
ATOM   816 H  HD1  . TYR A 1 91 ? -8.588  3.742   -6.039  1.00 0.00 ? 172 TYR A HD1  1 
ATOM   817 H  HD2  . TYR A 1 91 ? -8.819  6.357   -9.405  1.00 0.00 ? 172 TYR A HD2  1 
ATOM   818 H  HE1  . TYR A 1 91 ? -6.605  4.742   -5.320  1.00 0.00 ? 172 TYR A HE1  1 
ATOM   819 H  HE2  . TYR A 1 91 ? -6.776  7.435   -8.758  1.00 0.00 ? 172 TYR A HE2  1 
ATOM   820 H  HH   . TYR A 1 91 ? -5.409  7.562   -5.921  1.00 0.00 ? 172 TYR A HH   1 
ATOM   821 N  N    . ALA A 1 92 ? -13.193 3.382   -7.074  1.00 0.00 ? 173 ALA A N    1 
ATOM   822 C  CA   . ALA A 1 92 ? -14.464 2.728   -7.371  1.00 0.00 ? 173 ALA A CA   1 
ATOM   823 C  C    . ALA A 1 92 ? -15.607 3.751   -7.234  1.00 0.00 ? 173 ALA A C    1 
ATOM   824 O  O    . ALA A 1 92 ? -16.538 3.786   -8.030  1.00 0.00 ? 173 ALA A O    1 
ATOM   825 C  CB   . ALA A 1 92 ? -14.663 1.541   -6.421  1.00 0.00 ? 173 ALA A CB   1 
ATOM   826 H  H    . ALA A 1 92 ? -12.715 3.137   -6.230  1.00 0.00 ? 173 ALA A H    1 
ATOM   827 H  HA   . ALA A 1 92 ? -14.432 2.369   -8.403  1.00 0.00 ? 173 ALA A HA   1 
ATOM   828 H  HB1  . ALA A 1 92 ? -15.576 0.996   -6.662  1.00 0.00 ? 173 ALA A HB1  1 
ATOM   829 H  HB2  . ALA A 1 92 ? -13.831 0.841   -6.496  1.00 0.00 ? 173 ALA A HB2  1 
ATOM   830 H  HB3  . ALA A 1 92 ? -14.733 1.863   -5.383  1.00 0.00 ? 173 ALA A HB3  1 
ATOM   831 N  N    . LYS A 1 93 ? -15.446 4.586   -6.181  1.00 0.00 ? 174 LYS A N    1 
ATOM   832 C  CA   . LYS A 1 93 ? -16.381 5.651   -5.866  1.00 0.00 ? 174 LYS A CA   1 
ATOM   833 C  C    . LYS A 1 93 ? -16.246 6.775   -6.905  1.00 0.00 ? 174 LYS A C    1 
ATOM   834 O  O    . LYS A 1 93 ? -17.226 7.297   -7.422  1.00 0.00 ? 174 LYS A O    1 
ATOM   835 C  CB   . LYS A 1 93 ? -16.078 6.186   -4.458  1.00 0.00 ? 174 LYS A CB   1 
ATOM   836 C  CG   . LYS A 1 93 ? -16.441 5.193   -3.344  1.00 0.00 ? 174 LYS A CG   1 
ATOM   837 C  CD   . LYS A 1 93 ? -16.156 5.737   -1.935  1.00 0.00 ? 174 LYS A CD   1 
ATOM   838 C  CE   . LYS A 1 93 ? -14.663 5.926   -1.642  1.00 0.00 ? 174 LYS A CE   1 
ATOM   839 N  NZ   . LYS A 1 93 ? -14.416 6.386   -0.282  1.00 0.00 ? 174 LYS A NZ   1 
ATOM   840 H  H    . LYS A 1 93 ? -14.698 4.463   -5.539  1.00 0.00 ? 174 LYS A H    1 
ATOM   841 H  HA   . LYS A 1 93 ? -17.381 5.231   -5.900  1.00 0.00 ? 174 LYS A HA   1 
ATOM   842 H  HB2  . LYS A 1 93 ? -15.022 6.447   -4.391  1.00 0.00 ? 174 LYS A HB2  1 
ATOM   843 H  HB3  . LYS A 1 93 ? -16.632 7.112   -4.294  1.00 0.00 ? 174 LYS A HB3  1 
ATOM   844 H  HG2  . LYS A 1 93 ? -17.503 4.958   -3.421  1.00 0.00 ? 174 LYS A HG2  1 
ATOM   845 H  HG3  . LYS A 1 93 ? -15.918 4.248   -3.482  1.00 0.00 ? 174 LYS A HG3  1 
ATOM   846 H  HD2  . LYS A 1 93 ? -16.678 6.684   -1.795  1.00 0.00 ? 174 LYS A HD2  1 
ATOM   847 H  HD3  . LYS A 1 93 ? -16.576 5.048   -1.202  1.00 0.00 ? 174 LYS A HD3  1 
ATOM   848 H  HE2  . LYS A 1 93 ? -14.123 4.989   -1.769  1.00 0.00 ? 174 LYS A HE2  1 
ATOM   849 H  HE3  . LYS A 1 93 ? -14.225 6.660   -2.318  1.00 0.00 ? 174 LYS A HE3  1 
ATOM   850 H  HZ1  . LYS A 1 93 ? -13.393 6.504   -0.137  1.00 0.00 ? 174 LYS A HZ1  1 
ATOM   851 H  HZ2  . LYS A 1 93 ? -14.895 7.297   -0.133  1.00 0.00 ? 174 LYS A HZ2  1 
ATOM   852 H  HZ3  . LYS A 1 93 ? -14.784 5.686   0.394   1.00 0.00 ? 174 LYS A HZ3  1 
ATOM   853 N  N    . ASN A 1 94 ? -14.958 7.094   -7.166  1.00 0.00 ? 175 ASN A N    1 
ATOM   854 C  CA   . ASN A 1 94 ? -14.593 8.133   -8.121  1.00 0.00 ? 175 ASN A CA   1 
ATOM   855 C  C    . ASN A 1 94 ? -14.578 7.523   -9.534  1.00 0.00 ? 175 ASN A C    1 
ATOM   856 O  O    . ASN A 1 94 ? -15.483 7.807   -10.318 1.00 0.00 ? 175 ASN A O    1 
ATOM   857 C  CB   . ASN A 1 94 ? -13.212 8.683   -7.723  1.00 0.00 ? 175 ASN A CB   1 
ATOM   858 C  CG   . ASN A 1 94 ? -12.796 9.881   -8.591  1.00 0.00 ? 175 ASN A CG   1 
ATOM   859 O  OD1  . ASN A 1 94 ? -13.302 10.986  -8.445  1.00 0.00 ? 175 ASN A OD1  1 
ATOM   860 N  ND2  . ASN A 1 94 ? -11.841 9.586   -9.493  1.00 0.00 ? 175 ASN A ND2  1 
ATOM   861 H  H    . ASN A 1 94 ? -14.230 6.598   -6.697  1.00 0.00 ? 175 ASN A H    1 
ATOM   862 H  HA   . ASN A 1 94 ? -15.339 8.930   -8.063  1.00 0.00 ? 175 ASN A HA   1 
ATOM   863 H  HB2  . ASN A 1 94 ? -13.232 9.011   -6.684  1.00 0.00 ? 175 ASN A HB2  1 
ATOM   864 H  HB3  . ASN A 1 94 ? -12.450 7.907   -7.795  1.00 0.00 ? 175 ASN A HB3  1 
ATOM   865 H  HD21 . ASN A 1 94 ? -11.469 8.660   -9.557  1.00 0.00 ? 175 ASN A HD21 1 
ATOM   866 H  HD22 . ASN A 1 94 ? -11.490 10.288  -10.112 1.00 0.00 ? 175 ASN A HD22 1 
HETATM 867 ZN ZN   . ZN  B 2 .  ? 5.440   -1.001  7.751   1.00 0.00 ? 1   ZN  A ZN   1 
HETATM 868 ZN ZN   . ZN  C 2 .  ? -9.279  5.479   -0.089  1.00 0.00 ? 2   ZN  A ZN   1 
# 
